data_8CP5
#
_entry.id   8CP5
#
_cell.length_a   243.681
_cell.length_b   243.681
_cell.length_c   126.298
_cell.angle_alpha   90.00
_cell.angle_beta   90.00
_cell.angle_gamma   120.00
#
_symmetry.space_group_name_H-M   'H 3'
#
loop_
_entity.id
_entity.type
_entity.pdbx_description
1 polymer 'FAD-binding protein'
2 non-polymer 'FLAVIN-ADENINE DINUCLEOTIDE'
3 non-polymer 'SULFATE ION'
4 non-polymer GLYCEROL
5 non-polymer 'NADP NICOTINAMIDE-ADENINE-DINUCLEOTIDE PHOSPHATE'
6 non-polymer DI(HYDROXYETHYL)ETHER
7 water water
#
_entity_poly.entity_id   1
_entity_poly.type   'polypeptide(L)'
_entity_poly.pdbx_seq_one_letter_code
;MPLSVAVVGAGPRGTSVLERLCASAPELLAPGVRLTVHVVDPAPPGPGRVWRTAQSEDLLMNTVASQVTLFTDESVNCSG
PILAGPSLHEWADGAIGPDDYPTRALYGRYLEWVFARTLRHAPPSVRVETHRARAVRLDDAADGRQHLALDNGRTLTGLS
AVVLAQGHLPVRPSAAVLRDTEHADRHALRHIPPANPADVDLTVISPGEPVLLRGLGLNFFDHMALLTTGRGGTYVREDG
VLRYVPSGREPRVYAGSRRGLPYQARGDNAKGPYGRHLPEVLTPEAVSAFRKRADSGEAPDFLRDIWPLVAKEVETVYYT
ALVRHPDFAPRYLSLPYGDPQEAELLAEFGVDADARWDWERVSRPYAQREFAHRGEWRQWLLGYLRADAAEALRGNVDGP
LKAALDVLRDLRNELRLVVDHRGLRGDSRRDHLDRWYTPLNAFLSIGPPRRRIEELTALLEAGVVEVLGPRLEVTREDGA
WLARSPDVPGSAVRVTTLIEARLPEPDLGQTADALLAHLRETGQCRAHVVDGYTTGGIDVSARPYHLVDREGVAHPRRFA
FGVPTEGVHWVTAAGARPGVDSVTLSDADAVARAVLRVAGQ
;
_entity_poly.pdbx_strand_id   A,B
#
loop_
_chem_comp.id
_chem_comp.type
_chem_comp.name
_chem_comp.formula
FAD non-polymer 'FLAVIN-ADENINE DINUCLEOTIDE' 'C27 H33 N9 O15 P2'
GOL non-polymer GLYCEROL 'C3 H8 O3'
NAP non-polymer 'NADP NICOTINAMIDE-ADENINE-DINUCLEOTIDE PHOSPHATE' 'C21 H28 N7 O17 P3'
PEG non-polymer DI(HYDROXYETHYL)ETHER 'C4 H10 O3'
SO4 non-polymer 'SULFATE ION' 'O4 S -2'
#
# COMPACT_ATOMS: atom_id res chain seq x y z
N PRO A 2 -11.57 9.90 -45.18
CA PRO A 2 -11.46 10.33 -43.75
C PRO A 2 -10.01 10.45 -43.24
N LEU A 3 -9.68 11.47 -42.42
CA LEU A 3 -8.32 11.65 -41.82
C LEU A 3 -7.90 10.37 -41.07
N SER A 4 -6.62 10.04 -41.14
CA SER A 4 -6.07 8.71 -40.75
C SER A 4 -4.60 8.87 -40.27
N VAL A 5 -4.24 8.31 -39.13
CA VAL A 5 -2.82 8.14 -38.68
C VAL A 5 -2.65 6.71 -38.16
N ALA A 6 -1.42 6.28 -38.00
CA ALA A 6 -1.08 4.95 -37.46
C ALA A 6 -0.02 5.07 -36.36
N VAL A 7 -0.18 4.23 -35.35
CA VAL A 7 0.83 3.96 -34.31
C VAL A 7 1.24 2.50 -34.47
N VAL A 8 2.52 2.28 -34.76
CA VAL A 8 3.18 0.97 -34.91
C VAL A 8 3.83 0.63 -33.57
N GLY A 9 3.32 -0.40 -32.90
CA GLY A 9 3.64 -0.71 -31.50
C GLY A 9 2.50 -0.24 -30.62
N ALA A 10 2.01 -1.14 -29.77
CA ALA A 10 0.94 -0.90 -28.77
C ALA A 10 1.43 -1.40 -27.41
N GLY A 11 2.74 -1.30 -27.18
CA GLY A 11 3.31 -1.39 -25.83
C GLY A 11 3.05 -0.11 -25.06
N PRO A 12 3.75 0.08 -23.92
CA PRO A 12 3.53 1.26 -23.09
C PRO A 12 3.70 2.56 -23.90
N ARG A 13 4.67 2.64 -24.82
CA ARG A 13 4.95 3.93 -25.51
C ARG A 13 3.84 4.21 -26.53
N GLY A 14 3.45 3.24 -27.35
CA GLY A 14 2.38 3.46 -28.34
C GLY A 14 1.07 3.71 -27.63
N THR A 15 0.87 3.02 -26.50
CA THR A 15 -0.36 3.18 -25.70
C THR A 15 -0.39 4.63 -25.20
N SER A 16 0.75 5.17 -24.74
CA SER A 16 0.87 6.55 -24.24
C SER A 16 0.68 7.54 -25.39
N VAL A 17 1.24 7.28 -26.56
CA VAL A 17 0.95 8.17 -27.73
C VAL A 17 -0.59 8.19 -27.93
N LEU A 18 -1.25 7.03 -27.86
CA LEU A 18 -2.71 6.95 -28.12
C LEU A 18 -3.43 7.80 -27.07
N GLU A 19 -2.99 7.70 -25.81
CA GLU A 19 -3.68 8.39 -24.70
C GLU A 19 -3.50 9.91 -24.86
N ARG A 20 -2.36 10.38 -25.39
CA ARG A 20 -2.02 11.82 -25.52
C ARG A 20 -2.69 12.38 -26.78
N LEU A 21 -2.81 11.56 -27.85
CA LEU A 21 -3.64 11.91 -29.05
C LEU A 21 -5.07 12.22 -28.59
N CYS A 22 -5.67 11.30 -27.84
CA CYS A 22 -7.06 11.41 -27.33
C CYS A 22 -7.15 12.70 -26.50
N ALA A 23 -6.11 13.04 -25.72
CA ALA A 23 -6.12 14.18 -24.79
C ALA A 23 -6.17 15.51 -25.54
N SER A 24 -5.38 15.67 -26.62
CA SER A 24 -5.15 16.96 -27.32
C SER A 24 -6.02 17.07 -28.58
N ALA A 25 -6.70 16.02 -29.02
CA ALA A 25 -7.59 16.07 -30.22
C ALA A 25 -8.75 17.06 -30.02
N PRO A 26 -9.34 17.23 -28.81
CA PRO A 26 -10.29 18.32 -28.61
C PRO A 26 -9.71 19.66 -29.05
N GLU A 27 -8.51 20.01 -28.61
CA GLU A 27 -7.84 21.30 -28.89
C GLU A 27 -7.42 21.39 -30.36
N LEU A 28 -6.85 20.35 -31.00
CA LEU A 28 -6.03 20.56 -32.23
C LEU A 28 -6.75 20.08 -33.50
N LEU A 29 -7.92 19.45 -33.41
CA LEU A 29 -8.74 19.11 -34.61
C LEU A 29 -9.88 20.11 -34.71
N ALA A 30 -10.04 20.77 -35.84
CA ALA A 30 -11.16 21.70 -36.11
C ALA A 30 -12.47 20.95 -35.82
N PRO A 31 -13.56 21.63 -35.39
CA PRO A 31 -14.78 20.93 -34.99
C PRO A 31 -15.36 20.14 -36.18
N GLY A 32 -15.96 18.96 -35.91
CA GLY A 32 -16.58 18.10 -36.93
C GLY A 32 -15.61 17.16 -37.63
N VAL A 33 -14.29 17.34 -37.44
CA VAL A 33 -13.19 16.50 -38.01
C VAL A 33 -13.13 15.17 -37.23
N ARG A 34 -13.26 14.02 -37.89
CA ARG A 34 -13.10 12.66 -37.30
C ARG A 34 -11.73 12.10 -37.73
N LEU A 35 -10.86 11.80 -36.78
CA LEU A 35 -9.55 11.15 -37.02
C LEU A 35 -9.64 9.67 -36.67
N THR A 36 -9.32 8.79 -37.61
CA THR A 36 -9.11 7.35 -37.30
C THR A 36 -7.68 7.14 -36.83
N VAL A 37 -7.47 6.64 -35.61
CA VAL A 37 -6.10 6.19 -35.19
C VAL A 37 -6.02 4.67 -35.37
N HIS A 38 -5.22 4.19 -36.32
CA HIS A 38 -4.90 2.76 -36.51
C HIS A 38 -3.81 2.36 -35.52
N VAL A 39 -4.07 1.43 -34.62
CA VAL A 39 -3.04 0.91 -33.67
C VAL A 39 -2.65 -0.48 -34.17
N VAL A 40 -1.37 -0.72 -34.38
CA VAL A 40 -0.87 -1.96 -35.04
C VAL A 40 0.10 -2.59 -34.08
N ASP A 41 -0.13 -3.88 -33.75
CA ASP A 41 0.77 -4.73 -32.93
C ASP A 41 0.33 -6.19 -33.09
N PRO A 42 1.25 -7.15 -33.34
CA PRO A 42 0.91 -8.58 -33.34
C PRO A 42 0.45 -9.14 -31.98
N ALA A 43 0.82 -8.47 -30.88
CA ALA A 43 0.46 -8.79 -29.50
C ALA A 43 -0.76 -7.96 -29.11
N PRO A 44 -1.58 -8.44 -28.15
CA PRO A 44 -2.73 -7.67 -27.68
C PRO A 44 -2.29 -6.29 -27.20
N PRO A 45 -3.02 -5.23 -27.59
CA PRO A 45 -2.58 -3.86 -27.40
C PRO A 45 -2.63 -3.40 -25.94
N GLY A 46 -1.68 -2.57 -25.54
CA GLY A 46 -1.55 -1.99 -24.18
C GLY A 46 -0.29 -2.54 -23.54
N PRO A 47 -0.23 -3.85 -23.24
CA PRO A 47 1.00 -4.47 -22.78
C PRO A 47 2.04 -4.66 -23.90
N GLY A 48 1.58 -4.90 -25.12
CA GLY A 48 2.41 -5.48 -26.21
C GLY A 48 3.10 -6.79 -25.83
N ARG A 49 4.17 -7.14 -26.55
CA ARG A 49 4.97 -8.39 -26.37
CA ARG A 49 4.90 -8.42 -26.34
C ARG A 49 5.53 -8.46 -24.94
N VAL A 50 6.31 -7.46 -24.52
CA VAL A 50 7.11 -7.57 -23.26
C VAL A 50 6.20 -7.80 -22.04
N TRP A 51 5.02 -7.19 -22.00
CA TRP A 51 4.21 -7.09 -20.76
C TRP A 51 2.97 -7.97 -20.84
N ARG A 52 2.87 -8.84 -21.85
CA ARG A 52 1.66 -9.64 -22.17
C ARG A 52 1.22 -10.39 -20.92
N THR A 53 -0.08 -10.53 -20.71
CA THR A 53 -0.61 -11.12 -19.46
C THR A 53 -0.43 -12.64 -19.45
N ALA A 54 -0.38 -13.29 -20.60
CA ALA A 54 -0.14 -14.75 -20.72
C ALA A 54 1.24 -15.20 -20.18
N GLN A 55 2.24 -14.34 -19.94
CA GLN A 55 3.59 -14.84 -19.57
C GLN A 55 3.62 -15.44 -18.15
N SER A 56 4.68 -16.18 -17.83
CA SER A 56 4.90 -16.79 -16.48
C SER A 56 4.86 -15.70 -15.40
N GLU A 57 4.19 -16.00 -14.27
CA GLU A 57 4.09 -15.13 -13.07
C GLU A 57 5.41 -15.12 -12.27
N ASP A 58 6.45 -15.87 -12.63
CA ASP A 58 7.67 -15.88 -11.80
C ASP A 58 8.54 -14.66 -12.14
N LEU A 59 8.21 -13.94 -13.23
CA LEU A 59 9.05 -12.84 -13.76
C LEU A 59 8.57 -11.50 -13.19
N LEU A 60 9.52 -10.75 -12.62
CA LEU A 60 9.29 -9.47 -11.90
C LEU A 60 9.71 -8.28 -12.76
N MET A 61 9.18 -7.09 -12.43
CA MET A 61 9.78 -5.76 -12.71
C MET A 61 10.91 -5.48 -11.72
N ASN A 62 11.79 -4.54 -12.00
CA ASN A 62 12.87 -4.10 -11.08
C ASN A 62 12.55 -2.67 -10.63
N THR A 63 11.32 -2.22 -10.87
CA THR A 63 10.74 -0.97 -10.34
C THR A 63 9.70 -1.32 -9.28
N VAL A 64 9.65 -0.58 -8.20
CA VAL A 64 8.56 -0.73 -7.20
C VAL A 64 7.25 -0.18 -7.78
N ALA A 65 6.12 -0.70 -7.28
CA ALA A 65 4.78 -0.62 -7.92
C ALA A 65 4.24 0.81 -7.86
N SER A 66 4.62 1.59 -6.86
CA SER A 66 4.18 2.98 -6.67
C SER A 66 4.84 3.90 -7.68
N GLN A 67 5.96 3.45 -8.29
CA GLN A 67 6.76 4.26 -9.25
C GLN A 67 6.51 3.87 -10.72
N VAL A 68 5.41 3.19 -11.01
CA VAL A 68 5.04 2.77 -12.39
C VAL A 68 3.69 3.37 -12.74
N THR A 69 3.59 4.16 -13.82
CA THR A 69 2.31 4.71 -14.33
C THR A 69 2.34 4.81 -15.87
N LEU A 70 1.19 5.08 -16.46
CA LEU A 70 1.08 5.49 -17.88
C LEU A 70 0.24 6.77 -17.98
N PHE A 71 0.13 7.52 -16.89
CA PHE A 71 -0.74 8.72 -16.80
C PHE A 71 0.14 9.93 -16.52
N THR A 72 -0.19 11.04 -17.17
CA THR A 72 0.38 12.37 -16.88
C THR A 72 -0.08 12.70 -15.47
N ASP A 73 0.64 13.59 -14.81
CA ASP A 73 0.26 14.27 -13.55
C ASP A 73 0.74 15.73 -13.57
N GLU A 74 0.38 16.51 -12.55
CA GLU A 74 0.60 17.99 -12.56
C GLU A 74 2.11 18.28 -12.63
N SER A 75 2.99 17.32 -12.43
CA SER A 75 4.44 17.59 -12.43
C SER A 75 4.99 17.51 -13.84
N VAL A 76 4.21 17.03 -14.82
CA VAL A 76 4.72 16.78 -16.19
C VAL A 76 4.64 18.07 -16.99
N ASN A 77 5.78 18.55 -17.45
CA ASN A 77 5.92 19.80 -18.22
C ASN A 77 5.74 19.47 -19.71
N CYS A 78 4.52 19.61 -20.21
CA CYS A 78 4.12 19.27 -21.59
C CYS A 78 3.01 20.22 -22.04
N SER A 79 2.72 20.37 -23.32
CA SER A 79 1.66 21.30 -23.77
C SER A 79 0.27 20.66 -23.67
N GLY A 80 0.14 19.33 -23.72
CA GLY A 80 -1.18 18.69 -23.71
C GLY A 80 -1.83 18.79 -22.33
N PRO A 81 -3.16 18.53 -22.23
CA PRO A 81 -3.86 18.62 -20.94
C PRO A 81 -3.46 17.42 -20.06
N ILE A 82 -3.25 17.67 -18.77
CA ILE A 82 -3.01 16.65 -17.72
C ILE A 82 -4.30 15.89 -17.46
N LEU A 83 -4.31 14.57 -17.62
CA LEU A 83 -5.45 13.64 -17.40
C LEU A 83 -4.97 12.55 -16.43
N ALA A 84 -5.28 12.77 -15.15
CA ALA A 84 -4.74 12.05 -13.97
C ALA A 84 -5.34 10.65 -13.97
N GLY A 85 -4.54 9.65 -13.59
CA GLY A 85 -5.00 8.24 -13.55
C GLY A 85 -4.22 7.46 -12.51
N PRO A 86 -4.65 6.23 -12.21
CA PRO A 86 -4.03 5.49 -11.12
C PRO A 86 -2.66 5.02 -11.56
N SER A 87 -1.68 5.10 -10.67
CA SER A 87 -0.41 4.37 -10.75
C SER A 87 -0.71 2.85 -10.74
N LEU A 88 0.31 2.02 -10.99
CA LEU A 88 0.18 0.54 -10.97
C LEU A 88 -0.31 0.16 -9.58
N HIS A 89 0.34 0.71 -8.56
CA HIS A 89 0.06 0.39 -7.14
C HIS A 89 -1.41 0.68 -6.85
N GLU A 90 -1.84 1.89 -7.17
CA GLU A 90 -3.22 2.38 -6.88
C GLU A 90 -4.25 1.51 -7.58
N TRP A 91 -3.98 1.11 -8.80
CA TRP A 91 -4.95 0.34 -9.58
C TRP A 91 -5.00 -1.10 -9.05
N ALA A 92 -3.88 -1.61 -8.57
CA ALA A 92 -3.72 -3.06 -8.27
C ALA A 92 -4.53 -3.44 -7.01
N ASP A 93 -5.06 -2.43 -6.32
CA ASP A 93 -6.09 -2.53 -5.25
C ASP A 93 -5.63 -3.52 -4.20
N GLY A 94 -4.41 -3.37 -3.68
CA GLY A 94 -3.83 -4.17 -2.58
C GLY A 94 -3.09 -5.41 -3.06
N ALA A 95 -3.17 -5.75 -4.34
CA ALA A 95 -2.46 -6.93 -4.90
C ALA A 95 -0.94 -6.84 -4.70
N ILE A 96 -0.36 -5.65 -4.52
CA ILE A 96 1.12 -5.44 -4.43
C ILE A 96 1.36 -4.22 -3.57
N GLY A 97 2.42 -4.22 -2.78
CA GLY A 97 2.78 -3.08 -1.90
C GLY A 97 3.55 -2.00 -2.65
N PRO A 98 3.59 -0.78 -2.10
CA PRO A 98 4.12 0.37 -2.84
C PRO A 98 5.63 0.29 -3.10
N ASP A 99 6.37 -0.40 -2.22
CA ASP A 99 7.85 -0.55 -2.31
C ASP A 99 8.18 -2.00 -2.66
N ASP A 100 7.24 -2.75 -3.24
CA ASP A 100 7.42 -4.16 -3.68
C ASP A 100 7.43 -4.23 -5.23
N TYR A 101 8.03 -5.30 -5.76
CA TYR A 101 8.22 -5.46 -7.20
C TYR A 101 7.07 -6.27 -7.78
N PRO A 102 6.22 -5.64 -8.63
CA PRO A 102 5.16 -6.36 -9.29
C PRO A 102 5.69 -7.36 -10.30
N THR A 103 4.89 -8.38 -10.60
CA THR A 103 5.15 -9.34 -11.69
C THR A 103 4.92 -8.58 -13.01
N ARG A 104 5.58 -9.01 -14.07
CA ARG A 104 5.44 -8.35 -15.38
C ARG A 104 4.00 -8.52 -15.86
N ALA A 105 3.37 -9.66 -15.56
CA ALA A 105 1.99 -9.91 -16.01
C ALA A 105 1.03 -8.96 -15.28
N LEU A 106 1.34 -8.56 -14.03
CA LEU A 106 0.47 -7.58 -13.29
C LEU A 106 0.56 -6.23 -14.00
N TYR A 107 1.75 -5.82 -14.44
CA TYR A 107 1.95 -4.57 -15.22
C TYR A 107 1.17 -4.74 -16.54
N GLY A 108 1.23 -5.93 -17.14
CA GLY A 108 0.39 -6.26 -18.32
C GLY A 108 -1.08 -6.02 -18.04
N ARG A 109 -1.58 -6.48 -16.90
CA ARG A 109 -3.04 -6.42 -16.66
C ARG A 109 -3.38 -4.93 -16.51
N TYR A 110 -2.47 -4.16 -15.94
CA TYR A 110 -2.61 -2.69 -15.82
C TYR A 110 -2.66 -2.10 -17.23
N LEU A 111 -1.66 -2.43 -18.05
CA LEU A 111 -1.54 -1.83 -19.39
C LEU A 111 -2.78 -2.20 -20.22
N GLU A 112 -3.26 -3.43 -20.07
CA GLU A 112 -4.48 -3.91 -20.78
C GLU A 112 -5.65 -2.95 -20.46
N TRP A 113 -5.82 -2.70 -19.17
CA TRP A 113 -6.90 -1.83 -18.62
C TRP A 113 -6.74 -0.36 -19.12
N VAL A 114 -5.51 0.14 -19.21
CA VAL A 114 -5.24 1.54 -19.63
C VAL A 114 -5.58 1.67 -21.11
N PHE A 115 -5.29 0.65 -21.90
CA PHE A 115 -5.69 0.67 -23.32
C PHE A 115 -7.23 0.76 -23.44
N ALA A 116 -7.94 -0.11 -22.72
CA ALA A 116 -9.41 -0.24 -22.82
C ALA A 116 -10.06 1.06 -22.35
N ARG A 117 -9.56 1.60 -21.25
CA ARG A 117 -10.02 2.89 -20.69
C ARG A 117 -9.81 4.02 -21.70
N THR A 118 -8.65 4.04 -22.36
CA THR A 118 -8.29 5.11 -23.30
C THR A 118 -9.33 5.12 -24.41
N LEU A 119 -9.70 3.94 -24.94
CA LEU A 119 -10.79 3.78 -25.96
C LEU A 119 -12.12 4.32 -25.39
N ARG A 120 -12.52 3.88 -24.19
CA ARG A 120 -13.81 4.30 -23.57
C ARG A 120 -13.82 5.83 -23.42
N HIS A 121 -12.72 6.49 -23.05
CA HIS A 121 -12.64 7.96 -22.82
C HIS A 121 -12.30 8.72 -24.12
N ALA A 122 -12.12 8.06 -25.27
CA ALA A 122 -11.72 8.77 -26.52
C ALA A 122 -12.78 9.80 -26.87
N PRO A 123 -12.43 11.04 -27.27
CA PRO A 123 -13.43 12.02 -27.61
C PRO A 123 -14.14 11.63 -28.90
N PRO A 124 -15.22 12.34 -29.25
CA PRO A 124 -16.00 11.97 -30.44
C PRO A 124 -15.17 12.15 -31.72
N SER A 125 -14.18 13.05 -31.70
CA SER A 125 -13.30 13.36 -32.86
C SER A 125 -12.30 12.23 -33.14
N VAL A 126 -12.22 11.15 -32.34
CA VAL A 126 -11.20 10.08 -32.53
C VAL A 126 -11.88 8.72 -32.56
N ARG A 127 -11.61 7.95 -33.61
CA ARG A 127 -12.06 6.55 -33.80
C ARG A 127 -10.81 5.66 -33.81
N VAL A 128 -10.70 4.69 -32.91
CA VAL A 128 -9.49 3.83 -32.80
C VAL A 128 -9.73 2.53 -33.53
N GLU A 129 -8.82 2.10 -34.38
CA GLU A 129 -8.99 0.79 -35.07
C GLU A 129 -7.71 -0.01 -34.78
N THR A 130 -7.86 -1.14 -34.09
CA THR A 130 -6.74 -2.02 -33.68
C THR A 130 -6.53 -2.99 -34.82
N HIS A 131 -5.32 -3.54 -34.95
CA HIS A 131 -4.90 -4.45 -36.04
C HIS A 131 -3.94 -5.47 -35.42
N ARG A 132 -4.37 -6.71 -35.31
CA ARG A 132 -3.54 -7.80 -34.74
C ARG A 132 -2.67 -8.27 -35.89
N ALA A 133 -1.60 -7.53 -36.15
CA ALA A 133 -0.67 -7.74 -37.28
C ALA A 133 0.67 -7.03 -37.01
N ARG A 134 1.69 -7.40 -37.77
CA ARG A 134 3.03 -6.75 -37.82
C ARG A 134 2.98 -5.83 -39.06
N ALA A 135 3.29 -4.55 -38.92
CA ALA A 135 3.59 -3.65 -40.03
C ALA A 135 4.96 -4.05 -40.63
N VAL A 136 5.06 -4.18 -41.96
CA VAL A 136 6.25 -4.78 -42.62
C VAL A 136 6.86 -3.80 -43.63
N ARG A 137 6.11 -2.84 -44.16
CA ARG A 137 6.63 -1.80 -45.10
C ARG A 137 5.99 -0.45 -44.77
N LEU A 138 6.76 0.64 -44.85
CA LEU A 138 6.28 2.05 -44.85
C LEU A 138 6.84 2.78 -46.08
N ASP A 139 5.99 3.40 -46.88
CA ASP A 139 6.44 4.12 -48.10
C ASP A 139 5.69 5.45 -48.20
N ASP A 140 6.30 6.44 -48.86
CA ASP A 140 5.58 7.66 -49.31
C ASP A 140 4.68 7.26 -50.47
N ALA A 141 3.40 7.57 -50.38
CA ALA A 141 2.48 7.63 -51.54
C ALA A 141 2.91 8.81 -52.43
N ALA A 142 2.43 8.83 -53.66
CA ALA A 142 2.77 9.87 -54.65
C ALA A 142 2.48 11.29 -54.12
N ASP A 143 1.41 11.52 -53.34
CA ASP A 143 1.06 12.86 -52.76
C ASP A 143 1.81 13.17 -51.43
N GLY A 144 2.64 12.28 -50.91
CA GLY A 144 3.37 12.56 -49.65
C GLY A 144 2.67 11.98 -48.41
N ARG A 145 1.43 11.51 -48.51
CA ARG A 145 0.79 10.75 -47.39
C ARG A 145 1.42 9.35 -47.35
N GLN A 146 1.14 8.57 -46.29
CA GLN A 146 1.92 7.33 -45.96
C GLN A 146 1.08 6.07 -46.25
N HIS A 147 1.72 5.04 -46.85
CA HIS A 147 1.23 3.66 -47.08
C HIS A 147 2.00 2.81 -46.08
N LEU A 148 1.28 2.08 -45.25
CA LEU A 148 1.84 1.08 -44.31
C LEU A 148 1.23 -0.27 -44.69
N ALA A 149 2.06 -1.23 -45.05
CA ALA A 149 1.61 -2.60 -45.40
C ALA A 149 1.74 -3.50 -44.16
N LEU A 150 0.63 -4.19 -43.84
CA LEU A 150 0.56 -5.17 -42.70
C LEU A 150 0.83 -6.59 -43.20
N ASP A 151 1.33 -7.48 -42.34
CA ASP A 151 1.70 -8.88 -42.69
C ASP A 151 0.45 -9.73 -42.92
N ASN A 152 -0.73 -9.24 -42.55
CA ASN A 152 -2.00 -9.99 -42.76
C ASN A 152 -2.60 -9.62 -44.13
N GLY A 153 -1.82 -9.04 -45.04
CA GLY A 153 -2.28 -8.70 -46.41
C GLY A 153 -3.01 -7.36 -46.50
N ARG A 154 -3.49 -6.78 -45.40
CA ARG A 154 -4.10 -5.42 -45.43
C ARG A 154 -3.01 -4.35 -45.63
N THR A 155 -3.35 -3.29 -46.36
CA THR A 155 -2.54 -2.04 -46.51
C THR A 155 -3.37 -0.84 -46.04
N LEU A 156 -2.78 0.00 -45.20
CA LEU A 156 -3.38 1.27 -44.71
C LEU A 156 -2.85 2.41 -45.59
N THR A 157 -3.74 3.15 -46.27
CA THR A 157 -3.39 4.20 -47.26
C THR A 157 -3.93 5.58 -46.82
N GLY A 158 -3.30 6.66 -47.28
CA GLY A 158 -3.80 8.02 -47.02
C GLY A 158 -3.50 8.42 -45.60
N LEU A 159 -2.41 7.89 -45.06
CA LEU A 159 -2.02 8.15 -43.65
C LEU A 159 -1.32 9.51 -43.58
N SER A 160 -1.83 10.42 -42.76
CA SER A 160 -1.22 11.74 -42.46
C SER A 160 0.09 11.58 -41.67
N ALA A 161 0.20 10.54 -40.85
CA ALA A 161 1.38 10.41 -39.99
C ALA A 161 1.48 8.97 -39.52
N VAL A 162 2.71 8.58 -39.20
CA VAL A 162 3.02 7.24 -38.67
C VAL A 162 4.00 7.44 -37.52
N VAL A 163 3.64 6.88 -36.37
CA VAL A 163 4.52 6.84 -35.18
C VAL A 163 5.05 5.41 -35.05
N LEU A 164 6.37 5.29 -34.93
CA LEU A 164 7.12 4.04 -34.72
C LEU A 164 7.52 4.03 -33.25
N ALA A 165 6.79 3.24 -32.46
CA ALA A 165 7.07 2.93 -31.04
C ALA A 165 7.27 1.41 -30.92
N GLN A 166 8.38 0.94 -31.48
CA GLN A 166 8.59 -0.49 -31.82
C GLN A 166 9.35 -1.20 -30.71
N GLY A 167 9.97 -0.47 -29.80
CA GLY A 167 10.59 -1.04 -28.59
C GLY A 167 11.64 -2.09 -28.88
N HIS A 168 11.61 -3.18 -28.11
CA HIS A 168 12.67 -4.22 -28.07
C HIS A 168 12.58 -5.08 -29.32
N LEU A 169 13.17 -4.68 -30.43
CA LEU A 169 13.04 -5.44 -31.70
C LEU A 169 14.03 -6.59 -31.70
N PRO A 170 13.74 -7.64 -32.49
CA PRO A 170 14.68 -8.72 -32.69
C PRO A 170 15.87 -8.23 -33.54
N VAL A 171 17.03 -8.83 -33.34
CA VAL A 171 18.31 -8.47 -33.98
C VAL A 171 18.91 -9.74 -34.57
N ARG A 172 19.59 -9.64 -35.71
CA ARG A 172 20.27 -10.82 -36.27
C ARG A 172 21.24 -11.37 -35.25
N PRO A 173 21.30 -12.70 -35.15
CA PRO A 173 22.30 -13.34 -34.31
C PRO A 173 23.68 -12.84 -34.74
N SER A 174 24.57 -12.51 -33.78
CA SER A 174 26.00 -12.14 -33.97
C SER A 174 26.80 -13.29 -34.60
N ALA A 175 28.08 -13.06 -34.86
CA ALA A 175 28.97 -14.07 -35.43
C ALA A 175 29.18 -15.18 -34.39
N ALA A 176 29.53 -14.80 -33.15
CA ALA A 176 29.69 -15.69 -31.98
C ALA A 176 28.42 -16.54 -31.78
N VAL A 177 27.25 -15.92 -31.75
CA VAL A 177 25.98 -16.64 -31.49
C VAL A 177 25.70 -17.59 -32.66
N LEU A 178 26.14 -17.26 -33.87
CA LEU A 178 25.88 -18.12 -35.05
C LEU A 178 26.75 -19.40 -34.96
N ARG A 179 28.04 -19.25 -34.62
CA ARG A 179 28.98 -20.37 -34.32
C ARG A 179 28.38 -21.25 -33.22
N ASP A 180 28.02 -20.67 -32.08
CA ASP A 180 27.56 -21.46 -30.89
C ASP A 180 26.25 -22.18 -31.30
N THR A 181 25.42 -21.64 -32.20
CA THR A 181 24.14 -22.33 -32.61
C THR A 181 24.41 -23.49 -33.58
N GLU A 182 25.35 -23.34 -34.51
CA GLU A 182 25.83 -24.41 -35.42
C GLU A 182 26.34 -25.57 -34.56
N HIS A 183 27.22 -25.27 -33.60
CA HIS A 183 27.82 -26.23 -32.63
C HIS A 183 26.72 -27.03 -31.92
N ALA A 184 25.61 -26.41 -31.59
CA ALA A 184 24.49 -27.09 -30.91
C ALA A 184 23.81 -28.03 -31.89
N ASP A 185 23.67 -27.58 -33.14
CA ASP A 185 23.10 -28.37 -34.26
C ASP A 185 24.00 -29.60 -34.50
N ARG A 186 25.31 -29.42 -34.71
CA ARG A 186 26.27 -30.52 -34.95
C ARG A 186 26.23 -31.54 -33.81
N HIS A 187 26.11 -31.18 -32.53
CA HIS A 187 26.18 -32.19 -31.43
C HIS A 187 24.89 -32.30 -30.61
N ALA A 188 23.72 -32.02 -31.17
CA ALA A 188 22.42 -32.04 -30.43
C ALA A 188 22.57 -31.42 -29.03
N LEU A 189 22.91 -30.12 -28.93
CA LEU A 189 22.91 -29.32 -27.67
C LEU A 189 21.81 -28.25 -27.75
N ARG A 190 21.53 -27.54 -26.65
CA ARG A 190 20.58 -26.41 -26.63
C ARG A 190 21.42 -25.12 -26.55
N HIS A 191 21.32 -24.28 -27.60
CA HIS A 191 21.82 -22.90 -27.55
C HIS A 191 20.62 -21.97 -27.52
N ILE A 192 20.58 -21.05 -26.55
CA ILE A 192 19.47 -20.06 -26.45
C ILE A 192 20.06 -18.66 -26.61
N PRO A 193 19.84 -18.04 -27.79
CA PRO A 193 20.41 -16.73 -28.07
C PRO A 193 19.70 -15.59 -27.35
N PRO A 194 20.28 -14.38 -27.38
CA PRO A 194 19.71 -13.25 -26.63
C PRO A 194 18.20 -13.14 -26.87
N ALA A 195 17.48 -12.88 -25.78
CA ALA A 195 16.00 -12.83 -25.82
C ALA A 195 15.46 -12.37 -24.48
N ASN A 196 14.21 -11.90 -24.49
CA ASN A 196 13.45 -11.75 -23.23
C ASN A 196 13.33 -13.15 -22.62
N PRO A 197 13.77 -13.41 -21.38
CA PRO A 197 13.64 -14.76 -20.80
C PRO A 197 12.22 -15.31 -20.88
N ALA A 198 11.21 -14.46 -20.78
CA ALA A 198 9.78 -14.83 -20.92
C ALA A 198 9.52 -15.47 -22.29
N ASP A 199 10.38 -15.31 -23.29
CA ASP A 199 10.07 -15.70 -24.69
C ASP A 199 10.73 -17.04 -25.02
N VAL A 200 11.54 -17.57 -24.11
CA VAL A 200 12.37 -18.78 -24.33
C VAL A 200 11.61 -20.01 -23.82
N ASP A 201 11.80 -21.17 -24.44
CA ASP A 201 11.25 -22.46 -23.95
C ASP A 201 12.34 -23.20 -23.15
N LEU A 202 12.27 -23.14 -21.82
CA LEU A 202 13.26 -23.77 -20.92
C LEU A 202 12.83 -25.21 -20.59
N THR A 203 11.67 -25.66 -21.05
CA THR A 203 11.14 -27.01 -20.69
C THR A 203 12.03 -28.10 -21.31
N VAL A 204 12.84 -27.79 -22.31
CA VAL A 204 13.75 -28.78 -22.97
C VAL A 204 14.97 -29.04 -22.08
N ILE A 205 15.11 -28.34 -20.97
CA ILE A 205 16.26 -28.51 -20.05
C ILE A 205 15.85 -29.54 -19.02
N SER A 206 16.55 -30.65 -18.95
CA SER A 206 16.17 -31.82 -18.12
C SER A 206 16.67 -31.58 -16.71
N PRO A 207 16.04 -32.23 -15.70
CA PRO A 207 16.55 -32.18 -14.33
C PRO A 207 17.98 -32.72 -14.31
N GLY A 208 18.82 -32.02 -13.57
CA GLY A 208 20.24 -32.38 -13.45
C GLY A 208 21.08 -31.86 -14.60
N GLU A 209 20.48 -31.34 -15.68
CA GLU A 209 21.34 -30.91 -16.82
C GLU A 209 22.31 -29.81 -16.39
N PRO A 210 23.60 -29.91 -16.79
CA PRO A 210 24.53 -28.79 -16.65
C PRO A 210 24.21 -27.71 -17.70
N VAL A 211 23.83 -26.53 -17.21
CA VAL A 211 23.43 -25.34 -18.01
C VAL A 211 24.39 -24.20 -17.67
N LEU A 212 24.90 -23.47 -18.67
CA LEU A 212 25.59 -22.17 -18.42
C LEU A 212 24.62 -21.01 -18.76
N LEU A 213 24.31 -20.19 -17.76
CA LEU A 213 23.74 -18.82 -17.96
C LEU A 213 24.92 -17.89 -18.11
N ARG A 214 25.17 -17.47 -19.35
CA ARG A 214 26.22 -16.48 -19.69
C ARG A 214 25.58 -15.10 -19.52
N GLY A 215 26.02 -14.36 -18.50
CA GLY A 215 25.32 -13.15 -18.01
C GLY A 215 24.91 -13.25 -16.55
N LEU A 216 25.03 -12.13 -15.81
CA LEU A 216 24.75 -12.03 -14.35
C LEU A 216 23.93 -10.77 -14.05
N GLY A 217 23.25 -10.25 -15.06
CA GLY A 217 22.32 -9.13 -14.88
C GLY A 217 20.92 -9.63 -14.70
N LEU A 218 19.94 -8.94 -15.27
CA LEU A 218 18.53 -9.11 -14.88
C LEU A 218 17.94 -10.30 -15.65
N ASN A 219 18.32 -10.49 -16.91
CA ASN A 219 18.01 -11.73 -17.67
C ASN A 219 18.44 -12.95 -16.83
N PHE A 220 19.61 -12.90 -16.19
CA PHE A 220 20.13 -14.02 -15.36
C PHE A 220 19.16 -14.34 -14.22
N PHE A 221 18.65 -13.31 -13.55
CA PHE A 221 17.69 -13.47 -12.43
C PHE A 221 16.35 -13.97 -12.96
N ASP A 222 15.90 -13.58 -14.15
CA ASP A 222 14.71 -14.22 -14.75
C ASP A 222 14.96 -15.72 -14.86
N HIS A 223 16.07 -16.13 -15.46
CA HIS A 223 16.38 -17.56 -15.76
C HIS A 223 16.56 -18.30 -14.43
N MET A 224 17.30 -17.71 -13.50
CA MET A 224 17.46 -18.24 -12.11
C MET A 224 16.07 -18.61 -11.59
N ALA A 225 15.09 -17.73 -11.71
CA ALA A 225 13.76 -17.96 -11.12
C ALA A 225 12.99 -19.04 -11.91
N LEU A 226 13.02 -19.03 -13.24
CA LEU A 226 12.25 -19.98 -14.08
C LEU A 226 12.76 -21.42 -13.88
N LEU A 227 14.05 -21.58 -13.56
CA LEU A 227 14.75 -22.89 -13.42
C LEU A 227 14.71 -23.39 -11.96
N THR A 228 14.13 -22.62 -11.05
CA THR A 228 14.02 -22.97 -9.61
C THR A 228 12.55 -22.91 -9.20
N THR A 229 12.05 -21.74 -8.77
CA THR A 229 10.63 -21.53 -8.35
C THR A 229 9.69 -21.85 -9.51
N GLY A 230 10.11 -21.63 -10.74
CA GLY A 230 9.34 -21.98 -11.95
C GLY A 230 9.21 -23.48 -12.17
N ARG A 231 9.89 -24.31 -11.36
CA ARG A 231 9.90 -25.79 -11.44
C ARG A 231 9.60 -26.42 -10.07
N GLY A 232 8.81 -25.75 -9.21
CA GLY A 232 8.34 -26.31 -7.93
C GLY A 232 9.22 -25.92 -6.77
N GLY A 233 10.37 -25.30 -7.04
CA GLY A 233 11.21 -24.78 -5.94
C GLY A 233 10.42 -23.81 -5.08
N THR A 234 10.80 -23.69 -3.79
CA THR A 234 10.18 -22.72 -2.85
C THR A 234 11.26 -22.27 -1.88
N TYR A 235 11.02 -21.18 -1.16
CA TYR A 235 11.98 -20.64 -0.16
C TYR A 235 11.23 -20.65 1.17
N VAL A 236 11.98 -20.58 2.25
CA VAL A 236 11.46 -20.61 3.64
C VAL A 236 12.39 -19.67 4.40
N ARG A 237 11.84 -18.74 5.18
CA ARG A 237 12.63 -17.78 6.01
C ARG A 237 12.66 -18.35 7.41
N GLU A 238 13.84 -18.51 8.01
CA GLU A 238 14.00 -19.10 9.37
C GLU A 238 15.04 -18.31 10.14
N ASP A 239 14.58 -17.57 11.16
CA ASP A 239 15.39 -16.67 12.01
C ASP A 239 16.04 -15.62 11.10
N GLY A 240 15.24 -14.97 10.25
CA GLY A 240 15.73 -14.00 9.24
C GLY A 240 16.22 -14.68 7.96
N VAL A 241 17.11 -15.68 8.05
CA VAL A 241 17.82 -16.22 6.85
C VAL A 241 16.96 -17.25 6.09
N LEU A 242 17.01 -17.09 4.77
CA LEU A 242 16.29 -17.78 3.68
C LEU A 242 16.95 -19.12 3.35
N ARG A 243 16.14 -20.11 2.94
CA ARG A 243 16.59 -21.47 2.56
C ARG A 243 15.78 -21.97 1.36
N TYR A 244 16.45 -22.52 0.35
CA TYR A 244 15.81 -23.08 -0.87
C TYR A 244 15.45 -24.55 -0.58
N VAL A 245 14.25 -24.91 -1.01
CA VAL A 245 13.62 -26.24 -0.83
C VAL A 245 13.45 -26.81 -2.22
N PRO A 246 14.45 -27.57 -2.72
CA PRO A 246 14.43 -28.07 -4.08
C PRO A 246 13.22 -28.96 -4.38
N SER A 247 12.75 -28.99 -5.62
CA SER A 247 11.71 -29.91 -6.15
C SER A 247 12.38 -31.16 -6.76
N GLY A 248 13.70 -31.16 -6.94
CA GLY A 248 14.37 -32.25 -7.67
C GLY A 248 14.28 -32.10 -9.18
N ARG A 249 13.54 -31.11 -9.71
CA ARG A 249 13.42 -30.92 -11.19
C ARG A 249 14.48 -29.92 -11.71
N GLU A 250 15.27 -29.29 -10.84
CA GLU A 250 16.23 -28.21 -11.21
C GLU A 250 17.37 -28.75 -12.07
N PRO A 251 17.85 -28.01 -13.08
CA PRO A 251 19.16 -28.31 -13.65
C PRO A 251 20.25 -27.98 -12.61
N ARG A 252 21.48 -28.38 -12.92
CA ARG A 252 22.72 -27.88 -12.29
C ARG A 252 23.06 -26.58 -13.04
N VAL A 253 22.80 -25.45 -12.39
CA VAL A 253 22.88 -24.13 -13.03
C VAL A 253 24.27 -23.56 -12.73
N TYR A 254 25.01 -23.21 -13.77
CA TYR A 254 26.28 -22.46 -13.71
C TYR A 254 26.05 -21.12 -14.38
N ALA A 255 26.69 -20.07 -13.86
CA ALA A 255 26.59 -18.69 -14.40
C ALA A 255 27.95 -18.01 -14.32
N GLY A 256 28.18 -17.05 -15.21
CA GLY A 256 29.39 -16.20 -15.16
C GLY A 256 29.30 -15.04 -16.12
N SER A 257 30.27 -14.14 -16.05
CA SER A 257 30.37 -12.96 -16.93
C SER A 257 31.81 -12.46 -16.92
N ARG A 258 32.12 -11.39 -17.67
CA ARG A 258 33.48 -10.81 -17.66
C ARG A 258 33.72 -10.33 -16.24
N ARG A 259 32.74 -9.65 -15.63
CA ARG A 259 32.99 -9.02 -14.32
C ARG A 259 33.04 -10.15 -13.29
N GLY A 260 32.18 -11.16 -13.48
CA GLY A 260 32.04 -12.34 -12.60
C GLY A 260 31.06 -12.11 -11.46
N LEU A 261 30.37 -10.96 -11.40
CA LEU A 261 29.49 -10.69 -10.25
C LEU A 261 28.04 -10.48 -10.70
N PRO A 262 27.08 -10.97 -9.89
CA PRO A 262 25.70 -10.56 -10.01
C PRO A 262 25.63 -9.05 -9.78
N TYR A 263 24.67 -8.46 -10.47
CA TYR A 263 24.33 -7.03 -10.36
C TYR A 263 23.98 -6.74 -8.90
N GLN A 264 24.32 -5.52 -8.46
CA GLN A 264 24.12 -5.04 -7.07
C GLN A 264 22.63 -4.96 -6.78
N ALA A 265 22.24 -5.22 -5.55
CA ALA A 265 20.83 -5.12 -5.11
C ALA A 265 20.44 -3.65 -5.11
N ARG A 266 19.26 -3.34 -5.65
CA ARG A 266 18.64 -2.01 -5.44
C ARG A 266 18.48 -1.91 -3.93
N GLY A 267 18.99 -0.86 -3.31
CA GLY A 267 18.57 -0.51 -1.93
C GLY A 267 17.05 -0.52 -1.82
N ASP A 268 16.52 -1.03 -0.70
CA ASP A 268 15.10 -0.91 -0.36
C ASP A 268 14.69 0.55 -0.48
N ASN A 269 13.59 0.80 -1.18
CA ASN A 269 13.09 2.18 -1.39
C ASN A 269 12.67 2.75 -0.04
N ALA A 270 13.29 3.87 0.32
CA ALA A 270 12.97 4.68 1.50
C ALA A 270 12.55 6.06 1.04
N LYS A 271 12.39 6.27 -0.27
CA LYS A 271 12.11 7.63 -0.85
C LYS A 271 10.65 7.71 -1.24
N GLY A 272 9.82 6.75 -0.83
CA GLY A 272 8.40 6.78 -1.18
C GLY A 272 8.23 6.80 -2.69
N PRO A 273 7.04 7.16 -3.21
CA PRO A 273 6.80 7.06 -4.66
C PRO A 273 7.50 8.09 -5.56
N TYR A 274 7.77 9.29 -5.03
CA TYR A 274 8.12 10.50 -5.81
C TYR A 274 9.52 11.00 -5.46
N GLY A 275 10.01 10.69 -4.27
CA GLY A 275 11.26 11.29 -3.76
C GLY A 275 12.44 10.88 -4.61
N ARG A 276 13.42 11.76 -4.73
CA ARG A 276 14.74 11.36 -5.28
C ARG A 276 15.83 12.32 -4.82
N HIS A 277 17.07 11.87 -4.94
CA HIS A 277 18.22 12.77 -4.83
C HIS A 277 18.10 13.78 -5.97
N LEU A 278 18.02 15.06 -5.65
CA LEU A 278 17.97 16.14 -6.67
C LEU A 278 19.40 16.58 -6.94
N PRO A 279 19.71 16.89 -8.20
CA PRO A 279 21.10 17.06 -8.64
C PRO A 279 21.75 18.24 -7.94
N GLU A 280 22.95 18.08 -7.37
CA GLU A 280 23.66 19.20 -6.73
C GLU A 280 25.09 19.39 -7.27
N VAL A 281 25.58 18.53 -8.17
CA VAL A 281 26.84 18.78 -8.91
C VAL A 281 26.52 18.77 -10.41
N LEU A 282 25.90 17.70 -10.93
CA LEU A 282 25.44 17.70 -12.34
C LEU A 282 24.08 18.40 -12.38
N THR A 283 24.08 19.71 -12.23
CA THR A 283 22.86 20.55 -12.10
C THR A 283 22.39 21.03 -13.46
N PRO A 284 21.13 21.46 -13.56
CA PRO A 284 20.64 22.09 -14.80
C PRO A 284 21.58 23.18 -15.32
N GLU A 285 22.13 23.98 -14.41
CA GLU A 285 23.04 25.09 -14.79
C GLU A 285 24.26 24.49 -15.48
N ALA A 286 24.83 23.41 -14.92
CA ALA A 286 26.05 22.77 -15.46
C ALA A 286 25.69 22.12 -16.80
N VAL A 287 24.48 21.56 -16.89
CA VAL A 287 24.01 20.85 -18.11
C VAL A 287 23.80 21.89 -19.22
N SER A 288 23.25 23.07 -18.92
CA SER A 288 23.09 24.15 -19.94
C SER A 288 24.45 24.52 -20.53
N ALA A 289 25.47 24.70 -19.68
CA ALA A 289 26.84 25.08 -20.12
C ALA A 289 27.34 24.05 -21.13
N PHE A 290 27.13 22.74 -20.89
CA PHE A 290 27.60 21.62 -21.76
C PHE A 290 26.79 21.61 -23.06
N ARG A 291 25.47 21.82 -23.01
CA ARG A 291 24.58 21.89 -24.20
C ARG A 291 25.10 23.02 -25.11
N LYS A 292 25.44 24.18 -24.54
CA LYS A 292 25.92 25.38 -25.27
C LYS A 292 27.22 25.06 -26.01
N ARG A 293 28.20 24.49 -25.31
CA ARG A 293 29.50 24.06 -25.90
C ARG A 293 29.26 23.05 -27.03
N ALA A 294 28.33 22.10 -26.86
CA ALA A 294 27.99 21.11 -27.90
C ALA A 294 27.37 21.80 -29.12
N ASP A 295 26.38 22.67 -28.93
CA ASP A 295 25.65 23.33 -30.05
C ASP A 295 26.63 24.18 -30.88
N SER A 296 27.58 24.86 -30.21
CA SER A 296 28.65 25.63 -30.90
C SER A 296 29.82 24.69 -31.25
N GLY A 297 29.55 23.39 -31.42
CA GLY A 297 30.41 22.40 -32.09
C GLY A 297 31.66 21.96 -31.32
N GLU A 298 31.77 22.17 -29.99
CA GLU A 298 32.87 21.62 -29.13
C GLU A 298 32.25 20.85 -27.94
N ALA A 299 31.56 19.75 -28.25
CA ALA A 299 30.93 18.80 -27.30
C ALA A 299 31.94 18.41 -26.23
N PRO A 300 31.48 18.21 -24.98
CA PRO A 300 32.37 17.73 -23.92
C PRO A 300 32.82 16.28 -24.11
N ASP A 301 33.90 15.97 -23.41
CA ASP A 301 34.45 14.62 -23.22
C ASP A 301 33.84 14.02 -21.93
N PHE A 302 33.13 12.91 -22.04
CA PHE A 302 32.55 12.22 -20.86
C PHE A 302 33.59 12.06 -19.74
N LEU A 303 34.76 11.52 -20.04
CA LEU A 303 35.69 11.11 -18.97
C LEU A 303 36.31 12.36 -18.32
N ARG A 304 36.71 13.36 -19.11
CA ARG A 304 37.38 14.58 -18.55
C ARG A 304 36.33 15.53 -17.93
N ASP A 305 35.14 15.65 -18.52
CA ASP A 305 34.24 16.78 -18.23
C ASP A 305 33.01 16.37 -17.43
N ILE A 306 32.48 15.16 -17.58
CA ILE A 306 31.13 14.84 -17.02
C ILE A 306 31.25 13.84 -15.87
N TRP A 307 32.04 12.78 -16.06
CA TRP A 307 32.33 11.77 -15.03
C TRP A 307 32.69 12.46 -13.72
N PRO A 308 33.60 13.46 -13.70
CA PRO A 308 34.03 14.07 -12.44
C PRO A 308 32.84 14.66 -11.68
N LEU A 309 31.81 15.14 -12.39
CA LEU A 309 30.62 15.73 -11.75
C LEU A 309 29.81 14.57 -11.14
N VAL A 310 29.62 13.50 -11.90
CA VAL A 310 28.88 12.30 -11.44
C VAL A 310 29.57 11.68 -10.22
N ALA A 311 30.88 11.48 -10.28
CA ALA A 311 31.61 10.79 -9.20
C ALA A 311 31.50 11.66 -7.94
N LYS A 312 31.53 12.97 -8.12
CA LYS A 312 31.44 13.92 -7.00
C LYS A 312 30.06 13.78 -6.36
N GLU A 313 28.97 13.71 -7.14
CA GLU A 313 27.62 13.54 -6.55
C GLU A 313 27.58 12.25 -5.73
N VAL A 314 28.02 11.16 -6.35
CA VAL A 314 27.93 9.81 -5.71
C VAL A 314 28.73 9.85 -4.41
N GLU A 315 30.00 10.25 -4.50
CA GLU A 315 30.87 10.33 -3.29
C GLU A 315 30.24 11.29 -2.26
N THR A 316 29.65 12.40 -2.67
CA THR A 316 29.11 13.38 -1.70
C THR A 316 27.96 12.75 -0.92
N VAL A 317 27.07 12.06 -1.60
CA VAL A 317 25.86 11.45 -0.98
C VAL A 317 26.28 10.30 -0.05
N TYR A 318 27.27 9.50 -0.45
CA TYR A 318 27.94 8.47 0.40
C TYR A 318 28.44 9.10 1.69
N TYR A 319 29.28 10.12 1.62
CA TYR A 319 29.93 10.70 2.82
C TYR A 319 28.89 11.45 3.66
N THR A 320 27.87 12.06 3.02
CA THR A 320 26.82 12.80 3.77
C THR A 320 26.04 11.82 4.65
N ALA A 321 25.72 10.63 4.11
CA ALA A 321 24.97 9.53 4.76
C ALA A 321 25.82 8.89 5.87
N LEU A 322 27.14 8.98 5.76
CA LEU A 322 28.13 8.37 6.67
C LEU A 322 28.39 9.33 7.84
N VAL A 323 28.48 10.63 7.57
CA VAL A 323 28.89 11.65 8.58
C VAL A 323 27.68 12.11 9.36
N ARG A 324 26.55 12.30 8.67
CA ARG A 324 25.28 12.81 9.24
C ARG A 324 25.57 14.07 10.06
N HIS A 325 26.18 15.09 9.48
CA HIS A 325 26.34 16.43 10.11
C HIS A 325 26.00 17.50 9.06
N PRO A 326 25.00 18.37 9.33
CA PRO A 326 24.57 19.35 8.33
C PRO A 326 25.66 20.29 7.78
N ASP A 327 26.72 20.53 8.55
CA ASP A 327 27.84 21.42 8.12
C ASP A 327 28.72 20.72 7.08
N PHE A 328 28.67 19.40 6.99
CA PHE A 328 29.64 18.59 6.18
C PHE A 328 29.43 18.83 4.67
N ALA A 329 28.24 18.58 4.13
CA ALA A 329 28.00 18.49 2.67
C ALA A 329 28.26 19.85 2.00
N PRO A 330 27.83 21.00 2.58
CA PRO A 330 28.18 22.31 2.01
C PRO A 330 29.68 22.50 1.84
N ARG A 331 30.46 22.09 2.84
CA ARG A 331 31.93 22.20 2.80
C ARG A 331 32.49 21.18 1.79
N TYR A 332 31.93 19.96 1.67
CA TYR A 332 32.49 18.95 0.73
C TYR A 332 32.14 19.39 -0.71
N LEU A 333 30.93 19.91 -0.93
CA LEU A 333 30.48 20.37 -2.27
C LEU A 333 31.29 21.57 -2.75
N SER A 334 31.90 22.36 -1.87
CA SER A 334 32.63 23.59 -2.27
C SER A 334 34.00 23.22 -2.86
N LEU A 335 34.39 21.94 -2.82
CA LEU A 335 35.74 21.45 -3.24
C LEU A 335 35.66 20.76 -4.60
N PRO A 336 36.58 21.07 -5.55
CA PRO A 336 36.65 20.35 -6.82
C PRO A 336 36.86 18.85 -6.59
N TYR A 337 36.39 18.01 -7.50
CA TYR A 337 36.60 16.54 -7.40
C TYR A 337 38.10 16.19 -7.37
N GLY A 338 38.58 15.48 -6.35
CA GLY A 338 39.97 14.99 -6.26
C GLY A 338 40.88 15.98 -5.54
N ASP A 339 40.44 17.20 -5.26
CA ASP A 339 41.27 18.19 -4.52
C ASP A 339 41.87 17.52 -3.27
N PRO A 340 43.14 17.83 -2.90
CA PRO A 340 43.71 17.33 -1.66
C PRO A 340 42.86 17.61 -0.40
N GLN A 341 42.07 18.67 -0.38
CA GLN A 341 41.26 19.05 0.82
C GLN A 341 40.07 18.09 1.03
N GLU A 342 39.63 17.34 0.00
CA GLU A 342 38.55 16.32 0.17
C GLU A 342 38.93 15.43 1.36
N ALA A 343 40.12 14.83 1.31
CA ALA A 343 40.69 13.97 2.37
C ALA A 343 40.79 14.72 3.70
N GLU A 344 41.28 15.95 3.70
CA GLU A 344 41.50 16.72 4.96
C GLU A 344 40.15 16.87 5.66
N LEU A 345 39.11 17.25 4.91
CA LEU A 345 37.76 17.47 5.44
C LEU A 345 37.16 16.16 5.96
N LEU A 346 37.31 15.06 5.21
CA LEU A 346 36.81 13.72 5.62
C LEU A 346 37.43 13.32 6.97
N ALA A 347 38.74 13.56 7.11
CA ALA A 347 39.52 13.38 8.37
C ALA A 347 38.94 14.27 9.46
N GLU A 348 38.66 15.55 9.18
CA GLU A 348 38.12 16.47 10.19
C GLU A 348 36.79 15.93 10.72
N PHE A 349 35.93 15.34 9.90
CA PHE A 349 34.60 14.83 10.36
C PHE A 349 34.66 13.34 10.69
N GLY A 350 35.87 12.77 10.78
CA GLY A 350 36.13 11.50 11.47
C GLY A 350 35.80 10.31 10.60
N VAL A 351 36.18 10.34 9.33
CA VAL A 351 36.00 9.22 8.37
C VAL A 351 37.39 8.61 8.14
N ASP A 352 37.61 7.40 8.69
CA ASP A 352 38.88 6.62 8.59
C ASP A 352 39.24 6.42 7.12
N ALA A 353 40.53 6.41 6.79
CA ALA A 353 41.06 6.26 5.41
C ALA A 353 40.55 4.95 4.77
N ASP A 354 39.96 4.03 5.54
CA ASP A 354 39.49 2.73 5.02
C ASP A 354 37.95 2.66 4.95
N ALA A 355 37.22 3.73 5.26
CA ALA A 355 35.78 3.87 4.93
C ALA A 355 35.64 4.77 3.69
N ARG A 356 36.76 5.36 3.23
CA ARG A 356 36.81 6.21 2.01
C ARG A 356 36.30 5.39 0.83
N TRP A 357 35.83 6.08 -0.19
CA TRP A 357 35.23 5.48 -1.41
C TRP A 357 36.36 5.15 -2.39
N ASP A 358 36.19 4.08 -3.17
CA ASP A 358 37.20 3.52 -4.10
C ASP A 358 36.40 2.96 -5.28
N TRP A 359 36.36 3.67 -6.40
CA TRP A 359 35.68 3.13 -7.60
C TRP A 359 36.29 1.77 -8.00
N GLU A 360 37.51 1.46 -7.58
CA GLU A 360 38.18 0.20 -8.02
C GLU A 360 37.54 -0.92 -7.18
N ARG A 361 37.45 -0.80 -5.85
CA ARG A 361 36.77 -1.82 -5.00
C ARG A 361 35.35 -1.98 -5.51
N VAL A 362 34.64 -0.90 -5.83
CA VAL A 362 33.16 -0.96 -6.04
C VAL A 362 32.88 -1.78 -7.29
N SER A 363 33.71 -1.68 -8.32
CA SER A 363 33.40 -2.26 -9.63
C SER A 363 34.03 -3.66 -9.75
N ARG A 364 35.04 -3.93 -8.94
CA ARG A 364 35.94 -5.12 -9.04
C ARG A 364 36.30 -5.44 -7.58
N PRO A 365 35.31 -5.75 -6.70
CA PRO A 365 35.56 -5.90 -5.27
C PRO A 365 36.50 -7.03 -4.88
N TYR A 366 36.83 -7.93 -5.80
CA TYR A 366 37.70 -9.09 -5.54
C TYR A 366 39.15 -8.79 -5.93
N ALA A 367 39.46 -7.60 -6.46
CA ALA A 367 40.66 -7.43 -7.32
C ALA A 367 41.94 -7.52 -6.48
N GLN A 368 41.90 -7.17 -5.19
CA GLN A 368 43.06 -7.32 -4.24
C GLN A 368 43.43 -8.83 -4.06
N ARG A 369 42.52 -9.77 -4.36
CA ARG A 369 42.40 -11.11 -3.73
C ARG A 369 42.75 -12.18 -4.78
N GLU A 370 43.40 -13.28 -4.39
CA GLU A 370 43.71 -14.47 -5.27
C GLU A 370 42.89 -15.69 -4.81
N PHE A 371 42.43 -16.50 -5.77
CA PHE A 371 41.52 -17.66 -5.54
C PHE A 371 42.27 -18.97 -5.86
N ALA A 372 42.51 -19.77 -4.83
CA ALA A 372 43.31 -21.01 -4.96
C ALA A 372 42.43 -22.08 -5.65
N HIS A 373 41.11 -22.08 -5.39
CA HIS A 373 40.14 -22.99 -6.05
C HIS A 373 38.67 -22.50 -5.93
N ARG A 374 37.73 -23.19 -6.58
CA ARG A 374 36.26 -22.92 -6.59
C ARG A 374 35.69 -22.62 -5.19
N GLY A 375 36.23 -23.27 -4.18
CA GLY A 375 35.74 -23.18 -2.80
C GLY A 375 36.11 -21.87 -2.15
N GLU A 376 37.29 -21.33 -2.42
CA GLU A 376 37.70 -19.98 -1.97
C GLU A 376 36.82 -18.92 -2.65
N TRP A 377 36.67 -19.01 -3.96
CA TRP A 377 35.76 -18.16 -4.75
C TRP A 377 34.37 -18.18 -4.13
N ARG A 378 33.80 -19.35 -3.87
CA ARG A 378 32.44 -19.51 -3.30
C ARG A 378 32.39 -18.84 -1.94
N GLN A 379 33.38 -19.02 -1.08
CA GLN A 379 33.32 -18.45 0.28
C GLN A 379 33.35 -16.93 0.18
N TRP A 380 34.19 -16.40 -0.72
CA TRP A 380 34.31 -14.94 -0.90
C TRP A 380 32.96 -14.42 -1.40
N LEU A 381 32.42 -15.08 -2.43
CA LEU A 381 31.21 -14.63 -3.14
C LEU A 381 30.06 -14.58 -2.14
N LEU A 382 29.94 -15.57 -1.26
CA LEU A 382 28.82 -15.61 -0.28
C LEU A 382 28.95 -14.45 0.68
N GLY A 383 30.16 -14.18 1.16
CA GLY A 383 30.50 -12.98 1.94
C GLY A 383 30.00 -11.71 1.24
N TYR A 384 30.33 -11.56 -0.05
CA TYR A 384 29.99 -10.39 -0.90
C TYR A 384 28.45 -10.28 -0.96
N LEU A 385 27.75 -11.33 -1.39
CA LEU A 385 26.27 -11.26 -1.55
C LEU A 385 25.54 -11.04 -0.21
N ARG A 386 26.07 -11.52 0.92
CA ARG A 386 25.48 -11.29 2.27
C ARG A 386 25.62 -9.81 2.64
N ALA A 387 26.78 -9.22 2.35
CA ALA A 387 27.11 -7.80 2.57
C ALA A 387 26.28 -6.91 1.62
N ASP A 388 26.05 -7.31 0.37
CA ASP A 388 25.17 -6.56 -0.56
C ASP A 388 23.73 -6.52 -0.03
N ALA A 389 23.19 -7.65 0.42
CA ALA A 389 21.81 -7.78 0.95
C ALA A 389 21.66 -6.88 2.18
N ALA A 390 22.60 -6.99 3.12
CA ALA A 390 22.68 -6.21 4.37
C ALA A 390 22.60 -4.72 4.03
N GLU A 391 23.47 -4.28 3.11
CA GLU A 391 23.62 -2.86 2.68
C GLU A 391 22.29 -2.37 2.08
N ALA A 392 21.63 -3.22 1.29
CA ALA A 392 20.32 -2.91 0.65
C ALA A 392 19.20 -2.84 1.68
N LEU A 393 19.32 -3.59 2.77
CA LEU A 393 18.30 -3.54 3.85
C LEU A 393 18.35 -2.17 4.51
N ARG A 394 19.53 -1.54 4.55
CA ARG A 394 19.69 -0.20 5.13
C ARG A 394 18.93 0.81 4.29
N GLY A 395 18.69 0.55 3.01
CA GLY A 395 17.84 1.38 2.13
C GLY A 395 18.60 2.52 1.42
N ASN A 396 17.91 3.21 0.54
CA ASN A 396 18.52 4.20 -0.38
C ASN A 396 18.48 5.61 0.22
N VAL A 397 18.19 5.75 1.52
CA VAL A 397 18.35 7.06 2.23
C VAL A 397 19.40 6.93 3.34
N ASP A 398 19.19 6.05 4.30
CA ASP A 398 20.13 5.94 5.45
C ASP A 398 21.34 5.06 5.08
N GLY A 399 21.24 4.18 4.07
CA GLY A 399 22.33 3.28 3.64
C GLY A 399 23.38 4.03 2.81
N PRO A 400 24.57 4.31 3.38
CA PRO A 400 25.57 5.11 2.68
C PRO A 400 25.78 4.58 1.26
N LEU A 401 26.21 3.33 1.15
CA LEU A 401 26.58 2.76 -0.18
C LEU A 401 25.35 2.84 -1.10
N LYS A 402 24.17 2.48 -0.64
CA LYS A 402 23.07 2.17 -1.56
C LYS A 402 22.40 3.48 -1.94
N ALA A 403 22.43 4.47 -1.04
CA ALA A 403 21.95 5.84 -1.36
C ALA A 403 22.91 6.42 -2.40
N ALA A 404 24.21 6.32 -2.18
CA ALA A 404 25.21 6.82 -3.18
C ALA A 404 24.96 6.18 -4.56
N LEU A 405 24.80 4.88 -4.64
CA LEU A 405 24.65 4.21 -5.95
C LEU A 405 23.29 4.57 -6.56
N ASP A 406 22.26 4.88 -5.77
CA ASP A 406 20.92 5.21 -6.30
C ASP A 406 21.01 6.62 -6.91
N VAL A 407 22.03 7.38 -6.58
CA VAL A 407 22.27 8.68 -7.25
C VAL A 407 22.37 8.40 -8.76
N LEU A 408 23.06 7.33 -9.14
CA LEU A 408 23.28 7.04 -10.58
C LEU A 408 21.92 6.90 -11.24
N ARG A 409 20.93 6.37 -10.51
CA ARG A 409 19.54 6.23 -11.03
C ARG A 409 18.94 7.63 -11.17
N ASP A 410 19.09 8.46 -10.13
CA ASP A 410 18.38 9.75 -10.02
C ASP A 410 19.00 10.80 -10.96
N LEU A 411 20.22 10.60 -11.45
CA LEU A 411 20.86 11.53 -12.43
C LEU A 411 20.53 11.14 -13.86
N ARG A 412 19.74 10.11 -14.13
CA ARG A 412 19.51 9.68 -15.53
C ARG A 412 19.04 10.85 -16.37
N ASN A 413 18.10 11.67 -15.91
CA ASN A 413 17.53 12.74 -16.76
C ASN A 413 18.58 13.82 -17.00
N GLU A 414 19.33 14.22 -15.98
CA GLU A 414 20.44 15.17 -16.21
C GLU A 414 21.42 14.56 -17.21
N LEU A 415 21.79 13.28 -17.11
CA LEU A 415 22.78 12.68 -18.04
C LEU A 415 22.22 12.58 -19.47
N ARG A 416 20.94 12.19 -19.61
CA ARG A 416 20.22 12.21 -20.91
C ARG A 416 20.36 13.58 -21.59
N LEU A 417 20.03 14.66 -20.88
CA LEU A 417 20.13 16.05 -21.38
C LEU A 417 21.59 16.40 -21.78
N VAL A 418 22.61 15.85 -21.12
CA VAL A 418 24.05 16.08 -21.50
C VAL A 418 24.43 15.30 -22.78
N VAL A 419 24.14 13.99 -22.85
CA VAL A 419 24.76 13.08 -23.87
C VAL A 419 23.85 12.93 -25.09
N ASP A 420 22.56 13.16 -24.97
CA ASP A 420 21.56 12.89 -26.05
C ASP A 420 21.83 13.80 -27.26
N HIS A 421 21.39 13.39 -28.45
CA HIS A 421 21.45 14.21 -29.70
C HIS A 421 22.84 14.85 -29.84
N ARG A 422 23.87 14.02 -29.92
CA ARG A 422 25.27 14.40 -30.24
C ARG A 422 25.81 15.31 -29.15
N GLY A 423 25.47 15.07 -27.90
CA GLY A 423 25.95 15.87 -26.77
C GLY A 423 27.39 15.58 -26.36
N LEU A 424 27.97 14.48 -26.84
CA LEU A 424 29.38 14.03 -26.59
C LEU A 424 30.15 13.98 -27.91
N ARG A 425 31.47 14.10 -27.85
CA ARG A 425 32.38 13.80 -28.98
C ARG A 425 32.18 12.31 -29.30
N GLY A 426 32.23 11.92 -30.57
CA GLY A 426 31.99 10.55 -31.04
C GLY A 426 32.85 9.53 -30.30
N ASP A 427 34.11 9.85 -30.08
CA ASP A 427 35.14 8.87 -29.61
C ASP A 427 34.85 8.61 -28.12
N SER A 428 34.33 9.62 -27.41
CA SER A 428 33.91 9.57 -25.99
C SER A 428 32.62 8.75 -25.84
N ARG A 429 31.62 9.05 -26.66
CA ARG A 429 30.38 8.25 -26.69
C ARG A 429 30.79 6.79 -26.86
N ARG A 430 31.67 6.47 -27.81
CA ARG A 430 32.09 5.08 -28.07
C ARG A 430 32.88 4.53 -26.85
N ASP A 431 33.94 5.19 -26.42
CA ASP A 431 34.95 4.55 -25.51
C ASP A 431 34.61 4.77 -24.05
N HIS A 432 33.98 5.89 -23.70
CA HIS A 432 33.70 6.29 -22.30
C HIS A 432 32.28 5.87 -21.95
N LEU A 433 31.27 6.22 -22.74
CA LEU A 433 29.86 5.89 -22.39
C LEU A 433 29.49 4.45 -22.76
N ASP A 434 29.46 4.11 -24.04
CA ASP A 434 28.95 2.81 -24.55
C ASP A 434 29.77 1.67 -23.94
N ARG A 435 31.09 1.80 -23.84
CA ARG A 435 31.98 0.65 -23.54
C ARG A 435 32.47 0.67 -22.09
N TRP A 436 32.07 1.64 -21.29
CA TRP A 436 32.49 1.63 -19.87
C TRP A 436 31.35 2.07 -18.93
N TYR A 437 30.89 3.32 -18.99
CA TYR A 437 29.90 3.92 -18.05
C TYR A 437 28.57 3.15 -18.12
N THR A 438 27.99 2.96 -19.30
CA THR A 438 26.65 2.35 -19.43
C THR A 438 26.60 1.00 -18.72
N PRO A 439 27.55 0.06 -19.00
CA PRO A 439 27.60 -1.25 -18.34
C PRO A 439 27.90 -1.15 -16.85
N LEU A 440 28.84 -0.29 -16.44
CA LEU A 440 29.14 -0.09 -15.00
C LEU A 440 27.87 0.42 -14.31
N ASN A 441 27.22 1.40 -14.94
CA ASN A 441 26.01 2.04 -14.39
C ASN A 441 25.01 0.92 -14.12
N ALA A 442 24.90 0.00 -15.06
CA ALA A 442 23.84 -1.04 -15.05
C ALA A 442 24.15 -2.01 -13.90
N PHE A 443 25.41 -2.36 -13.75
CA PHE A 443 25.93 -3.24 -12.68
C PHE A 443 25.58 -2.62 -11.32
N LEU A 444 25.79 -1.31 -11.18
CA LEU A 444 25.67 -0.60 -9.87
C LEU A 444 24.23 -0.19 -9.54
N SER A 445 23.38 0.14 -10.51
CA SER A 445 22.13 0.92 -10.23
C SER A 445 20.91 0.34 -10.95
N ILE A 446 21.10 -0.60 -11.88
CA ILE A 446 19.99 -1.28 -12.61
C ILE A 446 20.08 -2.79 -12.33
N GLY A 447 20.33 -3.10 -11.07
CA GLY A 447 20.31 -4.47 -10.57
C GLY A 447 18.93 -4.87 -10.06
N PRO A 448 18.84 -6.07 -9.48
CA PRO A 448 17.55 -6.63 -9.06
C PRO A 448 17.13 -6.23 -7.65
N PRO A 449 15.90 -6.59 -7.24
CA PRO A 449 15.45 -6.37 -5.86
C PRO A 449 16.37 -7.11 -4.88
N ARG A 450 16.62 -6.56 -3.70
CA ARG A 450 17.33 -7.28 -2.60
C ARG A 450 16.86 -8.75 -2.51
N ARG A 451 15.54 -9.00 -2.52
CA ARG A 451 14.94 -10.36 -2.48
C ARG A 451 15.75 -11.31 -3.40
N ARG A 452 16.08 -10.91 -4.62
CA ARG A 452 16.72 -11.82 -5.63
C ARG A 452 18.16 -12.14 -5.22
N ILE A 453 18.85 -11.20 -4.58
CA ILE A 453 20.23 -11.44 -4.09
C ILE A 453 20.14 -12.46 -2.98
N GLU A 454 19.15 -12.30 -2.12
CA GLU A 454 18.93 -13.22 -0.97
C GLU A 454 18.67 -14.62 -1.50
N GLU A 455 17.81 -14.73 -2.50
CA GLU A 455 17.43 -16.01 -3.15
C GLU A 455 18.68 -16.68 -3.73
N LEU A 456 19.44 -15.96 -4.55
CA LEU A 456 20.72 -16.42 -5.16
C LEU A 456 21.65 -16.86 -4.03
N THR A 457 21.68 -16.15 -2.92
CA THR A 457 22.58 -16.51 -1.81
C THR A 457 22.19 -17.91 -1.33
N ALA A 458 20.90 -18.16 -1.17
CA ALA A 458 20.33 -19.42 -0.68
C ALA A 458 20.56 -20.52 -1.73
N LEU A 459 20.39 -20.20 -3.02
CA LEU A 459 20.61 -21.16 -4.14
C LEU A 459 22.09 -21.59 -4.21
N LEU A 460 23.05 -20.69 -3.94
CA LEU A 460 24.49 -21.04 -3.80
C LEU A 460 24.69 -21.98 -2.61
N GLU A 461 24.04 -21.72 -1.48
CA GLU A 461 24.18 -22.52 -0.25
C GLU A 461 23.64 -23.93 -0.50
N ALA A 462 22.50 -24.03 -1.17
CA ALA A 462 21.84 -25.31 -1.51
C ALA A 462 22.57 -26.05 -2.64
N GLY A 463 23.48 -25.37 -3.35
CA GLY A 463 24.26 -25.99 -4.44
C GLY A 463 23.47 -26.03 -5.75
N VAL A 464 22.26 -25.48 -5.80
CA VAL A 464 21.47 -25.49 -7.06
C VAL A 464 22.13 -24.63 -8.15
N VAL A 465 22.82 -23.56 -7.75
CA VAL A 465 23.46 -22.58 -8.66
C VAL A 465 24.91 -22.45 -8.23
N GLU A 466 25.83 -22.43 -9.19
CA GLU A 466 27.24 -22.06 -8.96
C GLU A 466 27.59 -20.89 -9.90
N VAL A 467 28.25 -19.87 -9.38
CA VAL A 467 28.79 -18.75 -10.18
C VAL A 467 30.28 -19.04 -10.45
N LEU A 468 30.65 -19.13 -11.72
CA LEU A 468 31.96 -19.71 -12.12
C LEU A 468 33.10 -18.81 -11.68
N GLY A 469 33.00 -17.51 -11.94
CA GLY A 469 34.14 -16.63 -11.63
C GLY A 469 34.44 -15.64 -12.76
N PRO A 470 35.33 -14.68 -12.46
CA PRO A 470 35.65 -13.60 -13.41
C PRO A 470 36.24 -14.11 -14.73
N ARG A 471 36.00 -13.37 -15.81
CA ARG A 471 36.64 -13.53 -17.14
C ARG A 471 36.23 -14.89 -17.70
N LEU A 472 34.94 -15.18 -17.57
CA LEU A 472 34.27 -16.41 -18.07
C LEU A 472 34.82 -16.72 -19.47
N GLU A 473 35.52 -17.84 -19.63
CA GLU A 473 35.92 -18.40 -20.95
C GLU A 473 34.95 -19.52 -21.27
N VAL A 474 34.56 -19.63 -22.54
CA VAL A 474 33.65 -20.68 -23.06
C VAL A 474 34.20 -21.14 -24.43
N THR A 475 34.36 -22.45 -24.63
CA THR A 475 34.97 -23.05 -25.85
C THR A 475 34.03 -24.16 -26.35
N ARG A 476 33.84 -24.25 -27.65
CA ARG A 476 33.16 -25.38 -28.32
C ARG A 476 34.10 -26.60 -28.19
N GLU A 477 33.61 -27.73 -27.68
CA GLU A 477 34.40 -28.98 -27.51
C GLU A 477 33.57 -30.09 -28.13
N ASP A 478 34.18 -31.21 -28.49
CA ASP A 478 33.39 -32.37 -29.00
C ASP A 478 32.32 -32.70 -27.94
N GLY A 479 31.03 -32.50 -28.22
CA GLY A 479 29.86 -32.96 -27.43
C GLY A 479 29.35 -32.01 -26.33
N ALA A 480 29.94 -30.81 -26.17
CA ALA A 480 29.60 -29.84 -25.11
C ALA A 480 30.24 -28.46 -25.37
N TRP A 481 29.89 -27.49 -24.50
CA TRP A 481 30.74 -26.30 -24.23
C TRP A 481 31.51 -26.47 -22.91
N LEU A 482 32.76 -26.06 -22.90
CA LEU A 482 33.61 -26.04 -21.68
C LEU A 482 33.60 -24.61 -21.15
N ALA A 483 33.18 -24.40 -19.90
CA ALA A 483 33.19 -23.06 -19.25
C ALA A 483 34.12 -23.07 -18.04
N ARG A 484 34.98 -22.06 -17.92
CA ARG A 484 35.93 -21.89 -16.79
C ARG A 484 36.11 -20.40 -16.50
N SER A 485 36.67 -20.10 -15.32
CA SER A 485 37.24 -18.80 -14.93
C SER A 485 38.74 -18.96 -14.85
N PRO A 486 39.51 -18.19 -15.64
CA PRO A 486 40.96 -18.19 -15.49
C PRO A 486 41.42 -17.74 -14.10
N ASP A 487 40.52 -17.19 -13.27
CA ASP A 487 40.90 -16.59 -11.95
C ASP A 487 40.55 -17.58 -10.84
N VAL A 488 39.92 -18.70 -11.19
CA VAL A 488 39.43 -19.74 -10.23
C VAL A 488 39.82 -21.12 -10.74
N PRO A 489 41.00 -21.65 -10.36
CA PRO A 489 41.36 -23.01 -10.66
C PRO A 489 40.25 -24.00 -10.25
N GLY A 490 39.99 -24.96 -11.13
CA GLY A 490 39.18 -26.14 -10.80
C GLY A 490 37.72 -25.85 -10.99
N SER A 491 37.42 -24.82 -11.78
CA SER A 491 36.03 -24.37 -12.11
C SER A 491 35.57 -24.87 -13.50
N ALA A 492 36.44 -25.53 -14.27
CA ALA A 492 36.07 -26.13 -15.57
C ALA A 492 34.82 -26.97 -15.38
N VAL A 493 33.88 -26.85 -16.30
CA VAL A 493 32.64 -27.67 -16.34
C VAL A 493 32.13 -27.68 -17.78
N ARG A 494 31.74 -28.86 -18.24
CA ARG A 494 31.19 -29.10 -19.59
C ARG A 494 29.67 -29.03 -19.50
N VAL A 495 29.09 -28.08 -20.22
CA VAL A 495 27.60 -27.89 -20.22
C VAL A 495 27.08 -28.34 -21.59
N THR A 496 25.79 -28.66 -21.64
CA THR A 496 25.06 -29.12 -22.84
C THR A 496 23.91 -28.14 -23.17
N THR A 497 23.67 -27.16 -22.32
CA THR A 497 22.81 -25.99 -22.60
C THR A 497 23.61 -24.72 -22.31
N LEU A 498 23.71 -23.84 -23.31
CA LEU A 498 24.36 -22.51 -23.22
C LEU A 498 23.25 -21.51 -23.47
N ILE A 499 22.91 -20.72 -22.47
CA ILE A 499 21.90 -19.63 -22.55
C ILE A 499 22.64 -18.31 -22.54
N GLU A 500 22.41 -17.48 -23.56
CA GLU A 500 22.91 -16.08 -23.61
C GLU A 500 21.94 -15.24 -22.79
N ALA A 501 22.32 -14.90 -21.55
CA ALA A 501 21.41 -14.29 -20.55
C ALA A 501 21.52 -12.77 -20.63
N ARG A 502 21.05 -12.23 -21.77
CA ARG A 502 21.01 -10.79 -22.09
C ARG A 502 19.95 -10.53 -23.18
N LEU A 503 19.45 -9.31 -23.24
CA LEU A 503 18.56 -8.87 -24.34
C LEU A 503 19.42 -8.49 -25.54
N PRO A 504 18.89 -8.63 -26.77
CA PRO A 504 19.51 -8.03 -27.95
C PRO A 504 19.59 -6.53 -27.69
N GLU A 505 20.72 -5.88 -27.99
CA GLU A 505 20.88 -4.40 -27.96
C GLU A 505 20.35 -3.81 -29.26
N PRO A 506 19.62 -2.68 -29.23
CA PRO A 506 19.14 -2.08 -30.49
C PRO A 506 20.30 -1.93 -31.48
N ASP A 507 20.14 -2.36 -32.73
CA ASP A 507 21.15 -2.26 -33.82
C ASP A 507 20.42 -2.18 -35.15
N LEU A 508 20.22 -0.97 -35.65
CA LEU A 508 19.55 -0.77 -36.95
C LEU A 508 20.27 -1.55 -38.04
N GLY A 509 21.61 -1.58 -38.01
CA GLY A 509 22.48 -2.29 -38.97
C GLY A 509 22.07 -3.74 -39.11
N GLN A 510 21.78 -4.41 -37.99
CA GLN A 510 21.54 -5.86 -37.95
C GLN A 510 20.07 -6.13 -37.59
N THR A 511 19.17 -5.20 -37.87
CA THR A 511 17.76 -5.37 -37.41
C THR A 511 17.14 -6.60 -38.09
N ALA A 512 16.29 -7.32 -37.36
CA ALA A 512 15.50 -8.45 -37.87
C ALA A 512 14.07 -7.98 -38.13
N ASP A 513 13.75 -6.70 -37.92
CA ASP A 513 12.37 -6.20 -38.17
C ASP A 513 12.30 -5.84 -39.66
N ALA A 514 11.34 -6.41 -40.38
CA ALA A 514 11.17 -6.23 -41.84
C ALA A 514 10.97 -4.74 -42.16
N LEU A 515 10.16 -4.05 -41.37
CA LEU A 515 9.86 -2.62 -41.59
C LEU A 515 11.14 -1.79 -41.48
N LEU A 516 11.96 -1.97 -40.44
CA LEU A 516 13.13 -1.08 -40.30
C LEU A 516 14.15 -1.42 -41.40
N ALA A 517 14.25 -2.70 -41.78
CA ALA A 517 15.16 -3.19 -42.85
C ALA A 517 14.73 -2.57 -44.20
N HIS A 518 13.44 -2.51 -44.48
CA HIS A 518 12.94 -1.86 -45.73
C HIS A 518 13.37 -0.38 -45.73
N LEU A 519 13.11 0.34 -44.64
CA LEU A 519 13.42 1.78 -44.50
C LEU A 519 14.94 1.99 -44.61
N ARG A 520 15.76 1.12 -44.02
CA ARG A 520 17.24 1.26 -44.07
C ARG A 520 17.68 1.05 -45.52
N GLU A 521 17.18 0.02 -46.19
CA GLU A 521 17.68 -0.44 -47.52
C GLU A 521 17.27 0.57 -48.59
N THR A 522 16.16 1.28 -48.42
CA THR A 522 15.62 2.25 -49.41
C THR A 522 16.05 3.67 -49.01
N GLY A 523 16.91 3.79 -47.98
CA GLY A 523 17.46 5.07 -47.51
C GLY A 523 16.41 5.96 -46.85
N GLN A 524 15.32 5.43 -46.28
CA GLN A 524 14.27 6.25 -45.61
C GLN A 524 14.55 6.39 -44.09
N CYS A 525 15.53 5.68 -43.57
CA CYS A 525 16.09 5.95 -42.24
C CYS A 525 17.58 5.63 -42.30
N ARG A 526 18.33 5.90 -41.23
CA ARG A 526 19.79 5.71 -41.19
C ARG A 526 20.25 5.54 -39.72
N ALA A 527 21.38 4.86 -39.51
CA ALA A 527 22.04 4.77 -38.19
C ALA A 527 22.38 6.18 -37.68
N HIS A 528 22.12 6.45 -36.42
CA HIS A 528 22.60 7.69 -35.77
C HIS A 528 24.12 7.58 -35.60
N VAL A 529 24.80 8.57 -36.19
CA VAL A 529 26.29 8.72 -36.22
C VAL A 529 26.64 9.95 -35.39
N VAL A 530 27.65 9.83 -34.53
CA VAL A 530 28.30 10.97 -33.81
C VAL A 530 29.80 10.99 -34.18
N ASP A 531 30.29 12.04 -34.86
CA ASP A 531 31.72 12.22 -35.26
C ASP A 531 32.30 10.89 -35.75
N GLY A 532 31.66 10.26 -36.73
CA GLY A 532 32.24 9.05 -37.35
C GLY A 532 32.08 7.79 -36.52
N TYR A 533 31.41 7.84 -35.36
CA TYR A 533 30.98 6.64 -34.58
C TYR A 533 29.51 6.35 -34.89
N THR A 534 29.24 5.14 -35.36
CA THR A 534 27.89 4.61 -35.71
C THR A 534 27.33 3.85 -34.49
N THR A 535 26.08 4.11 -34.09
CA THR A 535 25.44 3.58 -32.86
C THR A 535 24.36 2.56 -33.24
N GLY A 536 23.97 2.47 -34.49
CA GLY A 536 22.73 1.68 -34.69
C GLY A 536 21.62 1.87 -33.62
N GLY A 537 21.38 3.10 -33.14
CA GLY A 537 20.03 3.67 -33.05
C GLY A 537 19.56 4.19 -34.41
N ILE A 538 18.26 4.17 -34.66
CA ILE A 538 17.61 4.89 -35.79
C ILE A 538 17.74 6.41 -35.53
N ASP A 539 18.26 7.18 -36.48
CA ASP A 539 18.46 8.65 -36.36
C ASP A 539 17.10 9.35 -36.36
N VAL A 540 16.89 10.22 -35.38
CA VAL A 540 15.70 11.13 -35.38
C VAL A 540 16.20 12.53 -35.06
N SER A 541 15.38 13.51 -35.40
CA SER A 541 15.59 14.93 -35.05
C SER A 541 15.31 15.13 -33.56
N ALA A 542 15.56 16.34 -33.08
CA ALA A 542 15.09 16.82 -31.76
C ALA A 542 13.57 16.60 -31.63
N ARG A 543 13.10 16.48 -30.40
CA ARG A 543 11.66 16.43 -30.06
C ARG A 543 10.92 17.33 -31.06
N PRO A 544 9.83 16.90 -31.73
CA PRO A 544 9.18 15.62 -31.48
C PRO A 544 9.65 14.39 -32.30
N TYR A 545 10.93 14.33 -32.63
CA TYR A 545 11.63 13.12 -33.12
C TYR A 545 11.09 12.71 -34.50
N HIS A 546 11.28 13.56 -35.50
CA HIS A 546 11.03 13.26 -36.95
C HIS A 546 12.07 12.24 -37.40
N LEU A 547 11.66 11.19 -38.12
CA LEU A 547 12.59 10.23 -38.76
C LEU A 547 13.51 10.97 -39.75
N VAL A 548 14.79 10.66 -39.75
CA VAL A 548 15.81 11.25 -40.67
C VAL A 548 16.29 10.17 -41.66
N ASP A 549 16.26 10.52 -42.96
CA ASP A 549 16.64 9.64 -44.10
C ASP A 549 18.13 9.81 -44.42
N ARG A 550 18.68 8.96 -45.31
CA ARG A 550 20.14 8.89 -45.61
C ARG A 550 20.57 10.30 -46.04
N GLU A 551 19.69 11.13 -46.63
CA GLU A 551 19.96 12.53 -47.09
C GLU A 551 19.97 13.57 -45.93
N GLY A 552 19.61 13.23 -44.70
CA GLY A 552 19.63 14.21 -43.60
C GLY A 552 18.33 15.01 -43.51
N VAL A 553 17.25 14.48 -44.09
CA VAL A 553 15.93 15.15 -44.11
C VAL A 553 15.03 14.59 -43.02
N ALA A 554 14.47 15.49 -42.23
CA ALA A 554 13.54 15.17 -41.14
C ALA A 554 12.15 15.02 -41.74
N HIS A 555 11.62 13.80 -41.72
CA HIS A 555 10.32 13.51 -42.36
C HIS A 555 9.18 14.16 -41.56
N PRO A 556 8.35 15.03 -42.18
CA PRO A 556 7.27 15.70 -41.47
C PRO A 556 6.15 14.78 -40.97
N ARG A 557 6.05 13.58 -41.54
CA ARG A 557 4.90 12.66 -41.29
C ARG A 557 5.34 11.39 -40.56
N ARG A 558 6.60 11.31 -40.09
CA ARG A 558 7.14 10.07 -39.49
C ARG A 558 7.85 10.41 -38.19
N PHE A 559 7.47 9.73 -37.11
CA PHE A 559 8.04 9.96 -35.76
C PHE A 559 8.60 8.62 -35.28
N ALA A 560 9.66 8.63 -34.51
CA ALA A 560 10.13 7.43 -33.79
C ALA A 560 10.51 7.80 -32.37
N PHE A 561 10.18 6.89 -31.48
CA PHE A 561 10.02 7.17 -30.04
C PHE A 561 10.35 5.86 -29.33
N GLY A 562 11.51 5.79 -28.67
CA GLY A 562 11.80 4.71 -27.72
C GLY A 562 13.05 3.92 -28.04
N VAL A 563 12.97 2.62 -27.82
CA VAL A 563 14.18 1.76 -27.68
C VAL A 563 14.99 1.77 -28.97
N PRO A 564 14.38 1.65 -30.17
CA PRO A 564 15.18 1.69 -31.39
C PRO A 564 16.04 2.96 -31.53
N THR A 565 15.74 4.06 -30.83
CA THR A 565 16.53 5.31 -30.88
C THR A 565 17.68 5.31 -29.85
N GLU A 566 17.94 4.19 -29.15
CA GLU A 566 19.13 4.07 -28.26
C GLU A 566 20.39 4.50 -29.03
N GLY A 567 21.16 5.47 -28.51
CA GLY A 567 22.28 6.16 -29.20
C GLY A 567 22.02 7.66 -29.37
N VAL A 568 20.90 8.01 -30.00
CA VAL A 568 20.30 9.38 -29.93
C VAL A 568 19.95 9.65 -28.46
N HIS A 569 19.24 8.70 -27.86
CA HIS A 569 18.76 8.74 -26.45
C HIS A 569 19.47 7.66 -25.61
N TRP A 570 19.66 7.95 -24.32
CA TRP A 570 20.41 7.08 -23.39
C TRP A 570 19.43 6.45 -22.38
N VAL A 571 19.52 5.11 -22.27
CA VAL A 571 18.70 4.24 -21.40
C VAL A 571 17.22 4.51 -21.74
N THR A 572 16.81 4.17 -22.96
CA THR A 572 15.40 4.14 -23.47
C THR A 572 14.59 2.94 -22.92
N ALA A 573 15.27 1.87 -22.46
CA ALA A 573 14.64 0.67 -21.86
C ALA A 573 14.27 0.96 -20.40
N ALA A 574 13.31 1.85 -20.19
CA ALA A 574 12.78 2.21 -18.86
C ALA A 574 11.38 2.76 -19.06
N GLY A 575 10.46 2.54 -18.11
CA GLY A 575 9.09 3.04 -18.14
C GLY A 575 8.93 4.47 -17.59
N ALA A 576 7.69 4.94 -17.50
CA ALA A 576 7.34 6.25 -16.96
C ALA A 576 7.17 6.19 -15.44
N ARG A 577 7.76 7.16 -14.73
CA ARG A 577 7.62 7.33 -13.26
C ARG A 577 6.61 8.43 -12.97
N PRO A 578 5.70 8.28 -11.98
CA PRO A 578 4.78 9.37 -11.60
C PRO A 578 5.49 10.45 -10.78
N GLY A 579 4.95 11.67 -10.83
CA GLY A 579 5.33 12.82 -10.00
C GLY A 579 6.77 13.32 -10.16
N VAL A 580 7.44 13.09 -11.28
CA VAL A 580 8.85 13.52 -11.44
C VAL A 580 9.10 14.06 -12.85
N ASP A 581 8.08 14.67 -13.46
CA ASP A 581 8.19 15.32 -14.79
C ASP A 581 8.85 14.35 -15.75
N SER A 582 8.26 13.16 -15.85
CA SER A 582 8.78 12.01 -16.63
C SER A 582 8.91 12.45 -18.09
N VAL A 583 10.08 12.22 -18.68
CA VAL A 583 10.39 12.62 -20.08
C VAL A 583 9.70 11.64 -21.02
N THR A 584 9.47 10.37 -20.64
CA THR A 584 8.67 9.42 -21.48
C THR A 584 7.29 10.01 -21.74
N LEU A 585 6.65 10.54 -20.71
CA LEU A 585 5.26 11.07 -20.85
C LEU A 585 5.27 12.38 -21.64
N SER A 586 6.25 13.27 -21.43
CA SER A 586 6.28 14.56 -22.17
C SER A 586 6.70 14.29 -23.62
N ASP A 587 7.58 13.32 -23.88
CA ASP A 587 7.93 12.89 -25.26
C ASP A 587 6.62 12.45 -25.93
N ALA A 588 5.86 11.56 -25.29
CA ALA A 588 4.59 11.04 -25.86
C ALA A 588 3.65 12.20 -26.14
N ASP A 589 3.57 13.19 -25.25
CA ASP A 589 2.65 14.33 -25.46
C ASP A 589 3.08 15.10 -26.73
N ALA A 590 4.38 15.35 -26.88
CA ALA A 590 4.98 16.10 -27.99
C ALA A 590 4.77 15.39 -29.33
N VAL A 591 4.93 14.07 -29.33
CA VAL A 591 4.70 13.23 -30.53
C VAL A 591 3.23 13.30 -30.92
N ALA A 592 2.34 13.08 -29.97
CA ALA A 592 0.88 13.12 -30.20
C ALA A 592 0.47 14.47 -30.81
N ARG A 593 0.94 15.59 -30.28
CA ARG A 593 0.52 16.93 -30.75
C ARG A 593 1.13 17.19 -32.14
N ALA A 594 2.37 16.71 -32.40
CA ALA A 594 3.03 16.89 -33.71
C ALA A 594 2.21 16.12 -34.75
N VAL A 595 1.64 14.98 -34.37
CA VAL A 595 0.82 14.12 -35.26
C VAL A 595 -0.51 14.82 -35.50
N LEU A 596 -1.20 15.22 -34.45
CA LEU A 596 -2.49 15.93 -34.62
C LEU A 596 -2.27 17.16 -35.50
N ARG A 597 -1.15 17.88 -35.35
CA ARG A 597 -0.90 19.14 -36.10
C ARG A 597 -0.69 18.83 -37.58
N VAL A 598 -0.01 17.74 -37.90
CA VAL A 598 0.31 17.41 -39.32
C VAL A 598 -0.97 16.91 -39.99
N ALA A 599 -1.95 16.44 -39.23
CA ALA A 599 -3.23 15.92 -39.75
C ALA A 599 -4.27 17.04 -39.91
N GLY A 600 -4.23 18.11 -39.10
CA GLY A 600 -5.26 19.18 -39.07
C GLY A 600 -4.78 20.49 -39.70
N GLN A 601 -4.35 20.50 -40.95
CA GLN A 601 -3.69 21.67 -41.58
C GLN A 601 -4.73 22.61 -42.19
N PRO B 2 -16.46 34.09 -2.37
CA PRO B 2 -17.38 33.35 -1.45
C PRO B 2 -17.35 31.81 -1.59
N LEU B 3 -16.50 31.12 -0.83
CA LEU B 3 -16.25 29.65 -0.92
C LEU B 3 -17.23 28.82 -0.06
N SER B 4 -17.57 27.63 -0.56
CA SER B 4 -18.59 26.70 0.00
C SER B 4 -17.93 25.32 0.23
N VAL B 5 -17.99 24.78 1.45
CA VAL B 5 -17.71 23.33 1.73
C VAL B 5 -18.88 22.67 2.47
N ALA B 6 -18.96 21.33 2.46
CA ALA B 6 -19.98 20.54 3.17
C ALA B 6 -19.32 19.47 4.06
N VAL B 7 -19.76 19.37 5.30
CA VAL B 7 -19.46 18.23 6.21
C VAL B 7 -20.73 17.39 6.30
N VAL B 8 -20.73 16.22 5.68
CA VAL B 8 -21.84 15.24 5.76
C VAL B 8 -21.67 14.44 7.06
N GLY B 9 -22.51 14.75 8.05
CA GLY B 9 -22.51 14.09 9.37
C GLY B 9 -22.05 15.05 10.44
N ALA B 10 -22.84 15.18 11.51
CA ALA B 10 -22.66 16.14 12.61
C ALA B 10 -22.66 15.39 13.95
N GLY B 11 -22.18 14.15 13.93
CA GLY B 11 -21.79 13.45 15.17
C GLY B 11 -20.57 14.13 15.79
N PRO B 12 -19.87 13.45 16.72
CA PRO B 12 -18.60 13.91 17.26
C PRO B 12 -17.53 14.20 16.19
N ARG B 13 -17.47 13.39 15.14
CA ARG B 13 -16.39 13.54 14.14
C ARG B 13 -16.70 14.70 13.19
N GLY B 14 -17.90 14.82 12.65
CA GLY B 14 -18.27 15.97 11.79
C GLY B 14 -18.23 17.31 12.55
N THR B 15 -18.30 17.25 13.88
CA THR B 15 -18.31 18.42 14.78
C THR B 15 -16.86 18.80 15.12
N SER B 16 -15.97 17.82 15.35
CA SER B 16 -14.51 18.05 15.50
C SER B 16 -13.99 18.71 14.24
N VAL B 17 -14.45 18.28 13.07
CA VAL B 17 -13.98 18.79 11.75
C VAL B 17 -14.42 20.24 11.64
N LEU B 18 -15.62 20.58 12.14
CA LEU B 18 -16.13 21.97 12.15
C LEU B 18 -15.28 22.82 13.10
N GLU B 19 -15.04 22.33 14.32
CA GLU B 19 -14.24 23.08 15.33
C GLU B 19 -12.86 23.35 14.72
N ARG B 20 -12.37 22.45 13.87
CA ARG B 20 -10.97 22.47 13.36
C ARG B 20 -10.89 23.38 12.12
N LEU B 21 -11.95 23.36 11.30
CA LEU B 21 -12.12 24.23 10.11
C LEU B 21 -12.10 25.68 10.63
N CYS B 22 -12.97 25.98 11.58
CA CYS B 22 -13.05 27.29 12.29
C CYS B 22 -11.66 27.67 12.82
N ALA B 23 -10.97 26.76 13.50
CA ALA B 23 -9.65 27.01 14.12
C ALA B 23 -8.61 27.44 13.06
N SER B 24 -8.65 26.91 11.84
CA SER B 24 -7.53 27.09 10.85
C SER B 24 -7.93 28.03 9.72
N ALA B 25 -9.21 28.38 9.56
CA ALA B 25 -9.71 29.24 8.45
C ALA B 25 -9.00 30.60 8.43
N PRO B 26 -8.73 31.28 9.56
CA PRO B 26 -7.95 32.52 9.57
C PRO B 26 -6.57 32.36 8.93
N GLU B 27 -5.82 31.36 9.36
CA GLU B 27 -4.43 31.09 8.90
C GLU B 27 -4.39 30.68 7.42
N LEU B 28 -5.44 30.08 6.85
CA LEU B 28 -5.27 29.34 5.58
C LEU B 28 -6.10 29.95 4.44
N LEU B 29 -7.09 30.80 4.74
CA LEU B 29 -7.81 31.53 3.66
C LEU B 29 -7.11 32.88 3.39
N ALA B 30 -6.89 33.20 2.12
CA ALA B 30 -6.50 34.55 1.61
C ALA B 30 -7.42 35.60 2.25
N PRO B 31 -6.92 36.68 2.91
CA PRO B 31 -7.82 37.60 3.60
C PRO B 31 -8.86 38.20 2.62
N GLY B 32 -10.07 38.48 3.13
CA GLY B 32 -11.22 38.92 2.32
C GLY B 32 -12.08 37.77 1.83
N VAL B 33 -11.56 36.53 1.85
CA VAL B 33 -12.31 35.33 1.39
C VAL B 33 -13.20 34.83 2.54
N ARG B 34 -14.48 34.58 2.23
CA ARG B 34 -15.52 34.13 3.19
C ARG B 34 -15.84 32.67 2.89
N LEU B 35 -15.94 31.84 3.94
CA LEU B 35 -16.21 30.38 3.82
C LEU B 35 -17.54 30.05 4.49
N THR B 36 -18.46 29.49 3.70
CA THR B 36 -19.67 28.81 4.20
C THR B 36 -19.35 27.32 4.40
N VAL B 37 -19.57 26.83 5.62
CA VAL B 37 -19.50 25.39 5.99
C VAL B 37 -20.92 24.85 6.14
N HIS B 38 -21.42 24.13 5.13
CA HIS B 38 -22.72 23.44 5.21
C HIS B 38 -22.55 22.19 6.08
N VAL B 39 -23.20 22.13 7.24
CA VAL B 39 -23.28 20.91 8.09
C VAL B 39 -24.60 20.17 7.82
N VAL B 40 -24.57 18.86 7.54
CA VAL B 40 -25.75 18.09 7.06
C VAL B 40 -25.97 16.84 7.93
N ASP B 41 -27.09 16.77 8.66
CA ASP B 41 -27.47 15.64 9.54
C ASP B 41 -28.97 15.70 9.78
N PRO B 42 -29.69 14.57 9.60
CA PRO B 42 -31.11 14.51 9.95
C PRO B 42 -31.33 14.71 11.47
N ALA B 43 -30.34 14.40 12.30
CA ALA B 43 -30.40 14.55 13.77
C ALA B 43 -29.92 15.95 14.11
N PRO B 44 -30.14 16.45 15.34
CA PRO B 44 -29.58 17.72 15.80
C PRO B 44 -28.06 17.72 15.73
N PRO B 45 -27.44 18.78 15.18
CA PRO B 45 -25.98 18.92 15.13
C PRO B 45 -25.23 18.76 16.46
N GLY B 46 -24.11 18.06 16.47
CA GLY B 46 -23.25 17.91 17.66
C GLY B 46 -23.28 16.48 18.19
N PRO B 47 -24.40 16.02 18.79
CA PRO B 47 -24.53 14.64 19.25
C PRO B 47 -24.81 13.64 18.12
N GLY B 48 -25.35 14.12 16.99
CA GLY B 48 -25.82 13.28 15.87
C GLY B 48 -26.90 12.31 16.32
N ARG B 49 -27.07 11.18 15.62
CA ARG B 49 -28.08 10.13 15.97
C ARG B 49 -27.62 9.46 17.24
N VAL B 50 -26.39 9.00 17.32
CA VAL B 50 -25.95 8.13 18.45
C VAL B 50 -26.15 8.86 19.78
N TRP B 51 -25.72 10.12 19.89
CA TRP B 51 -25.62 10.76 21.23
C TRP B 51 -26.79 11.74 21.51
N ARG B 52 -27.86 11.73 20.71
CA ARG B 52 -29.01 12.69 20.81
C ARG B 52 -29.57 12.72 22.24
N THR B 53 -29.86 13.93 22.75
CA THR B 53 -30.26 14.19 24.17
C THR B 53 -31.60 13.49 24.49
N ALA B 54 -32.53 13.46 23.53
CA ALA B 54 -33.87 12.83 23.59
C ALA B 54 -33.86 11.41 24.18
N GLN B 55 -32.76 10.65 24.10
CA GLN B 55 -32.76 9.17 24.28
C GLN B 55 -32.90 8.77 25.77
N SER B 56 -33.20 7.49 26.00
CA SER B 56 -33.33 6.88 27.34
C SER B 56 -32.13 7.25 28.20
N GLU B 57 -32.40 7.70 29.43
CA GLU B 57 -31.35 8.05 30.41
C GLU B 57 -30.74 6.77 31.00
N ASP B 58 -31.26 5.59 30.65
CA ASP B 58 -30.81 4.31 31.27
C ASP B 58 -29.50 3.86 30.60
N LEU B 59 -29.22 4.36 29.40
CA LEU B 59 -28.09 3.91 28.54
C LEU B 59 -26.85 4.71 28.91
N LEU B 60 -25.73 3.98 29.03
CA LEU B 60 -24.42 4.47 29.52
C LEU B 60 -23.35 4.42 28.42
N MET B 61 -22.30 5.22 28.61
CA MET B 61 -20.96 5.05 27.99
C MET B 61 -20.25 3.92 28.73
N ASN B 62 -19.14 3.43 28.17
CA ASN B 62 -18.22 2.51 28.90
C ASN B 62 -16.85 3.18 28.94
N THR B 63 -16.83 4.51 28.84
CA THR B 63 -15.65 5.39 29.04
C THR B 63 -15.95 6.26 30.25
N VAL B 64 -15.02 6.38 31.20
CA VAL B 64 -15.18 7.29 32.38
C VAL B 64 -15.24 8.73 31.86
N ALA B 65 -15.87 9.64 32.61
CA ALA B 65 -16.25 11.01 32.17
C ALA B 65 -15.02 11.90 31.99
N SER B 66 -13.96 11.65 32.76
CA SER B 66 -12.68 12.40 32.74
C SER B 66 -11.93 12.15 31.44
N GLN B 67 -12.30 11.10 30.69
CA GLN B 67 -11.59 10.58 29.49
C GLN B 67 -12.34 10.92 28.18
N VAL B 68 -13.31 11.84 28.21
CA VAL B 68 -14.17 12.20 27.05
C VAL B 68 -13.98 13.69 26.79
N THR B 69 -13.59 14.09 25.56
CA THR B 69 -13.50 15.51 25.15
C THR B 69 -13.72 15.63 23.65
N LEU B 70 -14.03 16.85 23.16
CA LEU B 70 -14.00 17.16 21.70
C LEU B 70 -13.01 18.31 21.40
N PHE B 71 -12.16 18.63 22.38
CA PHE B 71 -11.21 19.76 22.33
C PHE B 71 -9.78 19.21 22.27
N THR B 72 -8.98 19.84 21.40
CA THR B 72 -7.49 19.73 21.34
C THR B 72 -6.89 20.17 22.68
N ASP B 73 -5.66 19.78 22.93
CA ASP B 73 -4.84 20.12 24.12
C ASP B 73 -3.36 19.99 23.69
N GLU B 74 -2.41 20.50 24.48
CA GLU B 74 -0.97 20.61 24.10
C GLU B 74 -0.40 19.23 23.80
N SER B 75 -0.98 18.15 24.29
CA SER B 75 -0.53 16.77 24.01
C SER B 75 -0.69 16.43 22.52
N VAL B 76 -1.66 17.06 21.84
CA VAL B 76 -2.07 16.71 20.45
C VAL B 76 -1.04 17.26 19.47
N ASN B 77 -0.27 16.37 18.87
CA ASN B 77 0.72 16.71 17.82
C ASN B 77 -0.04 16.82 16.49
N CYS B 78 -0.55 18.02 16.20
CA CYS B 78 -1.31 18.36 14.96
C CYS B 78 -0.85 19.71 14.42
N SER B 79 -1.10 20.05 13.16
CA SER B 79 -0.50 21.25 12.51
C SER B 79 -1.34 22.51 12.78
N GLY B 80 -2.65 22.35 12.98
CA GLY B 80 -3.57 23.45 13.39
C GLY B 80 -3.31 23.93 14.82
N PRO B 81 -3.90 25.09 15.20
CA PRO B 81 -3.69 25.69 16.52
C PRO B 81 -4.51 25.01 17.61
N ILE B 82 -3.87 24.70 18.74
CA ILE B 82 -4.55 24.21 19.97
C ILE B 82 -5.56 25.28 20.46
N LEU B 83 -6.86 24.93 20.48
CA LEU B 83 -7.92 25.66 21.24
C LEU B 83 -8.42 24.77 22.39
N ALA B 84 -7.87 25.00 23.60
CA ALA B 84 -8.26 24.33 24.86
C ALA B 84 -9.78 24.49 25.05
N GLY B 85 -10.35 23.52 25.77
CA GLY B 85 -11.77 23.42 26.14
C GLY B 85 -11.97 22.31 27.18
N PRO B 86 -13.10 22.31 27.91
CA PRO B 86 -13.31 21.31 28.97
C PRO B 86 -13.63 19.89 28.47
N SER B 87 -13.20 18.86 29.20
CA SER B 87 -13.68 17.48 29.03
C SER B 87 -15.15 17.40 29.46
N LEU B 88 -15.79 16.25 29.25
CA LEU B 88 -17.15 15.97 29.77
C LEU B 88 -17.12 16.16 31.29
N HIS B 89 -16.13 15.57 31.98
CA HIS B 89 -15.98 15.70 33.46
C HIS B 89 -16.01 17.18 33.85
N GLU B 90 -15.05 17.96 33.36
CA GLU B 90 -14.91 19.40 33.67
C GLU B 90 -16.21 20.14 33.35
N TRP B 91 -16.80 19.96 32.17
CA TRP B 91 -17.99 20.73 31.73
C TRP B 91 -19.25 20.37 32.55
N ALA B 92 -19.38 19.15 33.05
CA ALA B 92 -20.54 18.72 33.88
C ALA B 92 -20.51 19.43 35.24
N ASP B 93 -19.33 19.88 35.66
CA ASP B 93 -19.13 20.86 36.78
C ASP B 93 -19.67 20.28 38.10
N GLY B 94 -19.40 19.00 38.40
CA GLY B 94 -19.78 18.36 39.66
C GLY B 94 -20.88 17.32 39.48
N ALA B 95 -21.70 17.45 38.41
CA ALA B 95 -22.86 16.55 38.11
C ALA B 95 -22.41 15.09 37.92
N ILE B 96 -21.10 14.81 37.77
CA ILE B 96 -20.59 13.41 37.64
C ILE B 96 -19.10 13.40 37.97
N GLY B 97 -18.64 12.33 38.62
CA GLY B 97 -17.28 12.20 39.17
C GLY B 97 -16.30 11.73 38.09
N PRO B 98 -14.97 11.96 38.27
CA PRO B 98 -13.99 11.66 37.22
C PRO B 98 -14.00 10.20 36.69
N ASP B 99 -14.25 9.21 37.55
CA ASP B 99 -14.03 7.79 37.18
C ASP B 99 -15.37 7.07 37.07
N ASP B 100 -16.43 7.81 36.76
CA ASP B 100 -17.83 7.34 36.62
C ASP B 100 -18.21 7.35 35.13
N TYR B 101 -19.21 6.56 34.79
CA TYR B 101 -19.62 6.33 33.40
C TYR B 101 -20.85 7.19 33.13
N PRO B 102 -20.72 8.27 32.35
CA PRO B 102 -21.87 9.08 32.03
C PRO B 102 -22.94 8.31 31.25
N THR B 103 -24.18 8.75 31.38
CA THR B 103 -25.26 8.42 30.43
C THR B 103 -24.80 8.88 29.06
N ARG B 104 -25.31 8.28 27.99
CA ARG B 104 -25.06 8.70 26.59
C ARG B 104 -25.80 10.01 26.33
N ALA B 105 -26.91 10.25 27.01
CA ALA B 105 -27.68 11.49 26.82
C ALA B 105 -26.88 12.68 27.39
N LEU B 106 -26.07 12.47 28.44
CA LEU B 106 -25.22 13.52 29.07
C LEU B 106 -24.09 13.97 28.11
N TYR B 107 -23.26 13.03 27.64
CA TYR B 107 -22.31 13.24 26.52
C TYR B 107 -23.04 14.05 25.43
N GLY B 108 -24.26 13.66 25.06
CA GLY B 108 -25.10 14.42 24.10
C GLY B 108 -25.23 15.89 24.49
N ARG B 109 -25.48 16.17 25.77
CA ARG B 109 -25.74 17.56 26.24
C ARG B 109 -24.43 18.37 26.07
N TYR B 110 -23.27 17.78 26.40
CA TYR B 110 -21.91 18.30 26.11
C TYR B 110 -21.72 18.58 24.61
N LEU B 111 -21.96 17.58 23.77
CA LEU B 111 -21.79 17.66 22.30
C LEU B 111 -22.71 18.71 21.69
N GLU B 112 -23.96 18.80 22.16
CA GLU B 112 -24.93 19.85 21.76
C GLU B 112 -24.33 21.25 22.06
N TRP B 113 -23.59 21.34 23.16
CA TRP B 113 -22.99 22.60 23.68
C TRP B 113 -21.72 22.93 22.90
N VAL B 114 -20.85 21.93 22.71
CA VAL B 114 -19.62 22.06 21.87
C VAL B 114 -20.04 22.65 20.53
N PHE B 115 -21.05 22.07 19.88
CA PHE B 115 -21.47 22.55 18.54
C PHE B 115 -21.84 24.02 18.62
N ALA B 116 -22.69 24.36 19.60
CA ALA B 116 -23.26 25.71 19.78
C ALA B 116 -22.14 26.68 20.19
N ARG B 117 -21.16 26.22 20.98
CA ARG B 117 -19.95 27.01 21.33
C ARG B 117 -19.11 27.27 20.08
N THR B 118 -18.91 26.23 19.26
CA THR B 118 -18.11 26.30 18.01
C THR B 118 -18.74 27.36 17.09
N LEU B 119 -20.07 27.48 17.04
CA LEU B 119 -20.82 28.48 16.22
C LEU B 119 -20.50 29.90 16.71
N ARG B 120 -20.39 30.08 18.02
CA ARG B 120 -20.22 31.42 18.65
C ARG B 120 -18.78 31.91 18.41
N HIS B 121 -17.77 31.03 18.50
CA HIS B 121 -16.34 31.37 18.24
C HIS B 121 -15.94 31.24 16.76
N ALA B 122 -16.84 30.89 15.85
CA ALA B 122 -16.52 30.93 14.40
C ALA B 122 -15.83 32.26 14.12
N PRO B 123 -14.62 32.32 13.52
CA PRO B 123 -14.04 33.60 13.16
C PRO B 123 -14.88 34.29 12.09
N PRO B 124 -14.68 35.60 11.80
CA PRO B 124 -15.57 36.34 10.90
C PRO B 124 -15.52 35.83 9.44
N SER B 125 -14.39 35.23 9.01
CA SER B 125 -14.23 34.64 7.66
C SER B 125 -15.14 33.43 7.45
N VAL B 126 -15.77 32.87 8.50
CA VAL B 126 -16.50 31.56 8.46
C VAL B 126 -17.97 31.75 8.85
N ARG B 127 -18.89 31.29 8.00
CA ARG B 127 -20.33 31.24 8.31
C ARG B 127 -20.80 29.79 8.19
N VAL B 128 -21.60 29.33 9.15
CA VAL B 128 -22.04 27.91 9.29
C VAL B 128 -23.53 27.83 8.99
N GLU B 129 -23.94 27.00 8.02
CA GLU B 129 -25.36 26.75 7.67
C GLU B 129 -25.69 25.29 7.92
N THR B 130 -26.57 24.98 8.87
CA THR B 130 -26.97 23.59 9.24
C THR B 130 -28.13 23.17 8.32
N HIS B 131 -28.33 21.86 8.13
CA HIS B 131 -29.37 21.30 7.24
C HIS B 131 -29.96 20.06 7.91
N ARG B 132 -31.21 20.13 8.36
CA ARG B 132 -31.89 18.97 9.00
C ARG B 132 -32.29 18.00 7.88
N ALA B 133 -31.35 17.22 7.36
CA ALA B 133 -31.58 16.42 6.13
C ALA B 133 -30.50 15.35 5.98
N ARG B 134 -30.78 14.33 5.17
CA ARG B 134 -29.84 13.23 4.84
C ARG B 134 -29.30 13.57 3.43
N ALA B 135 -27.97 13.70 3.26
CA ALA B 135 -27.34 13.83 1.93
C ALA B 135 -27.46 12.49 1.18
N VAL B 136 -27.82 12.49 -0.12
CA VAL B 136 -28.21 11.22 -0.87
C VAL B 136 -27.48 11.04 -2.19
N ARG B 137 -26.89 12.09 -2.78
CA ARG B 137 -26.05 12.01 -4.02
C ARG B 137 -24.87 12.98 -3.86
N LEU B 138 -23.68 12.54 -4.25
CA LEU B 138 -22.47 13.39 -4.44
C LEU B 138 -21.95 13.14 -5.85
N ASP B 139 -21.73 14.20 -6.62
CA ASP B 139 -21.21 14.11 -8.01
C ASP B 139 -20.25 15.27 -8.23
N ASP B 140 -19.29 15.08 -9.13
CA ASP B 140 -18.51 16.18 -9.76
C ASP B 140 -19.48 16.95 -10.67
N ALA B 141 -19.45 18.29 -10.61
CA ALA B 141 -19.99 19.21 -11.63
C ALA B 141 -19.02 19.27 -12.81
N ALA B 142 -19.46 19.85 -13.94
CA ALA B 142 -18.63 20.09 -15.14
C ALA B 142 -17.22 20.60 -14.75
N ASP B 143 -17.09 21.47 -13.74
CA ASP B 143 -15.83 22.25 -13.49
C ASP B 143 -14.98 21.66 -12.35
N GLY B 144 -15.30 20.46 -11.83
CA GLY B 144 -14.49 19.78 -10.79
C GLY B 144 -14.92 20.09 -9.36
N ARG B 145 -15.78 21.10 -9.16
CA ARG B 145 -16.49 21.37 -7.87
C ARG B 145 -17.65 20.39 -7.69
N GLN B 146 -18.21 20.32 -6.50
CA GLN B 146 -19.08 19.19 -6.03
C GLN B 146 -20.56 19.65 -5.96
N HIS B 147 -21.49 18.81 -6.45
CA HIS B 147 -22.96 18.89 -6.22
C HIS B 147 -23.33 17.89 -5.12
N LEU B 148 -23.96 18.34 -4.04
CA LEU B 148 -24.42 17.46 -2.92
C LEU B 148 -25.94 17.59 -2.79
N ALA B 149 -26.68 16.60 -3.28
CA ALA B 149 -28.15 16.48 -3.24
C ALA B 149 -28.63 16.01 -1.84
N LEU B 150 -29.56 16.75 -1.21
CA LEU B 150 -30.18 16.41 0.09
C LEU B 150 -31.58 15.80 -0.15
N ASP B 151 -32.00 14.89 0.74
CA ASP B 151 -33.31 14.18 0.67
C ASP B 151 -34.43 15.19 0.88
N ASN B 152 -34.15 16.44 1.27
CA ASN B 152 -35.23 17.46 1.38
C ASN B 152 -35.50 18.11 0.00
N GLY B 153 -35.07 17.51 -1.13
CA GLY B 153 -35.29 18.09 -2.48
C GLY B 153 -34.26 19.16 -2.88
N ARG B 154 -33.63 19.87 -1.93
CA ARG B 154 -32.57 20.90 -2.19
C ARG B 154 -31.23 20.26 -2.60
N THR B 155 -30.39 21.02 -3.34
CA THR B 155 -29.03 20.61 -3.80
C THR B 155 -28.01 21.71 -3.49
N LEU B 156 -26.98 21.40 -2.71
CA LEU B 156 -25.78 22.26 -2.50
C LEU B 156 -24.81 22.14 -3.69
N THR B 157 -24.43 23.25 -4.31
CA THR B 157 -23.63 23.31 -5.57
C THR B 157 -22.41 24.22 -5.39
N GLY B 158 -21.45 24.14 -6.31
CA GLY B 158 -20.22 24.96 -6.24
C GLY B 158 -19.46 24.69 -4.96
N LEU B 159 -19.44 23.43 -4.53
CA LEU B 159 -18.69 23.03 -3.30
C LEU B 159 -17.22 22.85 -3.66
N SER B 160 -16.33 23.34 -2.80
CA SER B 160 -14.86 23.20 -2.99
C SER B 160 -14.41 21.83 -2.45
N ALA B 161 -15.19 21.23 -1.55
CA ALA B 161 -14.77 20.06 -0.74
C ALA B 161 -15.99 19.50 -0.02
N VAL B 162 -16.08 18.19 0.06
CA VAL B 162 -17.04 17.49 0.94
C VAL B 162 -16.22 16.61 1.89
N VAL B 163 -16.51 16.66 3.18
CA VAL B 163 -16.05 15.66 4.16
C VAL B 163 -17.20 14.70 4.51
N LEU B 164 -16.93 13.40 4.52
CA LEU B 164 -17.89 12.34 4.96
C LEU B 164 -17.50 11.89 6.37
N ALA B 165 -18.22 12.35 7.37
CA ALA B 165 -18.08 11.87 8.77
C ALA B 165 -19.37 11.14 9.18
N GLN B 166 -19.75 10.14 8.39
CA GLN B 166 -21.05 9.45 8.42
C GLN B 166 -21.13 8.38 9.54
N GLY B 167 -20.03 8.03 10.20
CA GLY B 167 -20.10 7.11 11.34
C GLY B 167 -20.93 5.87 11.07
N HIS B 168 -21.75 5.47 12.05
CA HIS B 168 -22.52 4.20 12.08
C HIS B 168 -23.67 4.23 11.08
N LEU B 169 -23.68 3.31 10.14
CA LEU B 169 -24.61 3.35 9.01
C LEU B 169 -25.47 2.09 8.98
N PRO B 170 -26.73 2.25 8.54
CA PRO B 170 -27.59 1.11 8.27
C PRO B 170 -27.00 0.27 7.14
N VAL B 171 -27.33 -1.01 7.19
CA VAL B 171 -26.93 -2.09 6.26
C VAL B 171 -28.21 -2.72 5.68
N ARG B 172 -28.19 -3.12 4.41
CA ARG B 172 -29.30 -3.89 3.80
C ARG B 172 -29.35 -5.22 4.54
N PRO B 173 -30.54 -5.73 4.94
CA PRO B 173 -30.63 -6.94 5.76
C PRO B 173 -29.98 -8.17 5.10
N SER B 174 -29.22 -8.95 5.88
CA SER B 174 -28.53 -10.19 5.44
C SER B 174 -29.57 -11.27 5.09
N ALA B 175 -29.15 -12.34 4.42
CA ALA B 175 -30.04 -13.45 4.03
C ALA B 175 -30.75 -13.95 5.30
N ALA B 176 -29.96 -14.18 6.37
CA ALA B 176 -30.40 -14.71 7.69
C ALA B 176 -31.42 -13.75 8.32
N VAL B 177 -31.14 -12.45 8.26
CA VAL B 177 -32.05 -11.43 8.87
C VAL B 177 -33.38 -11.41 8.09
N LEU B 178 -33.36 -11.58 6.77
CA LEU B 178 -34.61 -11.61 5.97
C LEU B 178 -35.44 -12.83 6.36
N ARG B 179 -34.80 -14.00 6.53
CA ARG B 179 -35.50 -15.25 6.92
C ARG B 179 -36.18 -14.99 8.28
N ASP B 180 -35.42 -14.58 9.29
CA ASP B 180 -35.97 -14.31 10.65
C ASP B 180 -37.04 -13.20 10.56
N THR B 181 -36.98 -12.27 9.61
CA THR B 181 -38.00 -11.17 9.50
C THR B 181 -39.22 -11.72 8.75
N GLU B 182 -39.05 -12.60 7.75
CA GLU B 182 -40.18 -13.27 7.04
C GLU B 182 -40.92 -14.12 8.07
N HIS B 183 -40.18 -14.96 8.80
CA HIS B 183 -40.70 -15.82 9.89
C HIS B 183 -41.56 -15.03 10.89
N ALA B 184 -41.15 -13.83 11.30
CA ALA B 184 -41.89 -13.05 12.32
C ALA B 184 -43.22 -12.53 11.73
N ASP B 185 -43.24 -12.18 10.44
CA ASP B 185 -44.46 -11.71 9.70
C ASP B 185 -45.43 -12.90 9.59
N ARG B 186 -44.96 -14.02 9.03
CA ARG B 186 -45.71 -15.30 8.85
C ARG B 186 -46.33 -15.74 10.20
N HIS B 187 -45.78 -15.41 11.38
CA HIS B 187 -46.23 -16.01 12.67
C HIS B 187 -46.53 -14.96 13.77
N ALA B 188 -46.56 -13.67 13.45
CA ALA B 188 -46.95 -12.61 14.42
C ALA B 188 -45.95 -12.52 15.59
N LEU B 189 -44.66 -12.78 15.34
CA LEU B 189 -43.56 -12.63 16.33
C LEU B 189 -42.82 -11.31 16.08
N ARG B 190 -41.94 -10.91 17.00
CA ARG B 190 -41.08 -9.70 16.92
C ARG B 190 -39.64 -10.14 16.62
N HIS B 191 -39.10 -9.73 15.47
CA HIS B 191 -37.65 -9.77 15.12
C HIS B 191 -37.13 -8.34 15.12
N ILE B 192 -36.04 -8.10 15.84
CA ILE B 192 -35.41 -6.75 15.92
C ILE B 192 -33.99 -6.86 15.39
N PRO B 193 -33.70 -6.36 14.18
CA PRO B 193 -32.41 -6.59 13.54
C PRO B 193 -31.37 -5.71 14.20
N PRO B 194 -30.09 -5.94 13.85
CA PRO B 194 -28.98 -5.18 14.44
C PRO B 194 -29.26 -3.68 14.33
N ALA B 195 -29.04 -2.95 15.42
CA ALA B 195 -29.42 -1.54 15.60
C ALA B 195 -28.82 -1.01 16.89
N ASN B 196 -28.73 0.31 17.02
CA ASN B 196 -28.42 0.93 18.34
C ASN B 196 -29.64 0.67 19.23
N PRO B 197 -29.49 -0.07 20.35
CA PRO B 197 -30.61 -0.30 21.28
C PRO B 197 -31.46 0.96 21.56
N ALA B 198 -30.86 2.16 21.53
CA ALA B 198 -31.60 3.41 21.81
C ALA B 198 -32.61 3.67 20.70
N ASP B 199 -32.63 2.93 19.60
CA ASP B 199 -33.38 3.29 18.36
C ASP B 199 -34.55 2.32 18.16
N VAL B 200 -34.58 1.29 19.00
CA VAL B 200 -35.45 0.10 18.88
C VAL B 200 -36.69 0.33 19.75
N ASP B 201 -37.88 -0.01 19.26
CA ASP B 201 -39.17 0.11 20.00
C ASP B 201 -39.38 -1.19 20.80
N LEU B 202 -39.05 -1.17 22.09
CA LEU B 202 -39.10 -2.34 23.01
C LEU B 202 -40.49 -2.43 23.67
N THR B 203 -41.31 -1.40 23.59
CA THR B 203 -42.69 -1.33 24.16
C THR B 203 -43.61 -2.45 23.61
N VAL B 204 -43.36 -3.01 22.42
CA VAL B 204 -44.15 -4.13 21.85
C VAL B 204 -43.94 -5.44 22.67
N ILE B 205 -43.01 -5.49 23.63
CA ILE B 205 -42.59 -6.72 24.38
C ILE B 205 -43.40 -6.77 25.67
N SER B 206 -44.22 -7.80 25.88
CA SER B 206 -45.17 -7.82 27.04
C SER B 206 -44.46 -8.38 28.26
N PRO B 207 -44.97 -8.09 29.48
CA PRO B 207 -44.46 -8.69 30.71
C PRO B 207 -44.60 -10.20 30.59
N GLY B 208 -43.56 -10.95 30.94
CA GLY B 208 -43.50 -12.42 30.90
C GLY B 208 -43.08 -12.97 29.55
N GLU B 209 -42.99 -12.15 28.52
CA GLU B 209 -42.69 -12.69 27.17
C GLU B 209 -41.31 -13.33 27.18
N PRO B 210 -41.15 -14.53 26.61
CA PRO B 210 -39.82 -15.09 26.37
C PRO B 210 -39.14 -14.38 25.17
N VAL B 211 -38.05 -13.70 25.48
CA VAL B 211 -37.22 -12.85 24.59
C VAL B 211 -35.81 -13.44 24.53
N LEU B 212 -35.28 -13.70 23.32
CA LEU B 212 -33.83 -13.99 23.12
C LEU B 212 -33.08 -12.70 22.75
N LEU B 213 -32.15 -12.27 23.60
CA LEU B 213 -31.06 -11.33 23.25
C LEU B 213 -29.90 -12.16 22.69
N ARG B 214 -29.72 -12.16 21.37
CA ARG B 214 -28.58 -12.84 20.70
C ARG B 214 -27.38 -11.89 20.66
N GLY B 215 -26.38 -12.20 21.48
CA GLY B 215 -25.21 -11.34 21.76
C GLY B 215 -25.10 -11.02 23.25
N LEU B 216 -23.88 -10.95 23.78
CA LEU B 216 -23.62 -10.72 25.22
C LEU B 216 -22.56 -9.64 25.40
N GLY B 217 -22.56 -8.63 24.54
CA GLY B 217 -21.63 -7.50 24.60
C GLY B 217 -22.37 -6.27 25.05
N LEU B 218 -21.98 -5.10 24.54
CA LEU B 218 -22.40 -3.81 25.15
C LEU B 218 -23.86 -3.52 24.80
N ASN B 219 -24.34 -4.04 23.67
CA ASN B 219 -25.75 -3.88 23.22
C ASN B 219 -26.66 -4.70 24.13
N PHE B 220 -26.27 -5.93 24.45
CA PHE B 220 -26.94 -6.81 25.44
C PHE B 220 -27.14 -6.02 26.75
N PHE B 221 -26.08 -5.41 27.28
CA PHE B 221 -26.16 -4.63 28.56
C PHE B 221 -27.16 -3.47 28.42
N ASP B 222 -27.40 -2.97 27.22
CA ASP B 222 -28.40 -1.88 27.02
C ASP B 222 -29.81 -2.47 27.11
N HIS B 223 -30.08 -3.54 26.39
CA HIS B 223 -31.41 -4.23 26.36
C HIS B 223 -31.73 -4.71 27.78
N MET B 224 -30.78 -5.38 28.41
CA MET B 224 -30.81 -5.75 29.86
C MET B 224 -31.37 -4.56 30.66
N ALA B 225 -30.77 -3.38 30.53
CA ALA B 225 -31.17 -2.20 31.32
C ALA B 225 -32.56 -1.72 30.88
N LEU B 226 -32.80 -1.64 29.58
CA LEU B 226 -34.09 -1.07 29.09
C LEU B 226 -35.26 -1.99 29.53
N LEU B 227 -35.02 -3.30 29.55
CA LEU B 227 -36.06 -4.31 29.85
C LEU B 227 -36.19 -4.52 31.38
N THR B 228 -35.40 -3.86 32.21
CA THR B 228 -35.43 -4.02 33.68
C THR B 228 -35.69 -2.64 34.33
N THR B 229 -34.63 -1.92 34.74
CA THR B 229 -34.74 -0.53 35.29
C THR B 229 -35.50 0.39 34.31
N GLY B 230 -35.44 0.16 32.99
CA GLY B 230 -36.27 0.85 31.99
C GLY B 230 -37.78 0.58 32.14
N ARG B 231 -38.20 -0.46 32.87
CA ARG B 231 -39.64 -0.78 33.07
C ARG B 231 -39.97 -0.77 34.57
N GLY B 232 -39.31 0.08 35.34
CA GLY B 232 -39.66 0.36 36.73
C GLY B 232 -38.91 -0.53 37.70
N GLY B 233 -38.05 -1.43 37.22
CA GLY B 233 -37.13 -2.20 38.09
C GLY B 233 -36.23 -1.29 38.90
N THR B 234 -35.73 -1.73 40.05
CA THR B 234 -34.70 -0.98 40.83
C THR B 234 -33.75 -1.96 41.49
N TYR B 235 -32.61 -1.47 41.96
CA TYR B 235 -31.59 -2.23 42.70
C TYR B 235 -31.47 -1.66 44.12
N VAL B 236 -31.10 -2.50 45.07
CA VAL B 236 -30.83 -2.12 46.48
C VAL B 236 -29.55 -2.87 46.88
N ARG B 237 -28.62 -2.20 47.59
CA ARG B 237 -27.41 -2.82 48.20
C ARG B 237 -27.76 -3.14 49.66
N GLU B 238 -27.45 -4.36 50.10
CA GLU B 238 -27.58 -4.83 51.51
C GLU B 238 -26.32 -5.59 51.90
N ASP B 239 -25.53 -5.03 52.83
CA ASP B 239 -24.23 -5.60 53.27
C ASP B 239 -23.39 -5.88 52.02
N GLY B 240 -23.14 -4.85 51.19
CA GLY B 240 -22.20 -4.90 50.05
C GLY B 240 -22.81 -5.44 48.76
N VAL B 241 -23.53 -6.57 48.81
CA VAL B 241 -24.04 -7.28 47.58
C VAL B 241 -25.51 -6.89 47.34
N LEU B 242 -25.84 -6.89 46.03
CA LEU B 242 -26.88 -6.11 45.30
C LEU B 242 -28.08 -7.03 45.02
N ARG B 243 -29.29 -6.52 45.12
CA ARG B 243 -30.52 -7.31 44.88
C ARG B 243 -31.44 -6.53 43.94
N TYR B 244 -31.90 -7.16 42.87
CA TYR B 244 -32.88 -6.57 41.93
C TYR B 244 -34.31 -6.68 42.49
N VAL B 245 -35.06 -5.58 42.48
CA VAL B 245 -36.47 -5.49 42.97
C VAL B 245 -37.35 -5.43 41.75
N PRO B 246 -37.92 -6.56 41.30
CA PRO B 246 -38.77 -6.57 40.10
C PRO B 246 -39.94 -5.60 40.24
N SER B 247 -40.39 -5.07 39.11
CA SER B 247 -41.57 -4.18 38.95
C SER B 247 -42.80 -5.01 38.56
N GLY B 248 -42.60 -6.18 37.92
CA GLY B 248 -43.68 -7.00 37.36
C GLY B 248 -43.89 -6.80 35.87
N ARG B 249 -43.24 -5.79 35.27
CA ARG B 249 -43.35 -5.47 33.82
C ARG B 249 -42.25 -6.19 33.01
N GLU B 250 -41.22 -6.76 33.65
CA GLU B 250 -40.08 -7.44 32.98
C GLU B 250 -40.53 -8.63 32.13
N PRO B 251 -39.93 -8.83 30.94
CA PRO B 251 -40.10 -10.08 30.20
C PRO B 251 -39.24 -11.20 30.79
N ARG B 252 -39.40 -12.43 30.29
CA ARG B 252 -38.50 -13.56 30.60
C ARG B 252 -37.34 -13.44 29.62
N VAL B 253 -36.23 -12.87 30.08
CA VAL B 253 -35.07 -12.54 29.22
C VAL B 253 -34.12 -13.73 29.22
N TYR B 254 -33.91 -14.31 28.05
CA TYR B 254 -32.81 -15.26 27.75
C TYR B 254 -31.78 -14.51 26.89
N ALA B 255 -30.53 -14.92 26.94
CA ALA B 255 -29.44 -14.33 26.14
C ALA B 255 -28.35 -15.38 25.90
N GLY B 256 -27.64 -15.29 24.77
CA GLY B 256 -26.51 -16.19 24.44
C GLY B 256 -25.58 -15.60 23.39
N SER B 257 -24.51 -16.32 23.06
CA SER B 257 -23.53 -15.97 22.01
C SER B 257 -22.68 -17.20 21.70
N ARG B 258 -21.81 -17.15 20.68
CA ARG B 258 -20.91 -18.31 20.38
C ARG B 258 -20.06 -18.57 21.63
N ARG B 259 -19.48 -17.55 22.21
CA ARG B 259 -18.58 -17.71 23.39
C ARG B 259 -19.44 -18.07 24.62
N GLY B 260 -20.57 -17.38 24.76
CA GLY B 260 -21.60 -17.66 25.78
C GLY B 260 -21.30 -16.97 27.09
N LEU B 261 -20.50 -15.89 27.10
CA LEU B 261 -20.17 -15.14 28.34
C LEU B 261 -20.44 -13.66 28.15
N PRO B 262 -21.00 -12.99 29.16
CA PRO B 262 -20.98 -11.54 29.20
C PRO B 262 -19.55 -11.04 28.97
N TYR B 263 -19.45 -9.92 28.26
CA TYR B 263 -18.19 -9.16 28.11
C TYR B 263 -17.66 -8.84 29.51
N GLN B 264 -16.34 -8.85 29.69
CA GLN B 264 -15.69 -8.64 31.00
C GLN B 264 -15.84 -7.19 31.45
N ALA B 265 -15.79 -7.02 32.75
CA ALA B 265 -15.95 -5.72 33.42
C ALA B 265 -14.70 -4.91 33.11
N ARG B 266 -14.85 -3.64 32.74
CA ARG B 266 -13.70 -2.72 32.78
C ARG B 266 -13.24 -2.72 34.23
N GLY B 267 -11.98 -3.05 34.50
CA GLY B 267 -11.32 -2.60 35.73
C GLY B 267 -11.75 -1.19 36.07
N ASP B 268 -12.11 -0.91 37.33
CA ASP B 268 -12.39 0.47 37.82
C ASP B 268 -11.12 1.28 37.64
N ASN B 269 -11.25 2.58 37.40
CA ASN B 269 -10.10 3.39 36.94
C ASN B 269 -9.24 3.87 38.12
N ALA B 270 -7.97 3.44 38.15
CA ALA B 270 -6.90 3.94 39.05
C ALA B 270 -5.87 4.79 38.27
N LYS B 271 -5.98 4.89 36.93
CA LYS B 271 -4.98 5.55 36.02
C LYS B 271 -5.23 7.06 35.88
N GLY B 272 -6.21 7.64 36.57
CA GLY B 272 -6.55 9.06 36.46
C GLY B 272 -7.06 9.34 35.05
N PRO B 273 -7.15 10.62 34.62
CA PRO B 273 -7.65 10.93 33.28
C PRO B 273 -6.70 10.62 32.11
N TYR B 274 -5.39 10.44 32.39
CA TYR B 274 -4.29 10.42 31.38
C TYR B 274 -3.36 9.21 31.52
N GLY B 275 -3.29 8.58 32.69
CA GLY B 275 -2.35 7.46 32.91
C GLY B 275 -2.63 6.34 31.92
N ARG B 276 -1.60 5.63 31.52
CA ARG B 276 -1.72 4.45 30.64
C ARG B 276 -0.39 3.73 30.58
N HIS B 277 -0.43 2.42 30.38
CA HIS B 277 0.76 1.56 30.28
C HIS B 277 1.54 1.98 29.04
N LEU B 278 2.74 2.52 29.19
CA LEU B 278 3.61 2.87 28.02
C LEU B 278 4.28 1.59 27.57
N PRO B 279 4.21 1.26 26.25
CA PRO B 279 4.58 -0.07 25.77
C PRO B 279 6.09 -0.31 25.84
N GLU B 280 6.55 -1.48 26.29
CA GLU B 280 7.99 -1.84 26.34
C GLU B 280 8.31 -3.06 25.46
N VAL B 281 7.31 -3.65 24.79
CA VAL B 281 7.53 -4.71 23.76
C VAL B 281 7.07 -4.20 22.40
N LEU B 282 5.85 -3.69 22.27
CA LEU B 282 5.37 -3.08 21.00
C LEU B 282 5.82 -1.61 20.97
N THR B 283 7.14 -1.41 20.85
CA THR B 283 7.82 -0.10 20.81
C THR B 283 7.72 0.51 19.41
N PRO B 284 7.85 1.84 19.27
CA PRO B 284 7.97 2.49 17.95
C PRO B 284 8.95 1.86 16.93
N GLU B 285 10.12 1.36 17.39
CA GLU B 285 11.16 0.66 16.58
C GLU B 285 10.53 -0.55 15.90
N ALA B 286 9.78 -1.33 16.68
CA ALA B 286 9.11 -2.58 16.26
C ALA B 286 8.00 -2.28 15.24
N VAL B 287 7.22 -1.24 15.53
CA VAL B 287 6.09 -0.77 14.68
C VAL B 287 6.63 -0.38 13.30
N SER B 288 7.70 0.42 13.29
CA SER B 288 8.43 0.86 12.07
C SER B 288 8.89 -0.36 11.26
N ALA B 289 9.53 -1.34 11.88
CA ALA B 289 10.05 -2.51 11.13
C ALA B 289 8.88 -3.23 10.44
N PHE B 290 7.73 -3.31 11.08
CA PHE B 290 6.54 -4.03 10.55
C PHE B 290 6.04 -3.28 9.31
N ARG B 291 5.95 -1.94 9.37
CA ARG B 291 5.52 -1.07 8.24
C ARG B 291 6.43 -1.30 7.04
N LYS B 292 7.74 -1.17 7.22
CA LYS B 292 8.73 -1.38 6.14
C LYS B 292 8.42 -2.75 5.52
N ARG B 293 8.31 -3.78 6.36
CA ARG B 293 8.00 -5.15 5.88
C ARG B 293 6.68 -5.12 5.08
N ALA B 294 5.58 -4.52 5.56
CA ALA B 294 4.27 -4.47 4.85
C ALA B 294 4.40 -3.73 3.50
N ASP B 295 5.14 -2.62 3.46
CA ASP B 295 5.33 -1.74 2.27
C ASP B 295 6.22 -2.42 1.22
N SER B 296 7.27 -3.10 1.67
CA SER B 296 8.27 -3.72 0.78
C SER B 296 7.93 -5.19 0.53
N GLY B 297 6.71 -5.63 0.83
CA GLY B 297 6.12 -6.85 0.26
C GLY B 297 5.83 -7.92 1.30
N GLU B 298 6.84 -8.34 2.05
CA GLU B 298 6.71 -9.40 3.08
C GLU B 298 5.98 -8.87 4.34
N ALA B 299 4.64 -8.89 4.33
CA ALA B 299 3.77 -8.24 5.36
C ALA B 299 3.61 -9.16 6.57
N PRO B 300 3.64 -8.59 7.78
CA PRO B 300 3.47 -9.37 9.01
C PRO B 300 2.22 -10.25 9.03
N ASP B 301 2.42 -11.51 9.45
CA ASP B 301 1.37 -12.42 9.97
C ASP B 301 1.05 -11.93 11.38
N PHE B 302 -0.24 -11.65 11.67
CA PHE B 302 -0.63 -11.10 12.99
C PHE B 302 -0.31 -12.10 14.10
N LEU B 303 -0.65 -13.37 13.85
CA LEU B 303 -0.50 -14.46 14.83
C LEU B 303 0.98 -14.76 15.05
N ARG B 304 1.78 -14.97 13.99
CA ARG B 304 3.23 -15.32 14.16
C ARG B 304 4.07 -14.12 14.65
N ASP B 305 3.83 -12.88 14.19
CA ASP B 305 4.82 -11.77 14.36
C ASP B 305 4.33 -10.72 15.36
N ILE B 306 3.02 -10.55 15.53
CA ILE B 306 2.51 -9.41 16.34
C ILE B 306 1.92 -9.90 17.66
N TRP B 307 1.16 -11.00 17.65
CA TRP B 307 0.52 -11.56 18.87
C TRP B 307 1.56 -11.69 19.99
N PRO B 308 2.73 -12.33 19.74
CA PRO B 308 3.73 -12.53 20.78
C PRO B 308 4.11 -11.25 21.53
N LEU B 309 4.17 -10.14 20.82
CA LEU B 309 4.59 -8.85 21.44
C LEU B 309 3.44 -8.38 22.33
N VAL B 310 2.20 -8.57 21.89
CA VAL B 310 1.02 -8.13 22.69
C VAL B 310 0.96 -9.03 23.91
N ALA B 311 1.05 -10.35 23.67
CA ALA B 311 0.99 -11.39 24.72
C ALA B 311 2.00 -11.07 25.83
N LYS B 312 3.25 -10.76 25.46
CA LYS B 312 4.33 -10.37 26.38
C LYS B 312 3.98 -9.06 27.11
N GLU B 313 3.49 -8.03 26.44
CA GLU B 313 3.14 -6.73 27.13
C GLU B 313 2.20 -7.03 28.30
N VAL B 314 1.18 -7.84 28.01
CA VAL B 314 0.02 -8.13 28.92
C VAL B 314 0.57 -8.94 30.10
N GLU B 315 1.10 -10.12 29.79
CA GLU B 315 1.60 -11.08 30.79
C GLU B 315 2.54 -10.35 31.75
N THR B 316 3.49 -9.60 31.20
CA THR B 316 4.48 -8.84 31.99
C THR B 316 3.72 -7.98 33.00
N VAL B 317 2.74 -7.21 32.58
CA VAL B 317 2.07 -6.24 33.51
C VAL B 317 1.31 -7.05 34.57
N TYR B 318 0.80 -8.22 34.19
CA TYR B 318 0.07 -9.13 35.12
C TYR B 318 1.05 -9.52 36.23
N TYR B 319 2.13 -10.20 35.82
CA TYR B 319 3.14 -10.80 36.72
C TYR B 319 3.81 -9.68 37.55
N THR B 320 4.06 -8.51 36.97
CA THR B 320 4.62 -7.33 37.71
C THR B 320 3.69 -7.00 38.89
N ALA B 321 2.38 -6.86 38.66
CA ALA B 321 1.38 -6.47 39.70
C ALA B 321 1.18 -7.60 40.72
N LEU B 322 1.52 -8.85 40.35
CA LEU B 322 1.35 -10.10 41.14
C LEU B 322 2.56 -10.31 42.04
N VAL B 323 3.74 -9.87 41.64
CA VAL B 323 5.05 -10.08 42.35
C VAL B 323 5.44 -8.81 43.10
N ARG B 324 5.10 -7.64 42.57
CA ARG B 324 5.25 -6.29 43.22
C ARG B 324 6.68 -6.12 43.75
N HIS B 325 7.70 -6.46 42.95
CA HIS B 325 9.14 -6.45 43.33
C HIS B 325 9.94 -5.66 42.29
N PRO B 326 10.51 -4.47 42.63
CA PRO B 326 11.27 -3.68 41.66
C PRO B 326 12.27 -4.39 40.72
N ASP B 327 12.77 -5.59 41.06
CA ASP B 327 13.82 -6.33 40.28
C ASP B 327 13.24 -7.20 39.14
N PHE B 328 11.92 -7.46 39.15
CA PHE B 328 11.25 -8.47 38.28
C PHE B 328 11.01 -7.90 36.88
N ALA B 329 10.36 -6.71 36.79
CA ALA B 329 9.91 -6.06 35.54
C ALA B 329 11.04 -6.10 34.51
N PRO B 330 12.22 -5.48 34.76
CA PRO B 330 13.29 -5.40 33.75
C PRO B 330 13.92 -6.76 33.43
N ARG B 331 13.95 -7.66 34.40
CA ARG B 331 14.54 -9.00 34.17
C ARG B 331 13.58 -9.83 33.30
N TYR B 332 12.26 -9.66 33.46
CA TYR B 332 11.24 -10.45 32.70
C TYR B 332 11.24 -9.94 31.25
N LEU B 333 11.27 -8.60 31.10
CA LEU B 333 11.19 -7.90 29.78
C LEU B 333 12.33 -8.32 28.85
N SER B 334 13.51 -8.67 29.40
CA SER B 334 14.74 -9.02 28.63
C SER B 334 14.64 -10.41 28.00
N LEU B 335 13.63 -11.22 28.36
CA LEU B 335 13.46 -12.60 27.81
C LEU B 335 12.51 -12.53 26.62
N PRO B 336 12.76 -13.31 25.55
CA PRO B 336 11.80 -13.41 24.44
C PRO B 336 10.58 -14.23 24.90
N TYR B 337 9.41 -14.01 24.28
CA TYR B 337 8.12 -14.67 24.59
C TYR B 337 8.20 -16.19 24.39
N GLY B 338 7.64 -16.97 25.34
CA GLY B 338 7.57 -18.44 25.27
C GLY B 338 8.90 -19.11 25.59
N ASP B 339 9.93 -18.36 25.99
CA ASP B 339 11.29 -18.88 26.28
C ASP B 339 11.21 -19.78 27.52
N PRO B 340 12.01 -20.87 27.63
CA PRO B 340 11.96 -21.72 28.82
C PRO B 340 12.32 -20.94 30.11
N GLN B 341 13.09 -19.85 30.02
CA GLN B 341 13.55 -19.05 31.19
C GLN B 341 12.42 -18.18 31.76
N GLU B 342 11.30 -17.99 31.02
CA GLU B 342 10.11 -17.26 31.52
C GLU B 342 9.60 -17.96 32.79
N ALA B 343 9.42 -19.28 32.70
CA ALA B 343 8.95 -20.16 33.80
C ALA B 343 9.94 -20.09 34.98
N GLU B 344 11.24 -20.26 34.70
CA GLU B 344 12.34 -20.27 35.72
C GLU B 344 12.34 -18.95 36.50
N LEU B 345 12.26 -17.80 35.83
CA LEU B 345 12.30 -16.47 36.51
C LEU B 345 11.04 -16.28 37.36
N LEU B 346 9.92 -16.88 36.95
CA LEU B 346 8.63 -16.77 37.70
C LEU B 346 8.78 -17.60 38.98
N ALA B 347 9.15 -18.88 38.83
CA ALA B 347 9.54 -19.80 39.93
C ALA B 347 10.42 -19.04 40.95
N GLU B 348 11.51 -18.41 40.50
CA GLU B 348 12.50 -17.72 41.36
C GLU B 348 11.81 -16.63 42.22
N PHE B 349 10.73 -16.01 41.74
CA PHE B 349 10.03 -14.91 42.47
C PHE B 349 8.77 -15.45 43.17
N GLY B 350 8.60 -16.77 43.19
CA GLY B 350 7.59 -17.44 44.02
C GLY B 350 6.22 -17.23 43.45
N VAL B 351 6.03 -17.70 42.23
CA VAL B 351 4.73 -17.68 41.51
C VAL B 351 4.36 -19.13 41.23
N ASP B 352 3.40 -19.68 41.98
CA ASP B 352 2.84 -21.05 41.79
C ASP B 352 2.58 -21.27 40.29
N ALA B 353 2.81 -22.48 39.77
CA ALA B 353 2.37 -22.92 38.44
C ALA B 353 0.84 -22.82 38.31
N ASP B 354 0.14 -22.53 39.42
CA ASP B 354 -1.33 -22.34 39.53
C ASP B 354 -1.74 -20.91 39.23
N ALA B 355 -0.89 -19.91 39.48
CA ALA B 355 -1.18 -18.48 39.22
C ALA B 355 -0.56 -17.99 37.89
N ARG B 356 0.12 -18.89 37.15
CA ARG B 356 0.65 -18.70 35.77
C ARG B 356 -0.50 -18.24 34.87
N TRP B 357 -0.24 -17.30 33.94
CA TRP B 357 -1.21 -16.81 32.93
C TRP B 357 -1.55 -17.92 31.94
N ASP B 358 -2.82 -18.07 31.58
CA ASP B 358 -3.33 -19.09 30.62
C ASP B 358 -4.36 -18.40 29.72
N TRP B 359 -4.04 -18.21 28.43
CA TRP B 359 -4.90 -17.47 27.47
C TRP B 359 -6.17 -18.25 27.15
N GLU B 360 -6.15 -19.59 27.27
CA GLU B 360 -7.37 -20.42 27.07
C GLU B 360 -8.29 -20.22 28.27
N ARG B 361 -7.76 -20.22 29.50
CA ARG B 361 -8.58 -19.89 30.69
C ARG B 361 -9.19 -18.50 30.51
N VAL B 362 -8.45 -17.52 30.02
CA VAL B 362 -8.93 -16.11 30.01
C VAL B 362 -10.06 -15.98 28.98
N SER B 363 -9.87 -16.55 27.79
CA SER B 363 -10.77 -16.34 26.63
C SER B 363 -11.96 -17.29 26.71
N ARG B 364 -11.79 -18.45 27.35
CA ARG B 364 -12.73 -19.60 27.34
C ARG B 364 -12.71 -20.20 28.76
N PRO B 365 -13.08 -19.46 29.83
CA PRO B 365 -12.85 -19.89 31.21
C PRO B 365 -13.58 -21.19 31.60
N TYR B 366 -14.64 -21.56 30.88
CA TYR B 366 -15.41 -22.80 31.15
C TYR B 366 -14.73 -24.01 30.52
N ALA B 367 -13.55 -23.85 29.93
CA ALA B 367 -12.94 -24.81 28.98
C ALA B 367 -12.88 -26.22 29.57
N GLN B 368 -12.36 -26.38 30.79
CA GLN B 368 -12.25 -27.69 31.50
C GLN B 368 -13.63 -28.38 31.50
N ARG B 369 -14.64 -27.71 32.06
CA ARG B 369 -15.89 -28.28 32.61
C ARG B 369 -16.78 -28.84 31.49
N GLU B 370 -17.49 -29.93 31.80
CA GLU B 370 -18.75 -30.34 31.13
C GLU B 370 -19.93 -29.87 32.00
N PHE B 371 -21.13 -29.80 31.44
CA PHE B 371 -22.31 -29.28 32.17
C PHE B 371 -23.46 -30.27 31.97
N ALA B 372 -23.98 -30.81 33.07
CA ALA B 372 -24.99 -31.89 33.07
C ALA B 372 -26.37 -31.32 32.69
N HIS B 373 -26.63 -30.07 33.14
CA HIS B 373 -27.91 -29.31 32.96
C HIS B 373 -27.71 -27.82 33.23
N ARG B 374 -28.74 -27.01 32.96
CA ARG B 374 -28.73 -25.50 33.06
C ARG B 374 -28.24 -25.05 34.42
N GLY B 375 -28.54 -25.84 35.44
CA GLY B 375 -28.25 -25.46 36.82
C GLY B 375 -26.76 -25.53 37.10
N GLU B 376 -26.07 -26.50 36.49
CA GLU B 376 -24.59 -26.57 36.59
C GLU B 376 -24.04 -25.32 35.91
N TRP B 377 -24.52 -25.03 34.70
CA TRP B 377 -24.16 -23.80 33.94
C TRP B 377 -24.43 -22.56 34.80
N ARG B 378 -25.63 -22.38 35.36
CA ARG B 378 -26.02 -21.15 36.10
C ARG B 378 -25.09 -21.00 37.31
N GLN B 379 -24.79 -22.09 38.01
CA GLN B 379 -24.00 -22.07 39.28
C GLN B 379 -22.57 -21.61 38.93
N TRP B 380 -22.02 -22.17 37.85
CA TRP B 380 -20.64 -21.83 37.41
C TRP B 380 -20.58 -20.36 36.94
N LEU B 381 -21.55 -19.92 36.13
CA LEU B 381 -21.59 -18.55 35.58
C LEU B 381 -21.64 -17.54 36.71
N LEU B 382 -22.43 -17.79 37.74
CA LEU B 382 -22.53 -16.89 38.91
C LEU B 382 -21.17 -16.79 39.63
N GLY B 383 -20.44 -17.89 39.70
CA GLY B 383 -19.06 -17.85 40.23
C GLY B 383 -18.17 -16.96 39.38
N TYR B 384 -18.20 -17.16 38.05
CA TYR B 384 -17.44 -16.37 37.05
C TYR B 384 -17.79 -14.87 37.16
N LEU B 385 -19.06 -14.48 37.21
CA LEU B 385 -19.45 -13.04 37.28
C LEU B 385 -19.04 -12.45 38.63
N ARG B 386 -18.97 -13.24 39.69
CA ARG B 386 -18.65 -12.68 41.02
C ARG B 386 -17.15 -12.42 41.04
N ALA B 387 -16.35 -13.33 40.47
CA ALA B 387 -14.87 -13.18 40.35
C ALA B 387 -14.57 -11.93 39.49
N ASP B 388 -15.12 -11.87 38.28
CA ASP B 388 -14.98 -10.74 37.33
C ASP B 388 -15.28 -9.40 38.03
N ALA B 389 -16.36 -9.29 38.80
CA ALA B 389 -16.72 -8.04 39.52
C ALA B 389 -15.69 -7.72 40.60
N ALA B 390 -15.22 -8.73 41.32
CA ALA B 390 -14.19 -8.60 42.38
C ALA B 390 -12.88 -8.09 41.75
N GLU B 391 -12.40 -8.80 40.71
CA GLU B 391 -11.21 -8.43 39.89
C GLU B 391 -11.34 -6.95 39.47
N ALA B 392 -12.51 -6.52 39.04
CA ALA B 392 -12.75 -5.14 38.55
C ALA B 392 -12.63 -4.15 39.73
N LEU B 393 -13.05 -4.56 40.92
CA LEU B 393 -13.04 -3.68 42.12
C LEU B 393 -11.58 -3.34 42.45
N ARG B 394 -10.66 -4.27 42.22
CA ARG B 394 -9.21 -4.06 42.48
C ARG B 394 -8.67 -2.96 41.55
N GLY B 395 -9.31 -2.71 40.40
CA GLY B 395 -8.93 -1.60 39.49
C GLY B 395 -7.81 -1.99 38.53
N ASN B 396 -7.45 -1.09 37.59
CA ASN B 396 -6.57 -1.37 36.42
C ASN B 396 -5.09 -1.09 36.72
N VAL B 397 -4.75 -0.63 37.93
CA VAL B 397 -3.34 -0.56 38.44
C VAL B 397 -3.09 -1.73 39.39
N ASP B 398 -3.82 -1.85 40.51
CA ASP B 398 -3.42 -2.78 41.61
C ASP B 398 -3.90 -4.21 41.30
N GLY B 399 -5.02 -4.38 40.61
CA GLY B 399 -5.57 -5.71 40.28
C GLY B 399 -4.83 -6.35 39.13
N PRO B 400 -4.05 -7.44 39.36
CA PRO B 400 -3.30 -8.09 38.29
C PRO B 400 -4.11 -8.32 37.01
N LEU B 401 -5.16 -9.14 37.05
CA LEU B 401 -5.93 -9.49 35.84
C LEU B 401 -6.38 -8.21 35.13
N LYS B 402 -6.96 -7.26 35.83
CA LYS B 402 -7.64 -6.12 35.17
C LYS B 402 -6.60 -5.07 34.72
N ALA B 403 -5.38 -5.13 35.22
CA ALA B 403 -4.31 -4.22 34.74
C ALA B 403 -3.76 -4.83 33.44
N ALA B 404 -3.52 -6.12 33.46
CA ALA B 404 -3.04 -6.85 32.26
C ALA B 404 -4.04 -6.62 31.12
N LEU B 405 -5.33 -6.76 31.36
CA LEU B 405 -6.33 -6.69 30.25
C LEU B 405 -6.45 -5.24 29.77
N ASP B 406 -6.20 -4.25 30.65
CA ASP B 406 -6.28 -2.82 30.28
C ASP B 406 -5.11 -2.46 29.34
N VAL B 407 -4.06 -3.29 29.31
CA VAL B 407 -2.94 -3.12 28.36
C VAL B 407 -3.52 -3.13 26.95
N LEU B 408 -4.46 -4.05 26.66
CA LEU B 408 -5.10 -4.24 25.31
C LEU B 408 -5.79 -2.96 24.81
N ARG B 409 -6.17 -2.06 25.73
CA ARG B 409 -6.78 -0.75 25.39
C ARG B 409 -5.66 0.28 25.16
N ASP B 410 -4.62 0.22 25.99
CA ASP B 410 -3.53 1.22 25.96
C ASP B 410 -2.61 0.96 24.76
N LEU B 411 -2.58 -0.28 24.26
CA LEU B 411 -1.85 -0.72 23.04
C LEU B 411 -2.61 -0.37 21.76
N ARG B 412 -3.86 0.12 21.80
CA ARG B 412 -4.71 0.28 20.58
C ARG B 412 -4.01 1.17 19.53
N ASN B 413 -3.35 2.24 19.95
CA ASN B 413 -2.79 3.25 19.02
C ASN B 413 -1.57 2.64 18.32
N GLU B 414 -0.74 1.90 19.06
CA GLU B 414 0.39 1.15 18.46
C GLU B 414 -0.19 0.09 17.50
N LEU B 415 -1.26 -0.61 17.89
CA LEU B 415 -1.82 -1.70 17.05
C LEU B 415 -2.44 -1.12 15.77
N ARG B 416 -3.01 0.09 15.85
CA ARG B 416 -3.55 0.79 14.65
C ARG B 416 -2.42 1.10 13.66
N LEU B 417 -1.32 1.65 14.15
CA LEU B 417 -0.15 1.98 13.30
C LEU B 417 0.41 0.70 12.67
N VAL B 418 0.14 -0.47 13.25
CA VAL B 418 0.71 -1.75 12.75
C VAL B 418 -0.19 -2.35 11.66
N VAL B 419 -1.50 -2.32 11.87
CA VAL B 419 -2.49 -3.11 11.07
C VAL B 419 -3.16 -2.23 10.01
N ASP B 420 -3.26 -0.92 10.24
CA ASP B 420 -3.96 0.03 9.33
C ASP B 420 -3.23 0.16 7.98
N HIS B 421 -3.98 0.51 6.93
CA HIS B 421 -3.49 0.71 5.54
C HIS B 421 -2.60 -0.48 5.15
N ARG B 422 -3.14 -1.69 5.23
CA ARG B 422 -2.58 -2.95 4.66
C ARG B 422 -1.28 -3.33 5.37
N GLY B 423 -1.22 -3.11 6.69
CA GLY B 423 -0.08 -3.48 7.54
C GLY B 423 0.03 -4.97 7.79
N LEU B 424 -1.00 -5.77 7.43
CA LEU B 424 -1.04 -7.24 7.64
C LEU B 424 -1.21 -7.96 6.30
N ARG B 425 -0.76 -9.22 6.23
CA ARG B 425 -1.11 -10.16 5.11
C ARG B 425 -2.63 -10.29 5.06
N GLY B 426 -3.19 -10.49 3.88
CA GLY B 426 -4.65 -10.48 3.64
C GLY B 426 -5.37 -11.51 4.49
N ASP B 427 -4.94 -12.77 4.37
CA ASP B 427 -5.63 -13.90 5.02
C ASP B 427 -5.36 -13.85 6.54
N SER B 428 -4.34 -13.12 7.00
CA SER B 428 -4.07 -12.85 8.45
C SER B 428 -4.96 -11.72 8.95
N ARG B 429 -5.20 -10.69 8.16
CA ARG B 429 -6.20 -9.64 8.52
C ARG B 429 -7.56 -10.30 8.67
N ARG B 430 -7.84 -11.33 7.87
CA ARG B 430 -9.14 -12.05 7.85
C ARG B 430 -9.22 -12.99 9.06
N ASP B 431 -8.35 -13.99 9.12
CA ASP B 431 -8.46 -15.14 10.05
C ASP B 431 -7.94 -14.72 11.42
N HIS B 432 -6.87 -13.94 11.53
CA HIS B 432 -6.24 -13.60 12.83
C HIS B 432 -6.88 -12.36 13.44
N LEU B 433 -7.14 -11.29 12.68
CA LEU B 433 -7.58 -10.00 13.29
C LEU B 433 -9.11 -9.89 13.28
N ASP B 434 -9.75 -10.00 12.12
CA ASP B 434 -11.22 -9.75 12.03
C ASP B 434 -11.97 -10.89 12.72
N ARG B 435 -11.53 -12.13 12.56
CA ARG B 435 -12.27 -13.33 13.02
C ARG B 435 -11.70 -13.91 14.33
N TRP B 436 -10.66 -13.36 14.94
CA TRP B 436 -10.15 -13.89 16.23
C TRP B 436 -9.85 -12.72 17.19
N TYR B 437 -8.84 -11.89 16.90
CA TYR B 437 -8.27 -10.91 17.87
C TYR B 437 -9.31 -9.79 18.12
N THR B 438 -10.00 -9.26 17.11
CA THR B 438 -10.95 -8.12 17.31
C THR B 438 -12.04 -8.55 18.29
N PRO B 439 -12.74 -9.70 18.07
CA PRO B 439 -13.79 -10.17 18.99
C PRO B 439 -13.29 -10.48 20.41
N LEU B 440 -12.10 -11.08 20.54
CA LEU B 440 -11.44 -11.33 21.84
C LEU B 440 -11.07 -10.02 22.54
N ASN B 441 -10.44 -9.10 21.79
CA ASN B 441 -10.06 -7.76 22.28
C ASN B 441 -11.31 -7.08 22.87
N ALA B 442 -12.46 -7.23 22.22
CA ALA B 442 -13.71 -6.55 22.63
C ALA B 442 -14.20 -7.17 23.96
N PHE B 443 -14.33 -8.51 23.99
CA PHE B 443 -14.70 -9.35 25.15
C PHE B 443 -13.82 -9.01 26.35
N LEU B 444 -12.50 -8.92 26.17
CA LEU B 444 -11.57 -8.72 27.32
C LEU B 444 -11.54 -7.25 27.75
N SER B 445 -11.57 -6.30 26.82
CA SER B 445 -11.15 -4.90 27.12
C SER B 445 -12.17 -3.85 26.69
N ILE B 446 -13.18 -4.16 25.88
CA ILE B 446 -14.27 -3.20 25.49
C ILE B 446 -15.61 -3.78 25.98
N GLY B 447 -15.63 -4.02 27.29
CA GLY B 447 -16.81 -4.49 28.03
C GLY B 447 -17.39 -3.37 28.88
N PRO B 448 -18.37 -3.70 29.74
CA PRO B 448 -19.17 -2.68 30.41
C PRO B 448 -18.56 -2.30 31.75
N PRO B 449 -19.08 -1.24 32.39
CA PRO B 449 -18.67 -0.90 33.76
C PRO B 449 -18.82 -2.08 34.75
N ARG B 450 -18.03 -2.09 35.83
CA ARG B 450 -18.13 -3.10 36.92
C ARG B 450 -19.59 -3.23 37.40
N ARG B 451 -20.28 -2.10 37.57
CA ARG B 451 -21.70 -2.04 38.04
C ARG B 451 -22.59 -2.97 37.23
N ARG B 452 -22.36 -3.12 35.92
CA ARG B 452 -23.27 -3.82 34.99
C ARG B 452 -23.14 -5.33 35.17
N ILE B 453 -21.96 -5.80 35.52
CA ILE B 453 -21.71 -7.25 35.80
C ILE B 453 -22.40 -7.60 37.12
N GLU B 454 -22.34 -6.67 38.08
CA GLU B 454 -22.98 -6.81 39.41
C GLU B 454 -24.51 -6.88 39.29
N GLU B 455 -25.07 -6.07 38.39
CA GLU B 455 -26.53 -5.95 38.11
C GLU B 455 -26.98 -7.23 37.41
N LEU B 456 -26.19 -7.72 36.48
CA LEU B 456 -26.52 -8.96 35.75
C LEU B 456 -26.50 -10.11 36.76
N THR B 457 -25.54 -10.10 37.68
CA THR B 457 -25.43 -11.15 38.73
C THR B 457 -26.75 -11.17 39.53
N ALA B 458 -27.26 -10.00 39.87
CA ALA B 458 -28.47 -9.81 40.70
C ALA B 458 -29.72 -10.19 39.90
N LEU B 459 -29.68 -10.02 38.58
CA LEU B 459 -30.81 -10.36 37.68
C LEU B 459 -30.91 -11.88 37.53
N LEU B 460 -29.78 -12.60 37.40
CA LEU B 460 -29.70 -14.09 37.32
C LEU B 460 -30.21 -14.70 38.63
N GLU B 461 -29.76 -14.14 39.75
CA GLU B 461 -30.21 -14.48 41.13
C GLU B 461 -31.73 -14.35 41.25
N ALA B 462 -32.30 -13.24 40.79
CA ALA B 462 -33.76 -12.97 40.73
C ALA B 462 -34.45 -13.83 39.68
N GLY B 463 -33.67 -14.44 38.78
CA GLY B 463 -34.16 -15.23 37.61
C GLY B 463 -34.88 -14.39 36.56
N VAL B 464 -34.66 -13.08 36.49
CA VAL B 464 -35.27 -12.20 35.44
C VAL B 464 -34.55 -12.42 34.11
N VAL B 465 -33.27 -12.81 34.17
CA VAL B 465 -32.38 -13.08 33.01
C VAL B 465 -31.79 -14.47 33.20
N GLU B 466 -31.69 -15.23 32.12
CA GLU B 466 -30.95 -16.51 32.03
C GLU B 466 -29.96 -16.45 30.85
N VAL B 467 -28.70 -16.79 31.09
CA VAL B 467 -27.69 -16.94 29.99
C VAL B 467 -27.71 -18.41 29.55
N LEU B 468 -27.95 -18.67 28.28
CA LEU B 468 -28.23 -20.02 27.77
C LEU B 468 -26.96 -20.85 27.78
N GLY B 469 -25.80 -20.25 27.56
CA GLY B 469 -24.56 -21.06 27.42
C GLY B 469 -23.91 -20.99 26.03
N PRO B 470 -22.70 -21.57 25.91
CA PRO B 470 -21.89 -21.48 24.70
C PRO B 470 -22.54 -22.03 23.44
N ARG B 471 -22.15 -21.48 22.29
CA ARG B 471 -22.43 -22.02 20.93
C ARG B 471 -23.93 -21.96 20.68
N LEU B 472 -24.58 -20.91 21.18
CA LEU B 472 -26.03 -20.64 21.03
C LEU B 472 -26.51 -21.10 19.65
N GLU B 473 -27.45 -22.07 19.56
CA GLU B 473 -28.18 -22.39 18.31
C GLU B 473 -29.56 -21.75 18.37
N VAL B 474 -30.06 -21.30 17.24
CA VAL B 474 -31.42 -20.74 17.06
C VAL B 474 -31.98 -21.29 15.74
N THR B 475 -33.15 -21.92 15.78
CA THR B 475 -33.89 -22.42 14.60
C THR B 475 -35.26 -21.73 14.58
N ARG B 476 -35.84 -21.57 13.39
CA ARG B 476 -37.26 -21.16 13.21
C ARG B 476 -38.12 -22.41 13.45
N GLU B 477 -39.20 -22.31 14.23
CA GLU B 477 -40.14 -23.42 14.49
C GLU B 477 -41.56 -22.92 14.23
N ASP B 478 -42.56 -23.80 14.17
CA ASP B 478 -43.95 -23.32 14.06
C ASP B 478 -44.20 -22.40 15.25
N GLY B 479 -44.51 -21.12 14.99
CA GLY B 479 -45.04 -20.19 16.02
C GLY B 479 -43.98 -19.64 16.95
N ALA B 480 -42.68 -19.88 16.72
CA ALA B 480 -41.58 -19.31 17.53
C ALA B 480 -40.19 -19.57 16.92
N TRP B 481 -39.14 -19.05 17.56
CA TRP B 481 -37.74 -19.53 17.42
C TRP B 481 -37.41 -20.40 18.64
N LEU B 482 -36.69 -21.49 18.42
CA LEU B 482 -36.15 -22.35 19.48
C LEU B 482 -34.66 -21.99 19.68
N ALA B 483 -34.27 -21.67 20.90
CA ALA B 483 -32.88 -21.38 21.31
C ALA B 483 -32.39 -22.47 22.27
N ARG B 484 -31.21 -23.04 22.01
CA ARG B 484 -30.52 -23.98 22.93
C ARG B 484 -29.01 -23.68 22.92
N SER B 485 -28.31 -24.21 23.92
CA SER B 485 -26.84 -24.42 23.94
C SER B 485 -26.59 -25.92 23.82
N PRO B 486 -25.70 -26.37 22.93
CA PRO B 486 -25.32 -27.77 22.86
C PRO B 486 -24.40 -28.25 23.99
N ASP B 487 -23.83 -27.32 24.77
CA ASP B 487 -22.91 -27.60 25.91
C ASP B 487 -23.68 -27.54 27.23
N VAL B 488 -24.97 -27.22 27.20
CA VAL B 488 -25.85 -27.13 28.40
C VAL B 488 -27.18 -27.82 28.09
N PRO B 489 -27.35 -29.11 28.46
CA PRO B 489 -28.63 -29.82 28.30
C PRO B 489 -29.78 -29.12 29.03
N GLY B 490 -30.97 -29.15 28.44
CA GLY B 490 -32.18 -28.65 29.10
C GLY B 490 -32.26 -27.14 29.04
N SER B 491 -31.61 -26.59 28.01
CA SER B 491 -31.55 -25.14 27.72
C SER B 491 -32.68 -24.77 26.76
N ALA B 492 -33.15 -25.70 25.94
CA ALA B 492 -34.20 -25.42 24.93
C ALA B 492 -35.23 -24.44 25.52
N VAL B 493 -35.41 -23.29 24.87
CA VAL B 493 -36.51 -22.36 25.21
C VAL B 493 -37.09 -21.80 23.91
N ARG B 494 -38.41 -21.82 23.74
CA ARG B 494 -39.11 -21.14 22.63
C ARG B 494 -39.42 -19.70 23.00
N VAL B 495 -38.96 -18.78 22.16
CA VAL B 495 -39.07 -17.30 22.35
C VAL B 495 -39.95 -16.78 21.21
N THR B 496 -40.64 -15.67 21.46
CA THR B 496 -41.56 -15.01 20.49
C THR B 496 -41.03 -13.62 20.11
N THR B 497 -39.96 -13.19 20.77
CA THR B 497 -39.15 -12.01 20.40
C THR B 497 -37.69 -12.44 20.30
N LEU B 498 -37.09 -12.17 19.14
CA LEU B 498 -35.64 -12.40 18.83
C LEU B 498 -35.01 -11.04 18.56
N ILE B 499 -34.17 -10.56 19.46
CA ILE B 499 -33.37 -9.33 19.27
C ILE B 499 -31.95 -9.73 18.86
N GLU B 500 -31.48 -9.19 17.74
CA GLU B 500 -30.05 -9.30 17.32
C GLU B 500 -29.33 -8.20 18.08
N ALA B 501 -28.64 -8.56 19.17
CA ALA B 501 -28.07 -7.61 20.15
C ALA B 501 -26.63 -7.27 19.73
N ARG B 502 -26.54 -6.48 18.66
CA ARG B 502 -25.27 -6.00 18.09
C ARG B 502 -25.55 -4.85 17.12
N LEU B 503 -24.52 -4.08 16.80
CA LEU B 503 -24.59 -3.02 15.76
C LEU B 503 -24.35 -3.68 14.43
N PRO B 504 -24.91 -3.09 13.36
CA PRO B 504 -24.45 -3.36 12.00
C PRO B 504 -22.94 -3.12 11.92
N GLU B 505 -22.22 -3.95 11.18
CA GLU B 505 -20.80 -3.68 10.83
C GLU B 505 -20.75 -2.73 9.63
N PRO B 506 -19.77 -1.81 9.59
CA PRO B 506 -19.42 -1.13 8.33
C PRO B 506 -19.38 -2.12 7.16
N ASP B 507 -20.19 -1.95 6.12
CA ASP B 507 -20.18 -2.83 4.93
C ASP B 507 -20.62 -2.02 3.72
N LEU B 508 -19.65 -1.53 2.93
CA LEU B 508 -19.92 -0.69 1.73
C LEU B 508 -20.71 -1.51 0.71
N GLY B 509 -20.35 -2.78 0.55
CA GLY B 509 -21.03 -3.74 -0.35
C GLY B 509 -22.51 -3.86 -0.02
N GLN B 510 -22.89 -3.67 1.24
CA GLN B 510 -24.30 -3.89 1.65
C GLN B 510 -24.86 -2.62 2.28
N THR B 511 -24.32 -1.43 2.01
CA THR B 511 -24.77 -0.22 2.75
C THR B 511 -26.22 0.08 2.37
N ALA B 512 -26.96 0.64 3.32
CA ALA B 512 -28.32 1.16 3.12
C ALA B 512 -28.28 2.69 3.08
N ASP B 513 -27.10 3.29 3.14
CA ASP B 513 -26.96 4.77 2.96
C ASP B 513 -27.01 5.07 1.46
N ALA B 514 -27.91 5.95 1.03
CA ALA B 514 -28.14 6.25 -0.40
C ALA B 514 -26.84 6.81 -1.02
N LEU B 515 -26.23 7.80 -0.36
CA LEU B 515 -25.01 8.52 -0.82
C LEU B 515 -23.89 7.51 -1.17
N LEU B 516 -23.47 6.70 -0.20
CA LEU B 516 -22.42 5.65 -0.40
C LEU B 516 -22.82 4.65 -1.48
N ALA B 517 -24.08 4.22 -1.53
CA ALA B 517 -24.54 3.28 -2.58
C ALA B 517 -24.39 3.94 -3.94
N HIS B 518 -24.76 5.22 -4.07
CA HIS B 518 -24.58 6.00 -5.33
C HIS B 518 -23.08 6.12 -5.64
N LEU B 519 -22.22 6.49 -4.69
CA LEU B 519 -20.75 6.56 -4.91
C LEU B 519 -20.23 5.22 -5.42
N ARG B 520 -20.56 4.10 -4.76
CA ARG B 520 -20.14 2.72 -5.16
C ARG B 520 -20.66 2.40 -6.57
N GLU B 521 -21.94 2.65 -6.87
CA GLU B 521 -22.54 2.27 -8.16
C GLU B 521 -21.87 3.05 -9.31
N THR B 522 -21.42 4.30 -9.09
CA THR B 522 -20.89 5.20 -10.17
C THR B 522 -19.36 5.16 -10.20
N GLY B 523 -18.73 4.16 -9.59
CA GLY B 523 -17.27 3.95 -9.63
C GLY B 523 -16.48 5.02 -8.90
N GLN B 524 -17.12 5.78 -8.01
CA GLN B 524 -16.55 6.99 -7.37
C GLN B 524 -16.06 6.70 -5.94
N CYS B 525 -16.20 5.46 -5.46
CA CYS B 525 -15.47 4.96 -4.26
C CYS B 525 -15.25 3.46 -4.46
N ARG B 526 -14.60 2.77 -3.52
CA ARG B 526 -14.42 1.29 -3.61
C ARG B 526 -14.15 0.69 -2.23
N ALA B 527 -14.49 -0.58 -2.08
CA ALA B 527 -14.13 -1.36 -0.89
C ALA B 527 -12.61 -1.31 -0.75
N HIS B 528 -12.12 -1.04 0.46
CA HIS B 528 -10.71 -1.25 0.87
C HIS B 528 -10.36 -2.75 0.85
N VAL B 529 -9.34 -3.12 0.07
CA VAL B 529 -8.84 -4.51 -0.04
C VAL B 529 -7.45 -4.64 0.57
N VAL B 530 -7.18 -5.75 1.26
CA VAL B 530 -5.85 -6.04 1.86
C VAL B 530 -5.40 -7.34 1.23
N ASP B 531 -4.59 -7.25 0.18
CA ASP B 531 -3.82 -8.40 -0.34
C ASP B 531 -4.80 -9.55 -0.65
N GLY B 532 -5.87 -9.30 -1.40
CA GLY B 532 -6.87 -10.33 -1.79
C GLY B 532 -8.15 -10.34 -0.94
N TYR B 533 -8.14 -9.80 0.29
CA TYR B 533 -9.29 -9.83 1.22
C TYR B 533 -10.02 -8.48 1.23
N THR B 534 -11.26 -8.47 0.76
CA THR B 534 -12.20 -7.31 0.78
C THR B 534 -12.74 -7.11 2.21
N THR B 535 -12.82 -5.87 2.69
CA THR B 535 -13.02 -5.57 4.13
C THR B 535 -14.35 -4.87 4.35
N GLY B 536 -15.08 -4.46 3.35
CA GLY B 536 -16.29 -3.72 3.80
C GLY B 536 -16.04 -2.33 4.44
N GLY B 537 -14.80 -1.88 4.61
CA GLY B 537 -14.45 -0.46 4.73
C GLY B 537 -14.49 0.27 3.38
N ILE B 538 -14.60 1.59 3.42
CA ILE B 538 -14.52 2.48 2.23
C ILE B 538 -13.04 2.92 2.09
N ASP B 539 -12.43 2.68 0.92
CA ASP B 539 -10.99 2.95 0.68
C ASP B 539 -10.72 4.47 0.73
N VAL B 540 -9.70 4.83 1.51
CA VAL B 540 -9.15 6.21 1.59
C VAL B 540 -7.61 6.17 1.62
N SER B 541 -7.00 7.24 1.14
CA SER B 541 -5.53 7.50 1.18
C SER B 541 -5.03 7.52 2.62
N ALA B 542 -3.72 7.59 2.82
CA ALA B 542 -3.15 7.96 4.13
C ALA B 542 -3.75 9.32 4.52
N ARG B 543 -3.57 9.74 5.76
CA ARG B 543 -3.96 11.10 6.21
C ARG B 543 -3.56 12.13 5.16
N PRO B 544 -4.43 13.04 4.69
CA PRO B 544 -5.74 13.32 5.29
C PRO B 544 -6.98 12.60 4.72
N TYR B 545 -6.82 11.37 4.24
CA TYR B 545 -7.94 10.44 3.93
C TYR B 545 -8.78 11.00 2.78
N HIS B 546 -8.14 11.21 1.62
CA HIS B 546 -8.84 11.51 0.35
C HIS B 546 -9.67 10.28 -0.02
N LEU B 547 -10.93 10.46 -0.42
CA LEU B 547 -11.73 9.32 -0.92
C LEU B 547 -11.08 8.83 -2.22
N VAL B 548 -11.13 7.52 -2.45
CA VAL B 548 -10.44 6.81 -3.56
C VAL B 548 -11.51 6.11 -4.40
N ASP B 549 -11.45 6.26 -5.71
CA ASP B 549 -12.47 5.78 -6.69
C ASP B 549 -12.18 4.33 -7.11
N ARG B 550 -13.06 3.72 -7.92
CA ARG B 550 -12.95 2.30 -8.38
C ARG B 550 -11.51 2.10 -8.87
N GLU B 551 -10.94 3.10 -9.55
CA GLU B 551 -9.67 3.02 -10.33
C GLU B 551 -8.45 3.11 -9.40
N GLY B 552 -8.50 3.86 -8.28
CA GLY B 552 -7.35 3.98 -7.35
C GLY B 552 -6.91 5.42 -7.10
N VAL B 553 -7.56 6.38 -7.76
CA VAL B 553 -7.21 7.82 -7.71
C VAL B 553 -7.87 8.47 -6.49
N ALA B 554 -7.05 9.14 -5.67
CA ALA B 554 -7.47 10.00 -4.54
C ALA B 554 -8.10 11.27 -5.11
N HIS B 555 -9.31 11.57 -4.67
CA HIS B 555 -10.07 12.76 -5.09
C HIS B 555 -9.53 13.92 -4.27
N PRO B 556 -9.11 15.03 -4.90
CA PRO B 556 -8.53 16.14 -4.14
C PRO B 556 -9.58 16.90 -3.32
N ARG B 557 -10.88 16.71 -3.60
CA ARG B 557 -11.96 17.51 -2.96
C ARG B 557 -12.95 16.65 -2.15
N ARG B 558 -12.59 15.40 -1.83
CA ARG B 558 -13.41 14.48 -0.99
C ARG B 558 -12.55 13.74 0.06
N PHE B 559 -13.01 13.74 1.29
CA PHE B 559 -12.36 13.10 2.45
C PHE B 559 -13.40 12.20 3.14
N ALA B 560 -12.95 11.11 3.77
CA ALA B 560 -13.79 10.25 4.63
C ALA B 560 -13.06 9.92 5.94
N PHE B 561 -13.80 10.06 7.02
CA PHE B 561 -13.28 10.12 8.39
C PHE B 561 -14.20 9.31 9.30
N GLY B 562 -13.65 8.21 9.79
CA GLY B 562 -14.22 7.42 10.89
C GLY B 562 -14.77 6.06 10.46
N VAL B 563 -15.96 5.73 10.96
CA VAL B 563 -16.45 4.33 11.14
C VAL B 563 -16.60 3.66 9.78
N PRO B 564 -17.06 4.36 8.71
CA PRO B 564 -17.15 3.72 7.39
C PRO B 564 -15.82 3.25 6.82
N THR B 565 -14.69 3.69 7.39
CA THR B 565 -13.33 3.29 6.92
C THR B 565 -12.84 2.07 7.69
N GLU B 566 -13.61 1.56 8.65
CA GLU B 566 -13.21 0.34 9.42
C GLU B 566 -12.73 -0.69 8.40
N GLY B 567 -11.49 -1.15 8.55
CA GLY B 567 -10.82 -1.96 7.52
C GLY B 567 -9.54 -1.26 7.14
N VAL B 568 -9.66 -0.05 6.62
CA VAL B 568 -8.51 0.88 6.48
C VAL B 568 -8.01 1.11 7.91
N HIS B 569 -8.93 1.49 8.78
CA HIS B 569 -8.64 1.81 10.19
C HIS B 569 -9.24 0.72 11.10
N TRP B 570 -8.65 0.55 12.28
CA TRP B 570 -9.01 -0.50 13.24
C TRP B 570 -9.58 0.13 14.52
N VAL B 571 -10.78 -0.33 14.90
CA VAL B 571 -11.55 0.17 16.08
C VAL B 571 -11.77 1.67 15.90
N THR B 572 -12.48 2.01 14.84
CA THR B 572 -13.00 3.37 14.59
C THR B 572 -14.15 3.74 15.53
N ALA B 573 -14.82 2.79 16.19
CA ALA B 573 -15.98 3.09 17.06
C ALA B 573 -15.43 3.34 18.46
N ALA B 574 -14.86 4.53 18.63
CA ALA B 574 -14.32 5.07 19.90
C ALA B 574 -14.17 6.60 19.75
N GLY B 575 -14.40 7.33 20.84
CA GLY B 575 -14.34 8.81 20.85
C GLY B 575 -12.93 9.24 21.18
N ALA B 576 -12.71 10.53 21.42
CA ALA B 576 -11.40 11.15 21.67
C ALA B 576 -11.13 11.29 23.17
N ARG B 577 -9.99 10.79 23.63
CA ARG B 577 -9.44 11.04 24.99
C ARG B 577 -8.65 12.35 25.04
N PRO B 578 -8.73 13.10 26.16
CA PRO B 578 -7.90 14.28 26.32
C PRO B 578 -6.52 13.85 26.84
N GLY B 579 -5.51 14.71 26.64
CA GLY B 579 -4.19 14.65 27.28
C GLY B 579 -3.34 13.44 26.89
N VAL B 580 -3.61 12.78 25.75
CA VAL B 580 -2.89 11.54 25.32
C VAL B 580 -2.62 11.53 23.81
N ASP B 581 -2.51 12.69 23.16
CA ASP B 581 -2.16 12.82 21.73
C ASP B 581 -3.21 12.10 20.88
N SER B 582 -4.50 12.40 21.07
CA SER B 582 -5.63 11.67 20.45
C SER B 582 -5.51 11.70 18.93
N VAL B 583 -5.40 10.55 18.28
CA VAL B 583 -5.37 10.50 16.78
C VAL B 583 -6.73 10.99 16.25
N THR B 584 -7.83 10.77 16.96
CA THR B 584 -9.16 11.24 16.46
C THR B 584 -9.11 12.75 16.25
N LEU B 585 -8.46 13.47 17.15
CA LEU B 585 -8.35 14.95 17.10
C LEU B 585 -7.31 15.36 16.03
N SER B 586 -6.12 14.76 16.01
CA SER B 586 -5.10 15.06 14.96
C SER B 586 -5.64 14.72 13.56
N ASP B 587 -6.38 13.63 13.40
CA ASP B 587 -7.01 13.26 12.10
C ASP B 587 -8.00 14.37 11.66
N ALA B 588 -8.91 14.79 12.53
CA ALA B 588 -9.90 15.84 12.21
C ALA B 588 -9.15 17.10 11.73
N ASP B 589 -8.11 17.50 12.48
CA ASP B 589 -7.31 18.71 12.21
C ASP B 589 -6.72 18.60 10.79
N ALA B 590 -6.12 17.45 10.50
CA ALA B 590 -5.56 17.12 9.17
C ALA B 590 -6.63 17.30 8.10
N VAL B 591 -7.85 16.85 8.36
CA VAL B 591 -8.92 16.85 7.33
C VAL B 591 -9.36 18.29 7.10
N ALA B 592 -9.48 19.06 8.16
CA ALA B 592 -9.93 20.48 8.08
C ALA B 592 -8.93 21.28 7.24
N ARG B 593 -7.65 21.20 7.60
CA ARG B 593 -6.54 21.92 6.94
C ARG B 593 -6.43 21.49 5.48
N ALA B 594 -6.68 20.23 5.14
CA ALA B 594 -6.62 19.76 3.75
C ALA B 594 -7.77 20.39 2.97
N VAL B 595 -8.93 20.55 3.62
CA VAL B 595 -10.18 21.08 2.99
C VAL B 595 -9.97 22.57 2.71
N LEU B 596 -9.46 23.29 3.71
CA LEU B 596 -9.06 24.73 3.59
C LEU B 596 -8.06 24.93 2.44
N ARG B 597 -6.98 24.14 2.37
CA ARG B 597 -5.95 24.30 1.30
C ARG B 597 -6.61 24.16 -0.09
N VAL B 598 -7.30 23.06 -0.39
N VAL B 598 -7.32 23.06 -0.35
CA VAL B 598 -7.80 22.79 -1.77
CA VAL B 598 -7.88 22.70 -1.70
C VAL B 598 -8.98 23.72 -2.08
C VAL B 598 -8.94 23.73 -2.07
N ALA B 599 -9.52 24.41 -1.08
CA ALA B 599 -10.54 25.46 -1.29
C ALA B 599 -9.87 26.78 -1.72
N GLY B 600 -8.70 27.17 -1.17
CA GLY B 600 -7.95 28.41 -1.52
C GLY B 600 -6.68 28.15 -2.33
PA FAD C . 7.97 -2.38 -25.91
O1A FAD C . 7.41 -2.49 -24.54
O2A FAD C . 9.06 -3.29 -26.37
O5B FAD C . 6.80 -2.35 -27.00
C5B FAD C . 7.04 -2.46 -28.41
C4B FAD C . 5.81 -3.04 -29.07
O4B FAD C . 5.86 -2.75 -30.49
C3B FAD C . 5.62 -4.57 -28.96
O3B FAD C . 4.29 -4.88 -28.56
C2B FAD C . 5.89 -5.09 -30.38
O2B FAD C . 5.17 -6.24 -30.77
C1B FAD C . 5.45 -3.89 -31.21
N9A FAD C . 6.07 -3.83 -32.52
C8A FAD C . 7.41 -3.74 -32.81
N7A FAD C . 7.64 -3.71 -34.11
C5A FAD C . 6.37 -3.76 -34.68
C6A FAD C . 5.93 -3.79 -36.01
N6A FAD C . 6.75 -3.73 -37.06
N1A FAD C . 4.60 -3.86 -36.24
C2A FAD C . 3.78 -3.89 -35.18
N3A FAD C . 4.08 -3.91 -33.88
C4A FAD C . 5.40 -3.85 -33.71
N1 FAD C . 11.32 -0.91 -17.63
C2 FAD C . 11.09 -0.51 -16.38
O2 FAD C . 10.96 0.65 -16.14
N3 FAD C . 11.02 -1.37 -15.33
C4 FAD C . 11.11 -2.72 -15.51
O4 FAD C . 10.98 -3.45 -14.54
C4X FAD C . 11.36 -3.19 -16.83
N5 FAD C . 11.48 -4.47 -17.05
C5X FAD C . 11.76 -4.87 -18.34
C6 FAD C . 11.89 -6.25 -18.60
C7 FAD C . 12.17 -6.73 -19.85
C7M FAD C . 12.33 -8.22 -20.07
C8 FAD C . 12.29 -5.82 -20.92
C8M FAD C . 12.58 -6.32 -22.31
C9 FAD C . 12.16 -4.47 -20.69
C9A FAD C . 11.88 -3.97 -19.40
N10 FAD C . 11.70 -2.61 -19.13
C10 FAD C . 11.45 -2.19 -17.86
C1' FAD C . 11.93 -1.58 -20.17
C2' FAD C . 10.93 -1.50 -21.27
O2' FAD C . 11.68 -1.11 -22.43
C3' FAD C . 9.87 -0.43 -20.97
O3' FAD C . 9.29 -0.61 -19.69
C4' FAD C . 8.75 -0.45 -22.01
O4' FAD C . 8.34 -1.79 -22.23
C5' FAD C . 9.16 0.20 -23.32
O5' FAD C . 7.92 0.47 -24.03
P FAD C . 7.89 0.51 -25.61
O1P FAD C . 8.91 1.56 -25.95
O2P FAD C . 6.47 0.57 -26.15
O3P FAD C . 8.52 -0.89 -25.98
S SO4 D . 25.50 -10.16 -28.96
O1 SO4 D . 25.52 -8.78 -29.33
O2 SO4 D . 24.53 -10.90 -29.78
O3 SO4 D . 25.11 -10.25 -27.57
O4 SO4 D . 26.81 -10.74 -29.17
S SO4 E . 2.29 22.77 -28.98
O1 SO4 E . 1.26 23.58 -28.36
O2 SO4 E . 1.97 22.52 -30.38
O3 SO4 E . 3.54 23.46 -28.80
O4 SO4 E . 2.39 21.47 -28.34
S SO4 F . -7.36 -5.82 -40.06
O1 SO4 F . -7.92 -4.50 -39.94
O2 SO4 F . -7.93 -6.46 -41.23
O3 SO4 F . -7.66 -6.56 -38.85
O4 SO4 F . -5.93 -5.73 -40.21
C1 GOL G . 29.85 -26.09 -3.65
O1 GOL G . 28.55 -26.22 -4.24
C2 GOL G . 30.44 -27.46 -3.34
O2 GOL G . 30.32 -28.26 -4.51
C3 GOL G . 31.87 -27.47 -2.77
O3 GOL G . 32.71 -26.35 -3.08
PA NAP H . 22.21 -6.59 -17.95
O1A NAP H . 21.19 -6.45 -16.85
O2A NAP H . 23.19 -5.50 -18.20
O5B NAP H . 22.96 -8.02 -17.89
C5B NAP H . 23.88 -8.39 -18.96
C4B NAP H . 24.96 -9.30 -18.44
O4B NAP H . 25.59 -9.96 -19.57
C3B NAP H . 26.13 -8.66 -17.67
O3B NAP H . 26.61 -9.46 -16.61
C2B NAP H . 27.27 -8.62 -18.67
O2B NAP H . 28.32 -8.66 -17.70
C1B NAP H . 26.99 -9.89 -19.46
N9A NAP H . 27.49 -10.02 -20.83
C8A NAP H . 26.92 -9.48 -21.96
N7A NAP H . 27.48 -9.89 -23.08
C5A NAP H . 28.47 -10.77 -22.66
C6A NAP H . 29.41 -11.55 -23.37
N6A NAP H . 29.47 -11.58 -24.70
N1A NAP H . 30.25 -12.34 -22.64
C2A NAP H . 30.15 -12.32 -21.30
N3A NAP H . 29.30 -11.65 -20.54
C4A NAP H . 28.47 -10.88 -21.28
O3 NAP H . 21.43 -6.81 -19.33
PN NAP H . 20.11 -7.68 -19.53
O1N NAP H . 20.12 -8.76 -18.48
O2N NAP H . 20.07 -8.03 -20.98
O5D NAP H . 18.99 -6.53 -19.22
C5D NAP H . 18.92 -5.34 -20.09
C4D NAP H . 17.86 -4.35 -19.65
O4D NAP H . 16.56 -4.92 -19.89
C3D NAP H . 17.87 -3.94 -18.17
O3D NAP H . 18.81 -2.90 -17.90
C2D NAP H . 16.37 -3.63 -17.94
O2D NAP H . 15.92 -2.34 -18.35
C1D NAP H . 15.67 -4.68 -18.78
N1N NAP H . 15.38 -5.99 -18.05
C2N NAP H . 14.65 -5.95 -16.86
C3N NAP H . 14.29 -7.14 -16.19
C7N NAP H . 13.52 -7.00 -14.89
O7N NAP H . 12.59 -6.21 -14.81
N7N NAP H . 13.93 -7.73 -13.86
C4N NAP H . 14.66 -8.39 -16.75
C5N NAP H . 15.38 -8.44 -17.93
C6N NAP H . 15.78 -7.24 -18.54
P2B NAP H . 29.82 -8.26 -18.15
O1X NAP H . 29.74 -6.94 -18.92
O2X NAP H . 30.64 -8.11 -16.85
O3X NAP H . 30.27 -9.42 -19.02
C1 PEG I . 3.00 15.95 -8.26
O1 PEG I . 1.73 16.11 -8.89
C2 PEG I . 3.01 14.88 -7.17
O2 PEG I . 2.36 13.70 -7.63
C3 PEG I . 0.98 13.58 -7.24
C4 PEG I . 0.18 12.85 -8.30
O4 PEG I . 0.81 11.67 -8.78
C1 PEG J . 37.57 4.21 -17.54
O1 PEG J . 38.01 4.22 -18.88
C2 PEG J . 38.68 4.14 -16.52
O2 PEG J . 38.30 4.84 -15.33
C3 PEG J . 37.89 3.98 -14.25
C4 PEG J . 37.44 4.75 -13.02
O4 PEG J . 37.66 6.13 -13.16
S SO4 K . 14.47 1.37 -12.84
O1 SO4 K . 13.35 0.99 -12.02
O2 SO4 K . 14.32 0.87 -14.20
O3 SO4 K . 15.72 0.87 -12.24
O4 SO4 K . 14.52 2.80 -12.87
S SO4 L . 11.23 9.00 -16.82
O1 SO4 L . 10.04 8.63 -17.57
O2 SO4 L . 12.32 8.09 -17.09
O3 SO4 L . 10.92 8.97 -15.42
O4 SO4 L . 11.63 10.35 -17.18
S SO4 M . 21.31 14.23 -0.12
O1 SO4 M . 21.60 15.38 -0.97
O2 SO4 M . 20.35 13.33 -0.84
O3 SO4 M . 22.60 13.59 0.31
O4 SO4 M . 20.70 14.71 1.09
S SO4 N . -14.29 4.16 -17.46
O1 SO4 N . -14.22 4.50 -18.86
O2 SO4 N . -15.49 3.40 -17.23
O3 SO4 N . -13.10 3.40 -17.08
O4 SO4 N . -14.34 5.37 -16.68
S SO4 O . 33.43 1.39 -0.81
O1 SO4 O . 33.29 2.16 -2.02
O2 SO4 O . 33.01 0.03 -1.08
O3 SO4 O . 34.82 1.43 -0.42
O4 SO4 O . 32.61 1.92 0.25
PA FAD P . -21.62 8.94 14.65
O1A FAD P . -21.53 9.34 16.08
O2A FAD P . -22.32 7.71 14.18
O5B FAD P . -22.10 10.15 13.79
C5B FAD P . -22.49 9.89 12.44
C4B FAD P . -23.51 10.92 12.05
O4B FAD P . -23.55 11.04 10.61
C3B FAD P . -24.95 10.60 12.48
O3B FAD P . -25.43 11.71 13.22
C2B FAD P . -25.70 10.39 11.16
O2B FAD P . -27.04 10.84 11.27
C1B FAD P . -24.87 11.23 10.19
N9A FAD P . -24.96 10.79 8.80
C8A FAD P . -24.59 9.57 8.28
N7A FAD P . -24.84 9.48 6.99
C5A FAD P . -25.42 10.70 6.65
C6A FAD P . -25.92 11.22 5.44
N6A FAD P . -25.95 10.54 4.30
N1A FAD P . -26.43 12.47 5.46
C2A FAD P . -26.42 13.15 6.62
N3A FAD P . -25.99 12.75 7.81
C4A FAD P . -25.49 11.50 7.76
N1 FAD P . -17.20 5.37 22.04
C2 FAD P . -16.62 5.54 23.23
O2 FAD P . -15.46 5.92 23.32
N3 FAD P . -17.26 5.31 24.39
C4 FAD P . -18.56 4.89 24.41
O4 FAD P . -19.11 4.69 25.48
C4X FAD P . -19.22 4.66 23.19
N5 FAD P . -20.45 4.22 23.19
C5X FAD P . -21.04 4.00 21.98
C6 FAD P . -22.37 3.52 21.97
C7 FAD P . -23.04 3.28 20.79
C7M FAD P . -24.46 2.78 20.82
C8 FAD P . -22.38 3.52 19.57
C8M FAD P . -23.09 3.25 18.27
C9 FAD P . -21.08 3.97 19.56
C9A FAD P . -20.38 4.23 20.75
N10 FAD P . -19.07 4.71 20.79
C10 FAD P . -18.44 4.92 22.01
C1' FAD P . -18.28 4.90 19.53
C2' FAD P . -18.79 5.95 18.55
O2' FAD P . -18.58 5.48 17.24
C3' FAD P . -18.00 7.24 18.70
O3' FAD P . -18.04 7.57 20.06
C4' FAD P . -18.50 8.41 17.83
O4' FAD P . -19.90 8.53 17.91
C5' FAD P . -18.15 8.29 16.37
O5' FAD P . -18.28 9.60 15.74
P FAD P . -18.81 9.73 14.24
O1P FAD P . -17.81 9.08 13.33
O2P FAD P . -19.24 11.16 13.99
O3P FAD P . -20.10 8.80 14.19
S SO4 Q . -18.78 30.40 25.13
O1 SO4 Q . -19.15 30.75 23.77
O2 SO4 Q . -19.70 29.38 25.61
O3 SO4 Q . -18.83 31.59 25.95
O4 SO4 Q . -17.45 29.85 25.20
PA NAP R . -20.03 -6.16 21.13
O1A NAP R . -20.05 -5.14 22.24
O2A NAP R . -18.77 -6.83 20.72
O5B NAP R . -21.16 -7.29 21.34
C5B NAP R . -21.38 -8.20 20.21
C4B NAP R . -21.91 -9.54 20.67
O4B NAP R . -22.56 -10.16 19.53
C3B NAP R . -20.88 -10.58 21.17
O3B NAP R . -21.30 -11.35 22.29
C2B NAP R . -20.77 -11.58 20.04
O2B NAP R . -20.39 -12.73 20.78
C1B NAP R . -22.21 -11.52 19.50
N9A NAP R . -22.46 -12.03 18.15
C8A NAP R . -22.23 -11.44 16.93
N7A NAP R . -22.67 -12.14 15.92
C5A NAP R . -23.25 -13.27 16.50
C6A NAP R . -23.91 -14.39 15.97
N6A NAP R . -24.14 -14.58 14.66
N1A NAP R . -24.38 -15.34 16.83
C2A NAP R . -24.18 -15.15 18.15
N3A NAP R . -23.59 -14.13 18.77
C4A NAP R . -23.14 -13.21 17.88
O3 NAP R . -20.66 -5.44 19.85
PN NAP R . -21.90 -4.44 19.73
O1N NAP R . -22.85 -4.74 20.87
O2N NAP R . -22.38 -4.50 18.33
O5D NAP R . -21.12 -3.04 19.97
C5D NAP R . -19.94 -2.67 19.16
C4D NAP R . -19.31 -1.37 19.64
O4D NAP R . -20.34 -0.37 19.75
C3D NAP R . -18.64 -1.39 21.02
O3D NAP R . -17.31 -1.89 21.02
C2D NAP R . -18.71 0.10 21.38
O2D NAP R . -17.70 0.82 20.68
C1D NAP R . -20.11 0.47 20.90
N1N NAP R . -21.21 0.25 21.91
C2N NAP R . -21.06 0.63 23.24
C3N NAP R . -22.16 0.70 24.11
C7N NAP R . -21.96 1.33 25.48
O7N NAP R . -21.12 2.21 25.63
N7N NAP R . -22.68 0.90 26.49
C4N NAP R . -23.39 0.20 23.67
C5N NAP R . -23.49 -0.40 22.44
C6N NAP R . -22.43 -0.31 21.54
P2B NAP R . -19.57 -13.92 20.03
O1X NAP R . -18.52 -13.44 19.01
O2X NAP R . -18.90 -14.77 21.12
O3X NAP R . -20.77 -14.60 19.37
C1 PEG S . -10.83 7.54 10.40
O1 PEG S . -10.61 7.71 8.97
C2 PEG S . -9.58 7.21 11.23
O2 PEG S . -9.40 8.13 12.31
C3 PEG S . -10.30 7.97 13.41
C4 PEG S . -9.57 7.94 14.73
O4 PEG S . -9.37 6.61 15.27
S SO4 T . -7.70 8.28 20.66
O1 SO4 T . -8.07 8.55 19.29
O2 SO4 T . -8.27 7.03 21.10
O3 SO4 T . -6.27 8.19 20.77
O4 SO4 T . -8.19 9.37 21.48
S SO4 U . -5.57 -15.82 35.12
O1 SO4 U . -5.48 -15.07 33.88
O2 SO4 U . -6.05 -17.15 34.83
O3 SO4 U . -4.25 -15.88 35.69
O4 SO4 U . -6.47 -15.14 36.03
#